data_2CRE
#
_entry.id   2CRE
#
_entity_poly.entity_id   1
_entity_poly.type   'polypeptide(L)'
_entity_poly.pdbx_seq_one_letter_code
;GSSGSSGLLARALYDNCPDCSDELAFSRGDILTILEQHVPESEGWWKCLLHGRQGLAPANRLQILSGPSSG
;
_entity_poly.pdbx_strand_id   A
#
# COMPACT_ATOMS: atom_id res chain seq x y z
N GLY A 1 5.06 24.07 -3.67
CA GLY A 1 5.03 22.75 -4.25
C GLY A 1 3.80 21.96 -3.82
N SER A 2 3.39 21.03 -4.66
CA SER A 2 2.21 20.20 -4.37
C SER A 2 2.62 18.82 -3.88
N SER A 3 2.94 18.72 -2.60
CA SER A 3 3.36 17.44 -2.02
C SER A 3 2.15 16.57 -1.68
N GLY A 4 2.12 15.36 -2.22
CA GLY A 4 1.01 14.46 -1.97
C GLY A 4 0.85 13.43 -3.07
N SER A 5 0.31 12.27 -2.71
CA SER A 5 0.10 11.19 -3.68
C SER A 5 1.35 10.96 -4.52
N SER A 6 2.51 10.97 -3.86
CA SER A 6 3.78 10.76 -4.55
C SER A 6 3.86 9.35 -5.12
N GLY A 7 3.66 8.36 -4.26
CA GLY A 7 3.71 6.98 -4.70
C GLY A 7 4.91 6.23 -4.13
N LEU A 8 4.72 5.62 -2.97
CA LEU A 8 5.80 4.88 -2.32
C LEU A 8 5.60 3.37 -2.49
N LEU A 9 6.57 2.59 -2.04
CA LEU A 9 6.51 1.14 -2.15
C LEU A 9 6.63 0.49 -0.78
N ALA A 10 5.75 -0.47 -0.50
CA ALA A 10 5.76 -1.17 0.77
C ALA A 10 5.77 -2.69 0.57
N ARG A 11 6.25 -3.41 1.57
CA ARG A 11 6.32 -4.87 1.50
C ARG A 11 5.16 -5.51 2.25
N ALA A 12 4.93 -6.78 1.99
CA ALA A 12 3.84 -7.51 2.65
C ALA A 12 4.39 -8.57 3.60
N LEU A 13 4.42 -8.25 4.88
CA LEU A 13 4.93 -9.17 5.89
C LEU A 13 4.00 -10.38 6.04
N TYR A 14 2.77 -10.25 5.55
CA TYR A 14 1.79 -11.32 5.62
C TYR A 14 0.67 -11.11 4.60
N ASP A 15 0.20 -12.21 4.03
CA ASP A 15 -0.87 -12.15 3.04
C ASP A 15 -2.13 -11.52 3.64
N ASN A 16 -2.91 -10.84 2.81
CA ASN A 16 -4.14 -10.20 3.26
C ASN A 16 -5.35 -10.79 2.55
N CYS A 17 -6.39 -11.08 3.32
CA CYS A 17 -7.61 -11.66 2.76
C CYS A 17 -8.79 -10.70 2.94
N PRO A 18 -8.89 -9.71 2.04
CA PRO A 18 -9.97 -8.71 2.08
C PRO A 18 -11.33 -9.31 1.73
N ASP A 19 -12.37 -8.82 2.38
CA ASP A 19 -13.73 -9.30 2.13
C ASP A 19 -14.44 -8.42 1.12
N CYS A 20 -14.00 -7.17 1.01
CA CYS A 20 -14.59 -6.22 0.08
C CYS A 20 -13.54 -5.64 -0.86
N SER A 21 -13.99 -4.91 -1.87
CA SER A 21 -13.09 -4.30 -2.84
C SER A 21 -12.25 -3.21 -2.19
N ASP A 22 -12.87 -2.44 -1.31
CA ASP A 22 -12.18 -1.36 -0.61
C ASP A 22 -10.75 -1.77 -0.27
N GLU A 23 -10.60 -2.91 0.40
CA GLU A 23 -9.29 -3.41 0.79
C GLU A 23 -8.59 -4.09 -0.39
N LEU A 24 -7.28 -4.25 -0.27
CA LEU A 24 -6.50 -4.88 -1.32
C LEU A 24 -6.16 -6.32 -0.97
N ALA A 25 -6.09 -7.18 -1.98
CA ALA A 25 -5.77 -8.59 -1.76
C ALA A 25 -4.35 -8.91 -2.22
N PHE A 26 -3.44 -9.04 -1.26
CA PHE A 26 -2.05 -9.34 -1.56
C PHE A 26 -1.57 -10.58 -0.80
N SER A 27 -0.42 -11.10 -1.19
CA SER A 27 0.14 -12.28 -0.54
C SER A 27 1.58 -12.04 -0.12
N ARG A 28 2.00 -12.68 0.97
CA ARG A 28 3.35 -12.53 1.48
C ARG A 28 4.35 -12.41 0.34
N GLY A 29 5.40 -11.62 0.56
CA GLY A 29 6.41 -11.43 -0.46
C GLY A 29 5.87 -10.72 -1.69
N ASP A 30 5.09 -9.68 -1.47
CA ASP A 30 4.51 -8.91 -2.56
C ASP A 30 4.77 -7.42 -2.40
N ILE A 31 5.31 -6.80 -3.43
CA ILE A 31 5.62 -5.37 -3.38
C ILE A 31 4.41 -4.54 -3.82
N LEU A 32 3.79 -3.87 -2.85
CA LEU A 32 2.63 -3.03 -3.13
C LEU A 32 3.03 -1.59 -3.33
N THR A 33 2.44 -0.95 -4.35
CA THR A 33 2.74 0.44 -4.66
C THR A 33 1.84 1.39 -3.87
N ILE A 34 2.36 1.92 -2.77
CA ILE A 34 1.60 2.84 -1.94
C ILE A 34 1.29 4.14 -2.68
N LEU A 35 0.15 4.17 -3.35
CA LEU A 35 -0.26 5.36 -4.10
C LEU A 35 -0.26 6.59 -3.21
N GLU A 36 -0.95 6.51 -2.09
CA GLU A 36 -1.03 7.62 -1.15
C GLU A 36 -1.19 7.13 0.28
N GLN A 37 -0.59 7.84 1.22
CA GLN A 37 -0.67 7.47 2.63
C GLN A 37 -1.78 8.23 3.33
N HIS A 38 -1.92 9.51 3.01
CA HIS A 38 -2.95 10.34 3.61
C HIS A 38 -4.34 9.87 3.20
N VAL A 39 -4.89 8.92 3.94
CA VAL A 39 -6.22 8.37 3.65
C VAL A 39 -7.17 8.60 4.81
N PRO A 40 -7.91 9.72 4.76
CA PRO A 40 -8.87 10.09 5.79
C PRO A 40 -10.09 9.17 5.81
N GLU A 41 -10.32 8.48 4.69
CA GLU A 41 -11.45 7.57 4.57
C GLU A 41 -11.27 6.36 5.48
N SER A 42 -10.03 5.90 5.61
CA SER A 42 -9.72 4.74 6.44
C SER A 42 -8.59 5.07 7.41
N GLU A 43 -8.88 4.95 8.71
CA GLU A 43 -7.87 5.23 9.74
C GLU A 43 -6.89 4.08 9.87
N GLY A 44 -5.62 4.35 9.57
CA GLY A 44 -4.60 3.33 9.66
C GLY A 44 -4.61 2.39 8.48
N TRP A 45 -4.68 2.96 7.28
CA TRP A 45 -4.72 2.17 6.05
C TRP A 45 -3.90 2.84 4.95
N TRP A 46 -3.47 2.05 3.98
CA TRP A 46 -2.68 2.57 2.86
C TRP A 46 -3.28 2.15 1.53
N LYS A 47 -3.43 3.10 0.61
CA LYS A 47 -3.98 2.83 -0.70
C LYS A 47 -2.90 2.38 -1.67
N CYS A 48 -2.86 1.08 -1.96
CA CYS A 48 -1.87 0.52 -2.87
C CYS A 48 -2.53 0.00 -4.14
N LEU A 49 -1.71 -0.34 -5.13
CA LEU A 49 -2.22 -0.84 -6.40
C LEU A 49 -1.51 -2.13 -6.80
N LEU A 50 -2.30 -3.18 -7.04
CA LEU A 50 -1.74 -4.47 -7.43
C LEU A 50 -2.67 -5.19 -8.41
N HIS A 51 -2.11 -5.65 -9.52
CA HIS A 51 -2.88 -6.37 -10.53
C HIS A 51 -4.23 -5.69 -10.75
N GLY A 52 -4.22 -4.36 -10.78
CA GLY A 52 -5.45 -3.62 -10.99
C GLY A 52 -6.44 -3.81 -9.85
N ARG A 53 -5.97 -3.62 -8.62
CA ARG A 53 -6.83 -3.78 -7.44
C ARG A 53 -7.29 -2.42 -6.93
N GLN A 54 -6.33 -1.54 -6.64
CA GLN A 54 -6.65 -0.21 -6.14
C GLN A 54 -7.39 -0.29 -4.81
N GLY A 55 -6.82 -1.03 -3.86
CA GLY A 55 -7.45 -1.18 -2.56
C GLY A 55 -6.55 -0.72 -1.43
N LEU A 56 -7.12 -0.59 -0.24
CA LEU A 56 -6.36 -0.16 0.93
C LEU A 56 -5.60 -1.32 1.54
N ALA A 57 -4.67 -1.01 2.45
CA ALA A 57 -3.87 -2.03 3.10
C ALA A 57 -3.53 -1.62 4.54
N PRO A 58 -3.52 -2.61 5.45
CA PRO A 58 -3.21 -2.38 6.86
C PRO A 58 -1.75 -2.02 7.08
N ALA A 59 -1.50 -0.79 7.53
CA ALA A 59 -0.15 -0.33 7.79
C ALA A 59 0.54 -1.21 8.82
N ASN A 60 -0.24 -2.00 9.55
CA ASN A 60 0.30 -2.89 10.56
C ASN A 60 0.94 -4.11 9.93
N ARG A 61 0.62 -4.37 8.67
CA ARG A 61 1.15 -5.52 7.95
C ARG A 61 2.03 -5.06 6.79
N LEU A 62 2.09 -3.75 6.57
CA LEU A 62 2.88 -3.18 5.50
C LEU A 62 4.15 -2.53 6.03
N GLN A 63 5.30 -2.90 5.46
CA GLN A 63 6.57 -2.35 5.89
C GLN A 63 7.08 -1.30 4.89
N ILE A 64 6.93 -0.03 5.25
CA ILE A 64 7.36 1.06 4.39
C ILE A 64 8.86 0.99 4.14
N LEU A 65 9.25 0.51 2.96
CA LEU A 65 10.65 0.40 2.60
C LEU A 65 11.20 1.73 2.07
N SER A 66 12.11 2.33 2.82
CA SER A 66 12.70 3.60 2.43
C SER A 66 14.17 3.42 2.05
N GLY A 67 14.64 4.23 1.09
CA GLY A 67 16.01 4.14 0.65
C GLY A 67 16.97 4.80 1.63
N PRO A 68 18.21 4.28 1.68
CA PRO A 68 19.25 4.81 2.57
C PRO A 68 19.74 6.19 2.14
N SER A 69 19.92 6.36 0.84
CA SER A 69 20.40 7.63 0.30
C SER A 69 19.35 8.73 0.52
N SER A 70 19.77 9.83 1.14
CA SER A 70 18.89 10.95 1.42
C SER A 70 17.58 10.46 2.06
N GLY A 71 17.71 9.59 3.05
CA GLY A 71 16.54 9.06 3.73
C GLY A 71 16.01 10.00 4.79
N GLY A 1 -4.08 23.39 -10.17
CA GLY A 1 -3.87 22.68 -11.42
C GLY A 1 -2.52 22.00 -11.49
N SER A 2 -2.18 21.26 -10.44
CA SER A 2 -0.90 20.56 -10.37
C SER A 2 -1.10 19.05 -10.49
N SER A 3 -0.49 18.46 -11.52
CA SER A 3 -0.61 17.03 -11.74
C SER A 3 0.70 16.31 -11.40
N GLY A 4 0.68 15.51 -10.35
CA GLY A 4 1.87 14.78 -9.93
C GLY A 4 1.66 13.99 -8.66
N SER A 5 2.63 13.16 -8.31
CA SER A 5 2.55 12.35 -7.10
C SER A 5 3.90 11.76 -6.74
N SER A 6 3.97 11.10 -5.60
CA SER A 6 5.22 10.49 -5.14
C SER A 6 5.15 8.97 -5.23
N GLY A 7 4.08 8.39 -4.67
CA GLY A 7 3.92 6.95 -4.70
C GLY A 7 5.08 6.22 -4.06
N LEU A 8 4.83 5.66 -2.87
CA LEU A 8 5.87 4.93 -2.15
C LEU A 8 5.78 3.44 -2.44
N LEU A 9 6.74 2.68 -1.92
CA LEU A 9 6.78 1.23 -2.12
C LEU A 9 6.99 0.50 -0.81
N ALA A 10 6.11 -0.45 -0.52
CA ALA A 10 6.21 -1.23 0.71
C ALA A 10 6.07 -2.72 0.43
N ARG A 11 6.52 -3.54 1.38
CA ARG A 11 6.45 -4.99 1.24
C ARG A 11 5.30 -5.57 2.06
N ALA A 12 4.93 -6.81 1.76
CA ALA A 12 3.84 -7.47 2.47
C ALA A 12 4.36 -8.63 3.31
N LEU A 13 4.52 -8.39 4.61
CA LEU A 13 5.02 -9.42 5.52
C LEU A 13 4.03 -10.58 5.61
N TYR A 14 2.75 -10.26 5.60
CA TYR A 14 1.70 -11.27 5.70
C TYR A 14 0.64 -11.05 4.63
N ASP A 15 -0.05 -12.14 4.26
CA ASP A 15 -1.09 -12.07 3.24
C ASP A 15 -2.38 -11.50 3.84
N ASN A 16 -2.98 -10.55 3.12
CA ASN A 16 -4.22 -9.92 3.57
C ASN A 16 -5.43 -10.54 2.87
N CYS A 17 -6.39 -11.00 3.67
CA CYS A 17 -7.60 -11.61 3.13
C CYS A 17 -8.80 -10.69 3.31
N PRO A 18 -8.94 -9.71 2.40
CA PRO A 18 -10.04 -8.75 2.44
C PRO A 18 -11.38 -9.39 2.09
N ASP A 19 -12.47 -8.70 2.44
CA ASP A 19 -13.80 -9.20 2.16
C ASP A 19 -14.64 -8.14 1.44
N CYS A 20 -13.97 -7.21 0.79
CA CYS A 20 -14.65 -6.15 0.06
C CYS A 20 -13.83 -5.70 -1.14
N SER A 21 -14.37 -4.75 -1.90
CA SER A 21 -13.69 -4.23 -3.08
C SER A 21 -12.77 -3.07 -2.72
N ASP A 22 -13.16 -2.33 -1.68
CA ASP A 22 -12.37 -1.18 -1.23
C ASP A 22 -11.00 -1.63 -0.71
N GLU A 23 -11.00 -2.71 0.05
CA GLU A 23 -9.75 -3.25 0.61
C GLU A 23 -8.87 -3.82 -0.49
N LEU A 24 -7.68 -4.28 -0.11
CA LEU A 24 -6.73 -4.86 -1.06
C LEU A 24 -6.37 -6.28 -0.67
N ALA A 25 -6.28 -7.17 -1.66
CA ALA A 25 -5.94 -8.56 -1.42
C ALA A 25 -4.56 -8.88 -1.98
N PHE A 26 -3.57 -8.97 -1.10
CA PHE A 26 -2.20 -9.29 -1.50
C PHE A 26 -1.63 -10.43 -0.68
N SER A 27 -0.57 -11.06 -1.18
CA SER A 27 0.06 -12.17 -0.50
C SER A 27 1.42 -11.76 0.05
N ARG A 28 2.03 -12.65 0.83
CA ARG A 28 3.34 -12.38 1.42
C ARG A 28 4.41 -12.28 0.35
N GLY A 29 5.42 -11.44 0.60
CA GLY A 29 6.50 -11.27 -0.36
C GLY A 29 6.05 -10.55 -1.62
N ASP A 30 5.08 -9.66 -1.47
CA ASP A 30 4.56 -8.90 -2.60
C ASP A 30 4.83 -7.41 -2.42
N ILE A 31 5.26 -6.76 -3.49
CA ILE A 31 5.56 -5.33 -3.45
C ILE A 31 4.32 -4.51 -3.79
N LEU A 32 3.88 -3.71 -2.82
CA LEU A 32 2.70 -2.86 -3.01
C LEU A 32 3.11 -1.40 -3.19
N THR A 33 2.49 -0.73 -4.15
CA THR A 33 2.79 0.67 -4.42
C THR A 33 1.83 1.59 -3.66
N ILE A 34 2.29 2.10 -2.52
CA ILE A 34 1.48 3.00 -1.70
C ILE A 34 1.14 4.27 -2.46
N LEU A 35 0.02 4.25 -3.17
CA LEU A 35 -0.43 5.42 -3.93
C LEU A 35 -0.45 6.66 -3.07
N GLU A 36 -1.10 6.56 -1.91
CA GLU A 36 -1.19 7.69 -0.99
C GLU A 36 -1.28 7.21 0.46
N GLN A 37 -0.67 7.95 1.37
CA GLN A 37 -0.69 7.60 2.78
C GLN A 37 -1.87 8.26 3.50
N HIS A 38 -2.17 9.50 3.10
CA HIS A 38 -3.27 10.25 3.70
C HIS A 38 -4.61 9.65 3.31
N VAL A 39 -5.19 8.85 4.21
CA VAL A 39 -6.47 8.21 3.95
C VAL A 39 -7.41 8.38 5.14
N PRO A 40 -8.23 9.43 5.11
CA PRO A 40 -9.19 9.72 6.18
C PRO A 40 -10.34 8.70 6.23
N GLU A 41 -10.78 8.27 5.05
CA GLU A 41 -11.86 7.30 4.95
C GLU A 41 -11.53 6.03 5.72
N SER A 42 -10.30 5.56 5.56
CA SER A 42 -9.86 4.34 6.24
C SER A 42 -8.57 4.60 7.01
N GLU A 43 -8.58 5.63 7.85
CA GLU A 43 -7.40 5.98 8.65
C GLU A 43 -6.65 4.72 9.07
N GLY A 44 -5.32 4.80 9.00
CA GLY A 44 -4.49 3.66 9.38
C GLY A 44 -4.19 2.75 8.21
N TRP A 45 -5.09 2.72 7.23
CA TRP A 45 -4.90 1.89 6.05
C TRP A 45 -4.13 2.64 4.96
N TRP A 46 -3.71 1.91 3.93
CA TRP A 46 -2.96 2.50 2.84
C TRP A 46 -3.52 2.04 1.49
N LYS A 47 -3.64 2.99 0.56
CA LYS A 47 -4.16 2.69 -0.77
C LYS A 47 -3.03 2.27 -1.71
N CYS A 48 -2.87 0.97 -1.89
CA CYS A 48 -1.83 0.44 -2.77
C CYS A 48 -2.42 -0.08 -4.07
N LEU A 49 -1.55 -0.36 -5.04
CA LEU A 49 -1.99 -0.86 -6.35
C LEU A 49 -1.31 -2.18 -6.68
N LEU A 50 -2.11 -3.16 -7.08
CA LEU A 50 -1.59 -4.48 -7.43
C LEU A 50 -2.54 -5.22 -8.36
N HIS A 51 -2.00 -5.85 -9.39
CA HIS A 51 -2.80 -6.60 -10.34
C HIS A 51 -4.09 -5.85 -10.67
N GLY A 52 -4.03 -4.53 -10.65
CA GLY A 52 -5.19 -3.72 -10.93
C GLY A 52 -6.26 -3.83 -9.85
N ARG A 53 -5.85 -3.69 -8.60
CA ARG A 53 -6.77 -3.77 -7.47
C ARG A 53 -7.18 -2.39 -7.00
N GLN A 54 -6.19 -1.57 -6.64
CA GLN A 54 -6.45 -0.22 -6.17
C GLN A 54 -7.29 -0.24 -4.89
N GLY A 55 -6.85 -1.01 -3.91
CA GLY A 55 -7.56 -1.11 -2.66
C GLY A 55 -6.72 -0.70 -1.47
N LEU A 56 -7.35 -0.64 -0.29
CA LEU A 56 -6.64 -0.25 0.92
C LEU A 56 -5.87 -1.43 1.52
N ALA A 57 -4.91 -1.13 2.37
CA ALA A 57 -4.10 -2.17 3.01
C ALA A 57 -3.67 -1.75 4.41
N PRO A 58 -3.64 -2.72 5.34
CA PRO A 58 -3.26 -2.47 6.73
C PRO A 58 -1.77 -2.16 6.87
N ALA A 59 -1.46 -0.91 7.21
CA ALA A 59 -0.08 -0.49 7.37
C ALA A 59 0.63 -1.32 8.43
N ASN A 60 -0.15 -1.93 9.32
CA ASN A 60 0.40 -2.75 10.39
C ASN A 60 0.99 -4.04 9.83
N ARG A 61 0.78 -4.29 8.55
CA ARG A 61 1.30 -5.49 7.90
C ARG A 61 2.22 -5.12 6.74
N LEU A 62 2.44 -3.83 6.56
CA LEU A 62 3.31 -3.35 5.49
C LEU A 62 4.68 -2.93 6.03
N GLN A 63 5.69 -3.04 5.20
CA GLN A 63 7.05 -2.68 5.60
C GLN A 63 7.60 -1.55 4.72
N ILE A 64 7.54 -0.33 5.23
CA ILE A 64 8.03 0.83 4.49
C ILE A 64 9.54 0.75 4.28
N LEU A 65 9.95 0.51 3.04
CA LEU A 65 11.36 0.41 2.71
C LEU A 65 11.90 1.75 2.22
N SER A 66 12.32 2.60 3.15
CA SER A 66 12.85 3.91 2.81
C SER A 66 14.21 3.79 2.14
N GLY A 67 14.36 4.42 0.98
CA GLY A 67 15.63 4.37 0.26
C GLY A 67 15.45 4.61 -1.23
N PRO A 68 16.44 5.25 -1.84
CA PRO A 68 16.42 5.55 -3.29
C PRO A 68 16.57 4.30 -4.14
N SER A 69 15.45 3.79 -4.62
CA SER A 69 15.44 2.58 -5.45
C SER A 69 16.56 1.62 -5.01
N SER A 70 16.71 1.46 -3.71
CA SER A 70 17.73 0.57 -3.15
C SER A 70 17.26 -0.87 -3.18
N GLY A 71 18.19 -1.79 -3.43
CA GLY A 71 17.84 -3.20 -3.47
C GLY A 71 16.70 -3.49 -4.41
N GLY A 1 -7.38 19.51 -6.61
CA GLY A 1 -6.83 18.22 -6.97
C GLY A 1 -5.97 17.64 -5.85
N SER A 2 -4.72 17.29 -6.18
CA SER A 2 -3.81 16.72 -5.20
C SER A 2 -2.41 17.32 -5.36
N SER A 3 -1.71 17.46 -4.24
CA SER A 3 -0.37 18.02 -4.25
C SER A 3 0.68 16.93 -4.04
N GLY A 4 0.46 16.10 -3.03
CA GLY A 4 1.39 15.02 -2.74
C GLY A 4 1.13 13.79 -3.57
N SER A 5 1.39 13.88 -4.88
CA SER A 5 1.17 12.76 -5.79
C SER A 5 2.40 11.86 -5.84
N SER A 6 2.95 11.56 -4.68
CA SER A 6 4.13 10.71 -4.59
C SER A 6 3.73 9.24 -4.36
N GLY A 7 4.42 8.33 -5.05
CA GLY A 7 4.12 6.92 -4.89
C GLY A 7 5.22 6.17 -4.17
N LEU A 8 4.93 5.77 -2.93
CA LEU A 8 5.90 5.05 -2.12
C LEU A 8 5.82 3.56 -2.39
N LEU A 9 6.76 2.80 -1.82
CA LEU A 9 6.81 1.36 -2.00
C LEU A 9 6.98 0.65 -0.67
N ALA A 10 6.07 -0.27 -0.38
CA ALA A 10 6.12 -1.03 0.87
C ALA A 10 6.01 -2.53 0.60
N ARG A 11 6.49 -3.33 1.56
CA ARG A 11 6.44 -4.78 1.43
C ARG A 11 5.31 -5.37 2.24
N ALA A 12 4.96 -6.62 1.96
CA ALA A 12 3.89 -7.30 2.67
C ALA A 12 4.43 -8.44 3.53
N LEU A 13 4.58 -8.18 4.82
CA LEU A 13 5.10 -9.18 5.74
C LEU A 13 4.12 -10.36 5.87
N TYR A 14 2.84 -10.07 5.71
CA TYR A 14 1.80 -11.10 5.81
C TYR A 14 0.68 -10.84 4.81
N ASP A 15 0.14 -11.91 4.24
CA ASP A 15 -0.93 -11.81 3.26
C ASP A 15 -2.18 -11.19 3.91
N ASN A 16 -3.09 -10.73 3.07
CA ASN A 16 -4.33 -10.11 3.56
C ASN A 16 -5.54 -10.70 2.84
N CYS A 17 -6.63 -10.90 3.58
CA CYS A 17 -7.86 -11.46 3.02
C CYS A 17 -9.02 -10.50 3.22
N PRO A 18 -9.16 -9.53 2.30
CA PRO A 18 -10.22 -8.53 2.34
C PRO A 18 -11.58 -9.13 2.04
N ASP A 19 -12.64 -8.34 2.24
CA ASP A 19 -14.00 -8.80 1.99
C ASP A 19 -14.72 -7.86 1.02
N CYS A 20 -14.22 -6.63 0.92
CA CYS A 20 -14.82 -5.65 0.03
C CYS A 20 -13.77 -5.09 -0.93
N SER A 21 -14.19 -4.82 -2.16
CA SER A 21 -13.29 -4.28 -3.18
C SER A 21 -12.44 -3.15 -2.61
N ASP A 22 -13.07 -2.28 -1.82
CA ASP A 22 -12.39 -1.16 -1.22
C ASP A 22 -10.99 -1.56 -0.75
N GLU A 23 -10.93 -2.62 0.06
CA GLU A 23 -9.65 -3.09 0.57
C GLU A 23 -8.82 -3.73 -0.55
N LEU A 24 -7.64 -4.23 -0.18
CA LEU A 24 -6.74 -4.85 -1.15
C LEU A 24 -6.43 -6.29 -0.75
N ALA A 25 -6.13 -7.13 -1.74
CA ALA A 25 -5.80 -8.53 -1.48
C ALA A 25 -4.41 -8.87 -1.99
N PHE A 26 -3.46 -8.99 -1.07
CA PHE A 26 -2.09 -9.31 -1.44
C PHE A 26 -1.54 -10.43 -0.56
N SER A 27 -0.43 -11.02 -0.98
CA SER A 27 0.19 -12.12 -0.25
C SER A 27 1.53 -11.68 0.33
N ARG A 28 2.16 -12.58 1.10
CA ARG A 28 3.46 -12.29 1.71
C ARG A 28 4.56 -12.31 0.66
N GLY A 29 5.45 -11.32 0.73
CA GLY A 29 6.55 -11.25 -0.22
C GLY A 29 6.15 -10.56 -1.51
N ASP A 30 5.27 -9.58 -1.41
CA ASP A 30 4.81 -8.85 -2.58
C ASP A 30 5.03 -7.35 -2.40
N ILE A 31 5.34 -6.67 -3.50
CA ILE A 31 5.59 -5.23 -3.46
C ILE A 31 4.34 -4.45 -3.86
N LEU A 32 3.81 -3.68 -2.93
CA LEU A 32 2.61 -2.88 -3.19
C LEU A 32 2.98 -1.42 -3.42
N THR A 33 2.39 -0.82 -4.47
CA THR A 33 2.66 0.57 -4.80
C THR A 33 1.73 1.50 -4.02
N ILE A 34 2.25 2.07 -2.92
CA ILE A 34 1.47 2.97 -2.10
C ILE A 34 1.15 4.26 -2.85
N LEU A 35 -0.05 4.32 -3.42
CA LEU A 35 -0.49 5.50 -4.16
C LEU A 35 -0.57 6.73 -3.25
N GLU A 36 -1.27 6.58 -2.14
CA GLU A 36 -1.42 7.68 -1.19
C GLU A 36 -1.32 7.17 0.25
N GLN A 37 -0.62 7.92 1.09
CA GLN A 37 -0.44 7.55 2.49
C GLN A 37 -1.57 8.12 3.34
N HIS A 38 -1.98 9.34 3.02
CA HIS A 38 -3.05 10.00 3.77
C HIS A 38 -4.43 9.45 3.37
N VAL A 39 -5.00 8.64 4.24
CA VAL A 39 -6.31 8.04 3.97
C VAL A 39 -7.26 8.26 5.14
N PRO A 40 -8.03 9.36 5.08
CA PRO A 40 -9.00 9.71 6.12
C PRO A 40 -10.19 8.75 6.16
N GLU A 41 -10.48 8.13 5.01
CA GLU A 41 -11.60 7.20 4.92
C GLU A 41 -11.33 5.95 5.75
N SER A 42 -10.07 5.73 6.10
CA SER A 42 -9.69 4.57 6.90
C SER A 42 -8.49 4.90 7.78
N GLU A 43 -8.67 4.76 9.10
CA GLU A 43 -7.60 5.03 10.04
C GLU A 43 -6.68 3.83 10.19
N GLY A 44 -5.55 3.89 9.49
CA GLY A 44 -4.58 2.80 9.55
C GLY A 44 -4.61 1.93 8.31
N TRP A 45 -4.75 2.56 7.15
CA TRP A 45 -4.79 1.84 5.89
C TRP A 45 -4.05 2.61 4.80
N TRP A 46 -3.63 1.89 3.76
CA TRP A 46 -2.90 2.49 2.65
C TRP A 46 -3.49 2.07 1.31
N LYS A 47 -3.63 3.03 0.40
CA LYS A 47 -4.18 2.76 -0.92
C LYS A 47 -3.08 2.34 -1.89
N CYS A 48 -2.94 1.03 -2.09
CA CYS A 48 -1.92 0.50 -3.00
C CYS A 48 -2.56 -0.04 -4.27
N LEU A 49 -1.73 -0.41 -5.23
CA LEU A 49 -2.21 -0.95 -6.50
C LEU A 49 -1.50 -2.26 -6.84
N LEU A 50 -2.28 -3.29 -7.10
CA LEU A 50 -1.73 -4.60 -7.44
C LEU A 50 -2.65 -5.34 -8.41
N HIS A 51 -2.07 -5.84 -9.49
CA HIS A 51 -2.83 -6.57 -10.50
C HIS A 51 -4.20 -5.95 -10.70
N GLY A 52 -4.23 -4.62 -10.87
CA GLY A 52 -5.49 -3.93 -11.07
C GLY A 52 -6.43 -4.09 -9.89
N ARG A 53 -5.91 -3.86 -8.68
CA ARG A 53 -6.71 -3.97 -7.47
C ARG A 53 -7.23 -2.60 -7.04
N GLN A 54 -6.29 -1.70 -6.74
CA GLN A 54 -6.66 -0.36 -6.31
C GLN A 54 -7.48 -0.40 -5.03
N GLY A 55 -6.95 -1.07 -4.01
CA GLY A 55 -7.65 -1.18 -2.74
C GLY A 55 -6.79 -0.75 -1.57
N LEU A 56 -7.39 -0.72 -0.38
CA LEU A 56 -6.67 -0.32 0.82
C LEU A 56 -5.86 -1.48 1.38
N ALA A 57 -4.88 -1.16 2.23
CA ALA A 57 -4.03 -2.18 2.84
C ALA A 57 -3.66 -1.79 4.26
N PRO A 58 -3.59 -2.81 5.15
CA PRO A 58 -3.24 -2.60 6.55
C PRO A 58 -1.79 -2.21 6.74
N ALA A 59 -1.55 -0.93 7.02
CA ALA A 59 -0.20 -0.43 7.23
C ALA A 59 0.50 -1.17 8.36
N ASN A 60 -0.29 -1.85 9.20
CA ASN A 60 0.26 -2.61 10.31
C ASN A 60 0.94 -3.89 9.84
N ARG A 61 0.60 -4.29 8.61
CA ARG A 61 1.18 -5.50 8.03
C ARG A 61 2.12 -5.16 6.88
N LEU A 62 2.35 -3.87 6.68
CA LEU A 62 3.23 -3.41 5.61
C LEU A 62 4.59 -3.01 6.15
N GLN A 63 5.61 -3.02 5.29
CA GLN A 63 6.96 -2.66 5.69
C GLN A 63 7.51 -1.55 4.79
N ILE A 64 7.47 -0.32 5.29
CA ILE A 64 7.97 0.83 4.53
C ILE A 64 9.49 0.75 4.35
N LEU A 65 9.91 0.49 3.12
CA LEU A 65 11.33 0.39 2.81
C LEU A 65 11.93 1.77 2.54
N SER A 66 13.23 1.80 2.29
CA SER A 66 13.92 3.06 2.01
C SER A 66 14.83 2.92 0.79
N GLY A 67 14.82 3.93 -0.06
CA GLY A 67 15.65 3.92 -1.25
C GLY A 67 16.23 5.28 -1.58
N PRO A 68 17.12 5.78 -0.71
CA PRO A 68 17.75 7.08 -0.89
C PRO A 68 18.75 7.08 -2.05
N SER A 69 18.91 5.92 -2.68
CA SER A 69 19.83 5.79 -3.81
C SER A 69 19.81 7.04 -4.68
N SER A 70 20.99 7.48 -5.10
CA SER A 70 21.11 8.67 -5.94
C SER A 70 20.13 8.62 -7.10
N GLY A 71 19.99 9.73 -7.81
CA GLY A 71 19.07 9.79 -8.93
C GLY A 71 17.66 10.11 -8.51
N GLY A 1 0.69 18.45 -16.74
CA GLY A 1 1.00 19.76 -16.22
C GLY A 1 1.45 19.71 -14.77
N SER A 2 0.73 20.42 -13.91
CA SER A 2 1.07 20.47 -12.49
C SER A 2 1.08 19.07 -11.90
N SER A 3 2.19 18.71 -11.27
CA SER A 3 2.35 17.39 -10.66
C SER A 3 2.74 17.52 -9.19
N GLY A 4 2.37 16.52 -8.40
CA GLY A 4 2.69 16.53 -6.98
C GLY A 4 2.58 15.16 -6.35
N SER A 5 1.49 14.47 -6.62
CA SER A 5 1.25 13.14 -6.07
C SER A 5 2.56 12.35 -6.02
N SER A 6 2.64 11.40 -5.07
CA SER A 6 3.83 10.58 -4.91
C SER A 6 3.46 9.11 -4.78
N GLY A 7 4.36 8.24 -5.22
CA GLY A 7 4.11 6.80 -5.14
C GLY A 7 5.21 6.07 -4.42
N LEU A 8 4.93 5.62 -3.20
CA LEU A 8 5.92 4.90 -2.40
C LEU A 8 5.75 3.39 -2.58
N LEU A 9 6.72 2.63 -2.08
CA LEU A 9 6.69 1.17 -2.18
C LEU A 9 6.79 0.53 -0.80
N ALA A 10 5.93 -0.45 -0.56
CA ALA A 10 5.93 -1.15 0.72
C ALA A 10 5.81 -2.66 0.53
N ARG A 11 6.51 -3.42 1.36
CA ARG A 11 6.49 -4.87 1.26
C ARG A 11 5.36 -5.45 2.11
N ALA A 12 5.00 -6.71 1.86
CA ALA A 12 3.94 -7.37 2.59
C ALA A 12 4.50 -8.48 3.48
N LEU A 13 4.66 -8.19 4.77
CA LEU A 13 5.19 -9.15 5.71
C LEU A 13 4.16 -10.25 6.00
N TYR A 14 2.94 -10.05 5.52
CA TYR A 14 1.87 -11.02 5.71
C TYR A 14 0.74 -10.80 4.72
N ASP A 15 0.12 -11.89 4.28
CA ASP A 15 -0.98 -11.82 3.32
C ASP A 15 -2.21 -11.21 3.97
N ASN A 16 -2.99 -10.48 3.16
CA ASN A 16 -4.20 -9.83 3.66
C ASN A 16 -5.45 -10.43 3.01
N CYS A 17 -6.41 -10.84 3.83
CA CYS A 17 -7.64 -11.43 3.32
C CYS A 17 -8.82 -10.48 3.53
N PRO A 18 -8.98 -9.52 2.60
CA PRO A 18 -10.05 -8.54 2.66
C PRO A 18 -11.43 -9.16 2.39
N ASP A 19 -12.48 -8.43 2.74
CA ASP A 19 -13.85 -8.91 2.54
C ASP A 19 -14.69 -7.85 1.84
N CYS A 20 -14.04 -7.05 0.99
CA CYS A 20 -14.73 -6.01 0.26
C CYS A 20 -13.99 -5.66 -1.03
N SER A 21 -14.49 -4.65 -1.75
CA SER A 21 -13.87 -4.23 -2.99
C SER A 21 -12.87 -3.12 -2.75
N ASP A 22 -13.17 -2.25 -1.79
CA ASP A 22 -12.29 -1.14 -1.45
C ASP A 22 -10.94 -1.64 -0.97
N GLU A 23 -10.97 -2.60 -0.06
CA GLU A 23 -9.74 -3.17 0.50
C GLU A 23 -8.94 -3.89 -0.58
N LEU A 24 -7.67 -4.17 -0.28
CA LEU A 24 -6.80 -4.86 -1.23
C LEU A 24 -6.46 -6.26 -0.73
N ALA A 25 -6.28 -7.19 -1.67
CA ALA A 25 -5.95 -8.57 -1.33
C ALA A 25 -4.58 -8.94 -1.86
N PHE A 26 -3.59 -8.96 -0.98
CA PHE A 26 -2.23 -9.31 -1.35
C PHE A 26 -1.71 -10.47 -0.51
N SER A 27 -0.64 -11.11 -1.00
CA SER A 27 -0.04 -12.23 -0.29
C SER A 27 1.42 -11.96 0.04
N ARG A 28 1.88 -12.49 1.17
CA ARG A 28 3.26 -12.31 1.60
C ARG A 28 4.22 -12.47 0.42
N GLY A 29 5.13 -11.51 0.28
CA GLY A 29 6.09 -11.56 -0.81
C GLY A 29 5.68 -10.72 -1.99
N ASP A 30 4.94 -9.65 -1.73
CA ASP A 30 4.47 -8.76 -2.78
C ASP A 30 4.64 -7.30 -2.37
N ILE A 31 5.42 -6.56 -3.15
CA ILE A 31 5.65 -5.14 -2.86
C ILE A 31 4.50 -4.28 -3.38
N LEU A 32 3.72 -3.74 -2.46
CA LEU A 32 2.59 -2.90 -2.82
C LEU A 32 3.04 -1.47 -3.07
N THR A 33 2.47 -0.85 -4.10
CA THR A 33 2.82 0.53 -4.45
C THR A 33 1.89 1.52 -3.77
N ILE A 34 2.34 2.08 -2.66
CA ILE A 34 1.53 3.05 -1.92
C ILE A 34 1.31 4.31 -2.73
N LEU A 35 0.06 4.58 -3.07
CA LEU A 35 -0.30 5.76 -3.85
C LEU A 35 -0.52 6.97 -2.93
N GLU A 36 -1.28 6.77 -1.87
CA GLU A 36 -1.56 7.84 -0.92
C GLU A 36 -1.49 7.33 0.52
N GLN A 37 -0.66 7.97 1.33
CA GLN A 37 -0.49 7.59 2.72
C GLN A 37 -1.66 8.08 3.56
N HIS A 38 -2.09 9.31 3.31
CA HIS A 38 -3.20 9.91 4.05
C HIS A 38 -4.54 9.32 3.58
N VAL A 39 -5.19 8.56 4.46
CA VAL A 39 -6.46 7.95 4.14
C VAL A 39 -7.50 8.22 5.23
N PRO A 40 -8.27 9.31 5.05
CA PRO A 40 -9.31 9.70 6.00
C PRO A 40 -10.49 8.73 6.02
N GLU A 41 -10.81 8.18 4.86
CA GLU A 41 -11.92 7.24 4.74
C GLU A 41 -11.66 5.99 5.59
N SER A 42 -10.40 5.63 5.73
CA SER A 42 -10.02 4.46 6.50
C SER A 42 -8.73 4.72 7.29
N GLU A 43 -8.87 4.92 8.59
CA GLU A 43 -7.72 5.18 9.46
C GLU A 43 -6.89 3.91 9.64
N GLY A 44 -5.58 4.04 9.40
CA GLY A 44 -4.69 2.90 9.55
C GLY A 44 -4.66 2.02 8.31
N TRP A 45 -4.89 2.63 7.16
CA TRP A 45 -4.90 1.90 5.90
C TRP A 45 -4.12 2.65 4.82
N TRP A 46 -3.64 1.92 3.82
CA TRP A 46 -2.88 2.52 2.74
C TRP A 46 -3.44 2.08 1.38
N LYS A 47 -3.62 3.05 0.48
CA LYS A 47 -4.14 2.77 -0.85
C LYS A 47 -3.01 2.40 -1.82
N CYS A 48 -2.83 1.11 -2.04
CA CYS A 48 -1.79 0.63 -2.93
C CYS A 48 -2.39 0.05 -4.22
N LEU A 49 -1.53 -0.25 -5.18
CA LEU A 49 -1.98 -0.81 -6.45
C LEU A 49 -1.26 -2.12 -6.76
N LEU A 50 -2.02 -3.17 -7.02
CA LEU A 50 -1.45 -4.47 -7.34
C LEU A 50 -2.33 -5.23 -8.32
N HIS A 51 -1.72 -5.73 -9.39
CA HIS A 51 -2.45 -6.49 -10.41
C HIS A 51 -3.78 -5.81 -10.73
N GLY A 52 -3.76 -4.48 -10.77
CA GLY A 52 -4.97 -3.73 -11.07
C GLY A 52 -6.03 -3.88 -10.00
N ARG A 53 -5.62 -3.71 -8.75
CA ARG A 53 -6.54 -3.83 -7.63
C ARG A 53 -7.03 -2.46 -7.18
N GLN A 54 -6.09 -1.58 -6.86
CA GLN A 54 -6.42 -0.23 -6.41
C GLN A 54 -7.25 -0.27 -5.13
N GLY A 55 -6.73 -0.97 -4.12
CA GLY A 55 -7.43 -1.08 -2.85
C GLY A 55 -6.58 -0.63 -1.68
N LEU A 56 -7.14 -0.69 -0.49
CA LEU A 56 -6.43 -0.28 0.73
C LEU A 56 -5.62 -1.45 1.30
N ALA A 57 -4.74 -1.14 2.24
CA ALA A 57 -3.92 -2.16 2.87
C ALA A 57 -3.54 -1.76 4.30
N PRO A 58 -3.49 -2.76 5.20
CA PRO A 58 -3.15 -2.53 6.61
C PRO A 58 -1.68 -2.16 6.79
N ALA A 59 -1.43 -0.88 7.04
CA ALA A 59 -0.07 -0.40 7.24
C ALA A 59 0.63 -1.17 8.35
N ASN A 60 -0.16 -1.85 9.18
CA ASN A 60 0.39 -2.64 10.28
C ASN A 60 1.06 -3.91 9.77
N ARG A 61 0.61 -4.38 8.62
CA ARG A 61 1.17 -5.58 8.01
C ARG A 61 2.08 -5.24 6.84
N LEU A 62 2.36 -3.96 6.67
CA LEU A 62 3.22 -3.48 5.60
C LEU A 62 4.60 -3.10 6.11
N GLN A 63 5.58 -3.08 5.23
CA GLN A 63 6.95 -2.73 5.60
C GLN A 63 7.50 -1.66 4.67
N ILE A 64 7.55 -0.42 5.16
CA ILE A 64 8.06 0.69 4.38
C ILE A 64 9.55 0.51 4.07
N LEU A 65 9.88 0.43 2.78
CA LEU A 65 11.26 0.26 2.36
C LEU A 65 11.79 1.54 1.70
N SER A 66 12.43 2.39 2.49
CA SER A 66 12.98 3.64 1.99
C SER A 66 14.39 3.88 2.54
N GLY A 67 15.07 4.86 1.97
CA GLY A 67 16.42 5.18 2.43
C GLY A 67 16.79 6.63 2.17
N PRO A 68 18.10 6.90 2.12
CA PRO A 68 18.61 8.26 1.88
C PRO A 68 18.36 8.74 0.46
N SER A 69 17.96 10.00 0.32
CA SER A 69 17.68 10.57 -0.99
C SER A 69 18.97 10.85 -1.74
N SER A 70 19.20 10.11 -2.82
CA SER A 70 20.39 10.28 -3.63
C SER A 70 20.34 9.40 -4.88
N GLY A 71 21.15 9.73 -5.87
CA GLY A 71 21.18 8.96 -7.10
C GLY A 71 22.58 8.82 -7.67
N GLY A 1 -1.11 14.52 -16.35
CA GLY A 1 -0.92 14.56 -14.91
C GLY A 1 0.31 15.36 -14.51
N SER A 2 1.18 14.73 -13.72
CA SER A 2 2.40 15.38 -13.27
C SER A 2 2.07 16.65 -12.48
N SER A 3 1.17 16.52 -11.51
CA SER A 3 0.77 17.66 -10.69
C SER A 3 1.30 17.51 -9.26
N GLY A 4 1.18 16.31 -8.72
CA GLY A 4 1.65 16.05 -7.37
C GLY A 4 1.19 14.71 -6.84
N SER A 5 1.42 13.66 -7.63
CA SER A 5 1.02 12.31 -7.23
C SER A 5 2.25 11.46 -6.89
N SER A 6 2.62 11.46 -5.62
CA SER A 6 3.77 10.69 -5.16
C SER A 6 3.52 9.20 -5.29
N GLY A 7 4.53 8.40 -4.96
CA GLY A 7 4.40 6.96 -5.05
C GLY A 7 5.46 6.23 -4.25
N LEU A 8 5.07 5.70 -3.10
CA LEU A 8 6.00 4.97 -2.24
C LEU A 8 5.86 3.46 -2.45
N LEU A 9 6.87 2.72 -2.00
CA LEU A 9 6.86 1.27 -2.13
C LEU A 9 6.93 0.59 -0.76
N ALA A 10 6.03 -0.35 -0.53
CA ALA A 10 5.98 -1.07 0.74
C ALA A 10 5.87 -2.57 0.51
N ARG A 11 6.42 -3.36 1.44
CA ARG A 11 6.37 -4.81 1.33
C ARG A 11 5.22 -5.38 2.15
N ALA A 12 4.88 -6.64 1.88
CA ALA A 12 3.79 -7.30 2.59
C ALA A 12 4.31 -8.42 3.47
N LEU A 13 4.45 -8.14 4.77
CA LEU A 13 4.93 -9.13 5.72
C LEU A 13 3.97 -10.30 5.84
N TYR A 14 2.68 -10.00 5.75
CA TYR A 14 1.65 -11.03 5.85
C TYR A 14 0.57 -10.83 4.79
N ASP A 15 -0.07 -11.93 4.39
CA ASP A 15 -1.12 -11.86 3.38
C ASP A 15 -2.42 -11.31 3.98
N ASN A 16 -3.19 -10.62 3.16
CA ASN A 16 -4.45 -10.03 3.60
C ASN A 16 -5.63 -10.66 2.88
N CYS A 17 -6.64 -11.08 3.64
CA CYS A 17 -7.83 -11.70 3.06
C CYS A 17 -9.03 -10.77 3.17
N PRO A 18 -9.12 -9.81 2.23
CA PRO A 18 -10.22 -8.84 2.21
C PRO A 18 -11.55 -9.48 1.82
N ASP A 19 -12.64 -8.73 2.00
CA ASP A 19 -13.97 -9.22 1.66
C ASP A 19 -14.65 -8.30 0.66
N CYS A 20 -14.28 -7.03 0.68
CA CYS A 20 -14.86 -6.04 -0.23
C CYS A 20 -13.80 -5.45 -1.13
N SER A 21 -14.19 -5.11 -2.37
CA SER A 21 -13.27 -4.53 -3.33
C SER A 21 -12.48 -3.38 -2.71
N ASP A 22 -13.17 -2.56 -1.93
CA ASP A 22 -12.53 -1.42 -1.27
C ASP A 22 -11.13 -1.78 -0.79
N GLU A 23 -11.04 -2.87 -0.02
CA GLU A 23 -9.75 -3.33 0.51
C GLU A 23 -8.90 -3.95 -0.60
N LEU A 24 -7.70 -4.38 -0.23
CA LEU A 24 -6.78 -4.99 -1.18
C LEU A 24 -6.44 -6.42 -0.77
N ALA A 25 -6.36 -7.31 -1.76
CA ALA A 25 -6.04 -8.72 -1.50
C ALA A 25 -4.65 -9.05 -2.01
N PHE A 26 -3.70 -9.16 -1.09
CA PHE A 26 -2.32 -9.48 -1.44
C PHE A 26 -1.77 -10.59 -0.55
N SER A 27 -0.62 -11.12 -0.92
CA SER A 27 0.02 -12.19 -0.14
C SER A 27 1.33 -11.72 0.48
N ARG A 28 1.96 -12.60 1.24
CA ARG A 28 3.22 -12.27 1.89
C ARG A 28 4.38 -12.31 0.90
N GLY A 29 5.20 -11.25 0.90
CA GLY A 29 6.33 -11.20 -0.01
C GLY A 29 5.99 -10.51 -1.32
N ASP A 30 5.02 -9.59 -1.27
CA ASP A 30 4.61 -8.87 -2.46
C ASP A 30 4.84 -7.36 -2.30
N ILE A 31 5.32 -6.72 -3.36
CA ILE A 31 5.59 -5.29 -3.33
C ILE A 31 4.35 -4.50 -3.71
N LEU A 32 3.90 -3.63 -2.82
CA LEU A 32 2.72 -2.81 -3.07
C LEU A 32 3.11 -1.35 -3.29
N THR A 33 2.49 -0.71 -4.28
CA THR A 33 2.77 0.68 -4.59
C THR A 33 1.84 1.62 -3.82
N ILE A 34 2.36 2.22 -2.76
CA ILE A 34 1.58 3.14 -1.93
C ILE A 34 1.29 4.43 -2.68
N LEU A 35 0.11 4.51 -3.29
CA LEU A 35 -0.29 5.71 -4.03
C LEU A 35 -0.38 6.92 -3.12
N GLU A 36 -1.16 6.79 -2.04
CA GLU A 36 -1.33 7.87 -1.08
C GLU A 36 -1.37 7.34 0.34
N GLN A 37 -0.69 8.03 1.25
CA GLN A 37 -0.65 7.62 2.66
C GLN A 37 -1.78 8.27 3.44
N HIS A 38 -2.09 9.53 3.10
CA HIS A 38 -3.15 10.26 3.78
C HIS A 38 -4.52 9.70 3.41
N VAL A 39 -5.05 8.83 4.25
CA VAL A 39 -6.36 8.23 4.01
C VAL A 39 -7.29 8.41 5.20
N PRO A 40 -8.09 9.49 5.17
CA PRO A 40 -9.03 9.79 6.25
C PRO A 40 -10.19 8.81 6.31
N GLU A 41 -10.48 8.16 5.18
CA GLU A 41 -11.56 7.19 5.11
C GLU A 41 -11.27 5.97 5.99
N SER A 42 -9.98 5.66 6.13
CA SER A 42 -9.57 4.52 6.95
C SER A 42 -8.36 4.88 7.81
N GLU A 43 -8.48 4.66 9.11
CA GLU A 43 -7.39 4.95 10.04
C GLU A 43 -6.39 3.80 10.10
N GLY A 44 -5.21 4.02 9.53
CA GLY A 44 -4.19 2.99 9.54
C GLY A 44 -4.25 2.11 8.30
N TRP A 45 -4.58 2.72 7.16
CA TRP A 45 -4.67 1.98 5.91
C TRP A 45 -3.95 2.72 4.78
N TRP A 46 -3.55 1.99 3.75
CA TRP A 46 -2.86 2.57 2.62
C TRP A 46 -3.44 2.08 1.30
N LYS A 47 -3.63 3.00 0.36
CA LYS A 47 -4.19 2.66 -0.94
C LYS A 47 -3.08 2.24 -1.91
N CYS A 48 -2.91 0.94 -2.06
CA CYS A 48 -1.89 0.41 -2.96
C CYS A 48 -2.52 -0.15 -4.24
N LEU A 49 -1.69 -0.35 -5.26
CA LEU A 49 -2.17 -0.87 -6.53
C LEU A 49 -1.43 -2.15 -6.91
N LEU A 50 -2.20 -3.22 -7.12
CA LEU A 50 -1.62 -4.51 -7.49
C LEU A 50 -2.53 -5.26 -8.45
N HIS A 51 -1.95 -5.73 -9.55
CA HIS A 51 -2.71 -6.47 -10.55
C HIS A 51 -4.08 -5.84 -10.78
N GLY A 52 -4.12 -4.51 -10.84
CA GLY A 52 -5.37 -3.81 -11.05
C GLY A 52 -6.33 -3.99 -9.88
N ARG A 53 -5.82 -3.78 -8.66
CA ARG A 53 -6.64 -3.92 -7.47
C ARG A 53 -7.15 -2.56 -6.99
N GLN A 54 -6.22 -1.66 -6.71
CA GLN A 54 -6.57 -0.31 -6.25
C GLN A 54 -7.38 -0.39 -4.97
N GLY A 55 -6.85 -1.09 -3.97
CA GLY A 55 -7.53 -1.22 -2.69
C GLY A 55 -6.67 -0.76 -1.53
N LEU A 56 -7.28 -0.70 -0.34
CA LEU A 56 -6.57 -0.28 0.85
C LEU A 56 -5.78 -1.43 1.46
N ALA A 57 -4.88 -1.12 2.38
CA ALA A 57 -4.06 -2.13 3.04
C ALA A 57 -3.66 -1.67 4.44
N PRO A 58 -3.62 -2.63 5.38
CA PRO A 58 -3.24 -2.36 6.77
C PRO A 58 -1.77 -2.01 6.92
N ALA A 59 -1.47 -0.75 7.19
CA ALA A 59 -0.10 -0.30 7.35
C ALA A 59 0.62 -1.10 8.43
N ASN A 60 -0.15 -1.82 9.25
CA ASN A 60 0.41 -2.63 10.32
C ASN A 60 1.08 -3.87 9.76
N ARG A 61 0.64 -4.30 8.57
CA ARG A 61 1.20 -5.48 7.93
C ARG A 61 2.10 -5.09 6.77
N LEU A 62 2.36 -3.80 6.64
CA LEU A 62 3.21 -3.29 5.56
C LEU A 62 4.59 -2.91 6.09
N GLN A 63 5.58 -2.91 5.21
CA GLN A 63 6.94 -2.57 5.59
C GLN A 63 7.52 -1.50 4.65
N ILE A 64 7.49 -0.26 5.10
CA ILE A 64 8.01 0.85 4.31
C ILE A 64 9.49 0.65 3.98
N LEU A 65 9.82 0.71 2.69
CA LEU A 65 11.20 0.54 2.25
C LEU A 65 11.83 1.89 1.92
N SER A 66 12.56 2.45 2.89
CA SER A 66 13.22 3.73 2.69
C SER A 66 14.73 3.56 2.60
N GLY A 67 15.24 3.51 1.37
CA GLY A 67 16.67 3.36 1.16
C GLY A 67 17.28 2.36 2.13
N PRO A 68 18.60 2.46 2.32
CA PRO A 68 19.34 1.58 3.23
C PRO A 68 19.00 1.83 4.69
N SER A 69 19.81 1.27 5.59
CA SER A 69 19.60 1.43 7.02
C SER A 69 19.04 2.82 7.33
N SER A 70 19.67 3.84 6.78
CA SER A 70 19.23 5.21 7.00
C SER A 70 17.72 5.33 6.92
N GLY A 71 17.16 6.29 7.65
CA GLY A 71 15.72 6.48 7.64
C GLY A 71 15.20 7.00 8.96
N GLY A 1 5.46 16.68 -8.12
CA GLY A 1 4.95 17.34 -9.30
C GLY A 1 3.57 16.83 -9.68
N SER A 2 3.19 17.04 -10.94
CA SER A 2 1.89 16.61 -11.43
C SER A 2 2.03 15.52 -12.49
N SER A 3 0.90 14.97 -12.92
CA SER A 3 0.90 13.92 -13.93
C SER A 3 1.64 12.68 -13.42
N GLY A 4 1.39 12.32 -12.17
CA GLY A 4 2.05 11.16 -11.59
C GLY A 4 2.47 11.39 -10.16
N SER A 5 1.71 10.85 -9.22
CA SER A 5 2.02 11.00 -7.79
C SER A 5 3.34 10.33 -7.45
N SER A 6 3.88 10.66 -6.28
CA SER A 6 5.14 10.09 -5.83
C SER A 6 5.06 8.57 -5.75
N GLY A 7 3.99 8.08 -5.12
CA GLY A 7 3.80 6.65 -4.98
C GLY A 7 4.99 5.97 -4.29
N LEU A 8 4.77 5.50 -3.07
CA LEU A 8 5.81 4.83 -2.31
C LEU A 8 5.78 3.32 -2.54
N LEU A 9 6.78 2.63 -2.01
CA LEU A 9 6.86 1.17 -2.15
C LEU A 9 7.04 0.51 -0.79
N ALA A 10 6.21 -0.50 -0.52
CA ALA A 10 6.28 -1.23 0.74
C ALA A 10 6.23 -2.73 0.51
N ARG A 11 6.57 -3.51 1.54
CA ARG A 11 6.56 -4.95 1.45
C ARG A 11 5.38 -5.54 2.22
N ALA A 12 5.02 -6.78 1.90
CA ALA A 12 3.91 -7.45 2.56
C ALA A 12 4.41 -8.60 3.43
N LEU A 13 4.51 -8.35 4.73
CA LEU A 13 4.97 -9.37 5.67
C LEU A 13 3.96 -10.51 5.78
N TYR A 14 2.68 -10.18 5.77
CA TYR A 14 1.62 -11.17 5.86
C TYR A 14 0.55 -10.92 4.81
N ASP A 15 -0.07 -12.00 4.33
CA ASP A 15 -1.11 -11.91 3.31
C ASP A 15 -2.41 -11.41 3.92
N ASN A 16 -3.18 -10.68 3.12
CA ASN A 16 -4.45 -10.12 3.58
C ASN A 16 -5.61 -10.69 2.77
N CYS A 17 -6.67 -11.08 3.46
CA CYS A 17 -7.86 -11.64 2.81
C CYS A 17 -9.05 -10.69 2.93
N PRO A 18 -9.10 -9.69 2.04
CA PRO A 18 -10.18 -8.69 2.03
C PRO A 18 -11.51 -9.29 1.57
N ASP A 19 -12.58 -8.55 1.81
CA ASP A 19 -13.92 -9.01 1.43
C ASP A 19 -14.61 -7.98 0.55
N CYS A 20 -14.21 -6.72 0.69
CA CYS A 20 -14.79 -5.63 -0.11
C CYS A 20 -13.74 -4.97 -0.98
N SER A 21 -14.09 -4.71 -2.24
CA SER A 21 -13.17 -4.09 -3.18
C SER A 21 -12.34 -3.01 -2.50
N ASP A 22 -13.00 -2.24 -1.63
CA ASP A 22 -12.32 -1.16 -0.91
C ASP A 22 -10.90 -1.58 -0.52
N GLU A 23 -10.80 -2.65 0.27
CA GLU A 23 -9.52 -3.15 0.73
C GLU A 23 -8.71 -3.71 -0.44
N LEU A 24 -7.53 -4.22 -0.14
CA LEU A 24 -6.66 -4.80 -1.17
C LEU A 24 -6.28 -6.24 -0.82
N ALA A 25 -6.26 -7.09 -1.83
CA ALA A 25 -5.91 -8.49 -1.64
C ALA A 25 -4.50 -8.79 -2.14
N PHE A 26 -3.56 -8.90 -1.20
CA PHE A 26 -2.17 -9.18 -1.54
C PHE A 26 -1.62 -10.33 -0.69
N SER A 27 -0.56 -10.95 -1.18
CA SER A 27 0.06 -12.06 -0.48
C SER A 27 1.45 -11.68 0.05
N ARG A 28 1.92 -12.44 1.03
CA ARG A 28 3.23 -12.16 1.63
C ARG A 28 4.32 -12.19 0.57
N GLY A 29 5.32 -11.32 0.72
CA GLY A 29 6.40 -11.25 -0.23
C GLY A 29 6.01 -10.56 -1.52
N ASP A 30 5.09 -9.60 -1.42
CA ASP A 30 4.63 -8.87 -2.59
C ASP A 30 4.86 -7.38 -2.43
N ILE A 31 5.33 -6.73 -3.49
CA ILE A 31 5.60 -5.31 -3.46
C ILE A 31 4.35 -4.50 -3.79
N LEU A 32 3.91 -3.68 -2.83
CA LEU A 32 2.72 -2.85 -3.03
C LEU A 32 3.10 -1.39 -3.21
N THR A 33 2.51 -0.75 -4.22
CA THR A 33 2.78 0.65 -4.50
C THR A 33 1.80 1.57 -3.77
N ILE A 34 2.22 2.11 -2.64
CA ILE A 34 1.38 3.01 -1.86
C ILE A 34 1.03 4.26 -2.64
N LEU A 35 -0.14 4.27 -3.28
CA LEU A 35 -0.58 5.42 -4.06
C LEU A 35 -0.68 6.67 -3.19
N GLU A 36 -1.42 6.56 -2.08
CA GLU A 36 -1.59 7.68 -1.17
C GLU A 36 -1.54 7.21 0.28
N GLN A 37 -0.81 7.93 1.12
CA GLN A 37 -0.68 7.59 2.53
C GLN A 37 -1.83 8.19 3.34
N HIS A 38 -2.21 9.42 3.00
CA HIS A 38 -3.29 10.10 3.70
C HIS A 38 -4.64 9.48 3.36
N VAL A 39 -5.14 8.64 4.25
CA VAL A 39 -6.43 7.97 4.04
C VAL A 39 -7.36 8.19 5.22
N PRO A 40 -8.20 9.23 5.13
CA PRO A 40 -9.16 9.57 6.19
C PRO A 40 -10.28 8.54 6.30
N GLU A 41 -10.76 8.07 5.15
CA GLU A 41 -11.84 7.09 5.12
C GLU A 41 -11.48 5.86 5.96
N SER A 42 -10.19 5.69 6.21
CA SER A 42 -9.71 4.55 6.99
C SER A 42 -8.47 4.93 7.81
N GLU A 43 -8.62 4.95 9.12
CA GLU A 43 -7.52 5.30 10.01
C GLU A 43 -6.55 4.13 10.15
N GLY A 44 -5.47 4.16 9.39
CA GLY A 44 -4.48 3.11 9.44
C GLY A 44 -4.53 2.21 8.23
N TRP A 45 -4.73 2.80 7.06
CA TRP A 45 -4.81 2.04 5.81
C TRP A 45 -4.13 2.80 4.67
N TRP A 46 -3.56 2.05 3.73
CA TRP A 46 -2.87 2.65 2.59
C TRP A 46 -3.45 2.14 1.28
N LYS A 47 -3.68 3.05 0.34
CA LYS A 47 -4.23 2.69 -0.97
C LYS A 47 -3.12 2.29 -1.94
N CYS A 48 -2.89 0.99 -2.04
CA CYS A 48 -1.86 0.47 -2.94
C CYS A 48 -2.47 -0.13 -4.19
N LEU A 49 -1.64 -0.41 -5.18
CA LEU A 49 -2.10 -0.99 -6.45
C LEU A 49 -1.41 -2.31 -6.73
N LEU A 50 -2.20 -3.35 -6.98
CA LEU A 50 -1.66 -4.68 -7.27
C LEU A 50 -2.56 -5.43 -8.24
N HIS A 51 -1.96 -5.98 -9.29
CA HIS A 51 -2.71 -6.73 -10.29
C HIS A 51 -4.06 -6.08 -10.56
N GLY A 52 -4.06 -4.76 -10.65
CA GLY A 52 -5.29 -4.03 -10.90
C GLY A 52 -6.28 -4.13 -9.75
N ARG A 53 -5.79 -3.91 -8.54
CA ARG A 53 -6.62 -3.97 -7.35
C ARG A 53 -7.14 -2.60 -6.97
N GLN A 54 -6.22 -1.69 -6.64
CA GLN A 54 -6.59 -0.33 -6.25
C GLN A 54 -7.43 -0.34 -4.99
N GLY A 55 -6.92 -0.97 -3.94
CA GLY A 55 -7.64 -1.04 -2.68
C GLY A 55 -6.81 -0.57 -1.51
N LEU A 56 -7.34 -0.71 -0.31
CA LEU A 56 -6.65 -0.30 0.91
C LEU A 56 -5.81 -1.43 1.47
N ALA A 57 -4.87 -1.09 2.36
CA ALA A 57 -4.00 -2.09 2.98
C ALA A 57 -3.61 -1.66 4.38
N PRO A 58 -3.52 -2.64 5.30
CA PRO A 58 -3.15 -2.40 6.69
C PRO A 58 -1.70 -2.01 6.85
N ALA A 59 -1.45 -0.72 7.07
CA ALA A 59 -0.09 -0.21 7.23
C ALA A 59 0.64 -0.95 8.34
N ASN A 60 -0.12 -1.67 9.17
CA ASN A 60 0.45 -2.42 10.28
C ASN A 60 1.15 -3.69 9.77
N ARG A 61 0.72 -4.16 8.61
CA ARG A 61 1.29 -5.36 8.01
C ARG A 61 2.22 -5.00 6.86
N LEU A 62 2.49 -3.71 6.70
CA LEU A 62 3.36 -3.24 5.63
C LEU A 62 4.73 -2.84 6.19
N GLN A 63 5.75 -2.95 5.36
CA GLN A 63 7.11 -2.59 5.77
C GLN A 63 7.69 -1.52 4.84
N ILE A 64 7.65 -0.28 5.28
CA ILE A 64 8.18 0.83 4.51
C ILE A 64 9.68 0.70 4.30
N LEU A 65 10.10 0.60 3.05
CA LEU A 65 11.52 0.47 2.72
C LEU A 65 12.12 1.81 2.32
N SER A 66 13.40 1.82 1.98
CA SER A 66 14.09 3.04 1.58
C SER A 66 14.87 2.83 0.29
N GLY A 67 15.50 1.66 0.17
CA GLY A 67 16.28 1.35 -1.02
C GLY A 67 16.64 -0.11 -1.10
N PRO A 68 17.25 -0.51 -2.24
CA PRO A 68 17.67 -1.90 -2.47
C PRO A 68 18.83 -2.31 -1.58
N SER A 69 19.77 -1.40 -1.39
CA SER A 69 20.94 -1.68 -0.56
C SER A 69 20.91 -0.83 0.71
N SER A 70 20.96 -1.51 1.86
CA SER A 70 20.92 -0.82 3.15
C SER A 70 21.93 -1.46 4.12
N GLY A 71 22.33 -0.69 5.13
CA GLY A 71 23.27 -1.19 6.11
C GLY A 71 24.51 -1.78 5.46
N GLY A 1 2.13 18.94 -14.06
CA GLY A 1 3.22 19.71 -13.50
C GLY A 1 4.11 18.88 -12.60
N SER A 2 5.35 19.35 -12.41
CA SER A 2 6.31 18.64 -11.57
C SER A 2 5.67 18.20 -10.26
N SER A 3 5.06 19.15 -9.57
CA SER A 3 4.41 18.86 -8.29
C SER A 3 3.29 17.83 -8.46
N GLY A 4 3.57 16.61 -8.04
CA GLY A 4 2.59 15.54 -8.17
C GLY A 4 2.95 14.32 -7.34
N SER A 5 2.09 13.31 -7.36
CA SER A 5 2.31 12.08 -6.61
C SER A 5 3.69 11.50 -6.94
N SER A 6 4.18 10.63 -6.07
CA SER A 6 5.47 9.99 -6.27
C SER A 6 5.34 8.47 -6.28
N GLY A 7 4.55 7.94 -5.36
CA GLY A 7 4.36 6.50 -5.28
C GLY A 7 5.45 5.81 -4.49
N LEU A 8 5.13 5.45 -3.25
CA LEU A 8 6.09 4.78 -2.37
C LEU A 8 6.06 3.27 -2.60
N LEU A 9 7.00 2.57 -1.99
CA LEU A 9 7.09 1.11 -2.11
C LEU A 9 7.10 0.45 -0.74
N ALA A 10 6.20 -0.53 -0.56
CA ALA A 10 6.10 -1.24 0.70
C ALA A 10 5.97 -2.74 0.47
N ARG A 11 6.56 -3.54 1.36
CA ARG A 11 6.50 -4.98 1.26
C ARG A 11 5.35 -5.54 2.08
N ALA A 12 4.99 -6.80 1.81
CA ALA A 12 3.90 -7.45 2.53
C ALA A 12 4.42 -8.58 3.41
N LEU A 13 4.56 -8.29 4.70
CA LEU A 13 5.06 -9.27 5.65
C LEU A 13 4.06 -10.42 5.84
N TYR A 14 2.79 -10.12 5.59
CA TYR A 14 1.73 -11.11 5.72
C TYR A 14 0.67 -10.93 4.64
N ASP A 15 -0.01 -12.03 4.29
CA ASP A 15 -1.04 -11.98 3.28
C ASP A 15 -2.36 -11.48 3.86
N ASN A 16 -3.07 -10.67 3.09
CA ASN A 16 -4.34 -10.11 3.53
C ASN A 16 -5.50 -10.71 2.75
N CYS A 17 -6.49 -11.22 3.46
CA CYS A 17 -7.66 -11.84 2.84
C CYS A 17 -8.89 -10.95 3.00
N PRO A 18 -9.01 -9.93 2.13
CA PRO A 18 -10.14 -9.00 2.16
C PRO A 18 -11.44 -9.65 1.72
N ASP A 19 -12.56 -8.96 1.98
CA ASP A 19 -13.86 -9.47 1.62
C ASP A 19 -14.58 -8.49 0.68
N CYS A 20 -14.19 -7.23 0.73
CA CYS A 20 -14.80 -6.21 -0.11
C CYS A 20 -13.78 -5.61 -1.07
N SER A 21 -14.27 -4.95 -2.11
CA SER A 21 -13.39 -4.35 -3.10
C SER A 21 -12.53 -3.24 -2.48
N ASP A 22 -13.11 -2.53 -1.52
CA ASP A 22 -12.40 -1.45 -0.84
C ASP A 22 -11.00 -1.89 -0.44
N GLU A 23 -10.93 -2.94 0.37
CA GLU A 23 -9.64 -3.47 0.83
C GLU A 23 -8.85 -4.05 -0.33
N LEU A 24 -7.58 -4.35 -0.08
CA LEU A 24 -6.71 -4.91 -1.10
C LEU A 24 -6.37 -6.36 -0.78
N ALA A 25 -6.24 -7.18 -1.82
CA ALA A 25 -5.92 -8.59 -1.65
C ALA A 25 -4.50 -8.89 -2.13
N PHE A 26 -3.58 -9.03 -1.18
CA PHE A 26 -2.18 -9.31 -1.52
C PHE A 26 -1.63 -10.44 -0.64
N SER A 27 -0.60 -11.11 -1.13
CA SER A 27 0.01 -12.20 -0.39
C SER A 27 1.34 -11.77 0.23
N ARG A 28 1.98 -12.69 0.95
CA ARG A 28 3.25 -12.40 1.60
C ARG A 28 4.39 -12.40 0.58
N GLY A 29 5.26 -11.39 0.67
CA GLY A 29 6.38 -11.29 -0.24
C GLY A 29 6.04 -10.52 -1.50
N ASP A 30 4.96 -9.76 -1.45
CA ASP A 30 4.52 -8.97 -2.60
C ASP A 30 4.79 -7.48 -2.37
N ILE A 31 5.22 -6.79 -3.41
CA ILE A 31 5.51 -5.37 -3.33
C ILE A 31 4.29 -4.54 -3.68
N LEU A 32 3.83 -3.72 -2.73
CA LEU A 32 2.67 -2.87 -2.95
C LEU A 32 3.08 -1.42 -3.14
N THR A 33 2.50 -0.77 -4.13
CA THR A 33 2.80 0.63 -4.43
C THR A 33 1.84 1.56 -3.71
N ILE A 34 2.30 2.13 -2.59
CA ILE A 34 1.49 3.05 -1.81
C ILE A 34 1.15 4.31 -2.61
N LEU A 35 -0.05 4.33 -3.18
CA LEU A 35 -0.49 5.47 -3.97
C LEU A 35 -0.64 6.71 -3.10
N GLU A 36 -1.27 6.55 -1.94
CA GLU A 36 -1.47 7.65 -1.02
C GLU A 36 -1.37 7.18 0.43
N GLN A 37 -0.66 7.94 1.25
CA GLN A 37 -0.48 7.60 2.67
C GLN A 37 -1.60 8.22 3.50
N HIS A 38 -1.97 9.45 3.19
CA HIS A 38 -3.02 10.15 3.91
C HIS A 38 -4.39 9.62 3.54
N VAL A 39 -4.95 8.78 4.41
CA VAL A 39 -6.27 8.19 4.16
C VAL A 39 -7.24 8.52 5.28
N PRO A 40 -8.01 9.61 5.11
CA PRO A 40 -8.99 10.06 6.10
C PRO A 40 -10.19 9.11 6.21
N GLU A 41 -10.69 8.68 5.06
CA GLU A 41 -11.83 7.77 5.03
C GLU A 41 -11.57 6.53 5.88
N SER A 42 -10.33 6.06 5.85
CA SER A 42 -9.95 4.88 6.62
C SER A 42 -8.66 5.14 7.41
N GLU A 43 -8.77 5.08 8.74
CA GLU A 43 -7.63 5.31 9.61
C GLU A 43 -6.80 4.05 9.76
N GLY A 44 -5.50 4.16 9.49
CA GLY A 44 -4.62 3.02 9.60
C GLY A 44 -4.63 2.15 8.36
N TRP A 45 -4.89 2.76 7.21
CA TRP A 45 -4.94 2.03 5.95
C TRP A 45 -4.16 2.76 4.86
N TRP A 46 -3.71 2.04 3.85
CA TRP A 46 -2.96 2.62 2.76
C TRP A 46 -3.52 2.17 1.41
N LYS A 47 -3.65 3.11 0.48
CA LYS A 47 -4.17 2.81 -0.84
C LYS A 47 -3.06 2.38 -1.79
N CYS A 48 -2.91 1.06 -1.94
CA CYS A 48 -1.88 0.52 -2.81
C CYS A 48 -2.49 -0.04 -4.09
N LEU A 49 -1.65 -0.23 -5.11
CA LEU A 49 -2.11 -0.76 -6.39
C LEU A 49 -1.40 -2.08 -6.72
N LEU A 50 -2.20 -3.10 -7.04
CA LEU A 50 -1.66 -4.41 -7.37
C LEU A 50 -2.59 -5.15 -8.33
N HIS A 51 -2.00 -5.78 -9.34
CA HIS A 51 -2.77 -6.52 -10.33
C HIS A 51 -4.12 -5.86 -10.58
N GLY A 52 -4.11 -4.53 -10.71
CA GLY A 52 -5.33 -3.80 -10.95
C GLY A 52 -6.34 -3.95 -9.82
N ARG A 53 -5.89 -3.71 -8.60
CA ARG A 53 -6.76 -3.83 -7.43
C ARG A 53 -7.23 -2.46 -6.96
N GLN A 54 -6.29 -1.56 -6.72
CA GLN A 54 -6.61 -0.22 -6.26
C GLN A 54 -7.42 -0.26 -4.96
N GLY A 55 -6.90 -0.97 -3.98
CA GLY A 55 -7.59 -1.08 -2.70
C GLY A 55 -6.75 -0.60 -1.53
N LEU A 56 -7.29 -0.68 -0.33
CA LEU A 56 -6.58 -0.25 0.87
C LEU A 56 -5.76 -1.39 1.45
N ALA A 57 -4.78 -1.04 2.27
CA ALA A 57 -3.92 -2.04 2.90
C ALA A 57 -3.56 -1.64 4.33
N PRO A 58 -3.50 -2.63 5.23
CA PRO A 58 -3.16 -2.40 6.64
C PRO A 58 -1.70 -2.00 6.82
N ALA A 59 -1.48 -0.73 7.17
CA ALA A 59 -0.13 -0.22 7.39
C ALA A 59 0.58 -1.00 8.50
N ASN A 60 -0.19 -1.80 9.24
CA ASN A 60 0.37 -2.59 10.33
C ASN A 60 1.06 -3.84 9.79
N ARG A 61 0.67 -4.24 8.58
CA ARG A 61 1.26 -5.43 7.95
C ARG A 61 2.17 -5.03 6.80
N LEU A 62 2.35 -3.74 6.60
CA LEU A 62 3.19 -3.22 5.53
C LEU A 62 4.54 -2.74 6.08
N GLN A 63 5.57 -2.84 5.26
CA GLN A 63 6.91 -2.42 5.66
C GLN A 63 7.45 -1.35 4.72
N ILE A 64 7.43 -0.10 5.17
CA ILE A 64 7.91 1.01 4.37
C ILE A 64 9.42 0.92 4.14
N LEU A 65 9.83 0.82 2.88
CA LEU A 65 11.23 0.73 2.54
C LEU A 65 11.88 2.11 2.48
N SER A 66 13.20 2.15 2.56
CA SER A 66 13.94 3.41 2.52
C SER A 66 15.44 3.15 2.41
N GLY A 67 16.05 3.69 1.36
CA GLY A 67 17.47 3.51 1.16
C GLY A 67 17.84 3.41 -0.31
N PRO A 68 17.94 2.17 -0.81
CA PRO A 68 18.28 1.91 -2.21
C PRO A 68 17.18 2.32 -3.17
N SER A 69 17.53 3.15 -4.15
CA SER A 69 16.56 3.62 -5.14
C SER A 69 15.79 2.46 -5.73
N SER A 70 16.51 1.51 -6.33
CA SER A 70 15.88 0.34 -6.95
C SER A 70 15.48 -0.68 -5.89
N GLY A 71 14.25 -1.18 -6.00
CA GLY A 71 13.77 -2.17 -5.05
C GLY A 71 14.55 -3.47 -5.11
N GLY A 1 3.06 18.20 -17.10
CA GLY A 1 2.68 17.38 -15.97
C GLY A 1 1.35 17.80 -15.37
N SER A 2 0.47 16.83 -15.12
CA SER A 2 -0.83 17.11 -14.55
C SER A 2 -0.75 17.22 -13.03
N SER A 3 -0.01 16.30 -12.41
CA SER A 3 0.15 16.29 -10.97
C SER A 3 1.26 15.32 -10.55
N GLY A 4 1.88 15.60 -9.41
CA GLY A 4 2.94 14.75 -8.92
C GLY A 4 2.52 13.93 -7.72
N SER A 5 1.96 12.75 -7.99
CA SER A 5 1.50 11.87 -6.92
C SER A 5 2.68 11.13 -6.27
N SER A 6 2.80 11.27 -4.96
CA SER A 6 3.89 10.63 -4.23
C SER A 6 3.61 9.15 -4.03
N GLY A 7 4.05 8.32 -4.97
CA GLY A 7 3.84 6.90 -4.88
C GLY A 7 4.98 6.17 -4.19
N LEU A 8 4.70 5.64 -3.00
CA LEU A 8 5.72 4.92 -2.23
C LEU A 8 5.64 3.42 -2.49
N LEU A 9 6.62 2.69 -1.97
CA LEU A 9 6.65 1.24 -2.14
C LEU A 9 6.86 0.54 -0.81
N ALA A 10 5.99 -0.41 -0.50
CA ALA A 10 6.08 -1.17 0.75
C ALA A 10 5.92 -2.66 0.50
N ARG A 11 6.47 -3.46 1.40
CA ARG A 11 6.41 -4.92 1.28
C ARG A 11 5.27 -5.48 2.14
N ALA A 12 4.89 -6.73 1.87
CA ALA A 12 3.82 -7.38 2.61
C ALA A 12 4.36 -8.51 3.47
N LEU A 13 4.54 -8.24 4.76
CA LEU A 13 5.07 -9.25 5.68
C LEU A 13 4.05 -10.36 5.89
N TYR A 14 2.79 -10.08 5.61
CA TYR A 14 1.73 -11.06 5.77
C TYR A 14 0.66 -10.88 4.69
N ASP A 15 -0.01 -11.98 4.35
CA ASP A 15 -1.06 -11.95 3.34
C ASP A 15 -2.37 -11.42 3.92
N ASN A 16 -3.05 -10.55 3.17
CA ASN A 16 -4.30 -9.97 3.62
C ASN A 16 -5.47 -10.61 2.89
N CYS A 17 -6.49 -11.03 3.64
CA CYS A 17 -7.68 -11.65 3.07
C CYS A 17 -8.89 -10.74 3.19
N PRO A 18 -9.00 -9.77 2.27
CA PRO A 18 -10.12 -8.81 2.27
C PRO A 18 -11.44 -9.46 1.89
N ASP A 19 -12.52 -8.72 2.07
CA ASP A 19 -13.86 -9.22 1.74
C ASP A 19 -14.56 -8.30 0.76
N CYS A 20 -14.20 -7.02 0.79
CA CYS A 20 -14.80 -6.03 -0.10
C CYS A 20 -13.75 -5.41 -1.01
N SER A 21 -14.13 -5.15 -2.26
CA SER A 21 -13.21 -4.56 -3.22
C SER A 21 -12.39 -3.45 -2.59
N ASP A 22 -13.04 -2.63 -1.77
CA ASP A 22 -12.37 -1.53 -1.08
C ASP A 22 -10.96 -1.92 -0.67
N GLU A 23 -10.86 -2.92 0.20
CA GLU A 23 -9.57 -3.39 0.68
C GLU A 23 -8.75 -4.01 -0.46
N LEU A 24 -7.54 -4.44 -0.15
CA LEU A 24 -6.66 -5.05 -1.15
C LEU A 24 -6.26 -6.46 -0.72
N ALA A 25 -6.09 -7.35 -1.70
CA ALA A 25 -5.70 -8.72 -1.44
C ALA A 25 -4.30 -9.02 -1.98
N PHE A 26 -3.33 -9.10 -1.09
CA PHE A 26 -1.95 -9.37 -1.47
C PHE A 26 -1.36 -10.52 -0.65
N SER A 27 -0.40 -11.22 -1.24
CA SER A 27 0.23 -12.35 -0.56
C SER A 27 1.60 -11.96 -0.02
N ARG A 28 2.13 -12.78 0.89
CA ARG A 28 3.43 -12.51 1.49
C ARG A 28 4.51 -12.39 0.42
N GLY A 29 5.35 -11.37 0.53
CA GLY A 29 6.41 -11.16 -0.44
C GLY A 29 5.94 -10.42 -1.67
N ASP A 30 5.00 -9.49 -1.47
CA ASP A 30 4.46 -8.71 -2.59
C ASP A 30 4.62 -7.23 -2.33
N ILE A 31 5.35 -6.55 -3.20
CA ILE A 31 5.59 -5.12 -3.07
C ILE A 31 4.38 -4.32 -3.52
N LEU A 32 3.70 -3.70 -2.56
CA LEU A 32 2.52 -2.90 -2.85
C LEU A 32 2.88 -1.43 -3.08
N THR A 33 2.36 -0.86 -4.16
CA THR A 33 2.63 0.53 -4.49
C THR A 33 1.67 1.47 -3.76
N ILE A 34 2.12 2.03 -2.64
CA ILE A 34 1.30 2.95 -1.87
C ILE A 34 0.99 4.21 -2.65
N LEU A 35 -0.18 4.23 -3.29
CA LEU A 35 -0.61 5.38 -4.08
C LEU A 35 -0.66 6.64 -3.21
N GLU A 36 -1.22 6.50 -2.01
CA GLU A 36 -1.33 7.62 -1.10
C GLU A 36 -1.38 7.15 0.35
N GLN A 37 -0.50 7.69 1.18
CA GLN A 37 -0.44 7.32 2.59
C GLN A 37 -1.52 8.02 3.39
N HIS A 38 -1.81 9.27 3.02
CA HIS A 38 -2.82 10.06 3.71
C HIS A 38 -4.22 9.58 3.35
N VAL A 39 -4.84 8.84 4.26
CA VAL A 39 -6.18 8.31 4.05
C VAL A 39 -7.11 8.67 5.20
N PRO A 40 -7.84 9.78 5.05
CA PRO A 40 -8.78 10.26 6.07
C PRO A 40 -10.00 9.35 6.21
N GLU A 41 -10.47 8.84 5.07
CA GLU A 41 -11.64 7.96 5.06
C GLU A 41 -11.37 6.70 5.86
N SER A 42 -10.09 6.43 6.14
CA SER A 42 -9.71 5.26 6.90
C SER A 42 -8.30 5.40 7.46
N GLU A 43 -8.20 5.50 8.78
CA GLU A 43 -6.91 5.65 9.44
C GLU A 43 -6.25 4.29 9.65
N GLY A 44 -4.97 4.19 9.30
CA GLY A 44 -4.24 2.95 9.47
C GLY A 44 -4.11 2.18 8.16
N TRP A 45 -5.08 2.36 7.27
CA TRP A 45 -5.07 1.67 5.99
C TRP A 45 -4.30 2.48 4.95
N TRP A 46 -3.89 1.80 3.88
CA TRP A 46 -3.15 2.46 2.81
C TRP A 46 -3.68 2.06 1.44
N LYS A 47 -3.80 3.02 0.54
CA LYS A 47 -4.30 2.76 -0.80
C LYS A 47 -3.16 2.34 -1.73
N CYS A 48 -3.04 1.04 -1.97
CA CYS A 48 -2.00 0.52 -2.84
C CYS A 48 -2.59 -0.07 -4.13
N LEU A 49 -1.76 -0.21 -5.15
CA LEU A 49 -2.20 -0.74 -6.43
C LEU A 49 -1.45 -2.04 -6.77
N LEU A 50 -2.20 -3.07 -7.11
CA LEU A 50 -1.61 -4.36 -7.46
C LEU A 50 -2.49 -5.12 -8.45
N HIS A 51 -1.87 -5.64 -9.51
CA HIS A 51 -2.59 -6.39 -10.52
C HIS A 51 -3.93 -5.72 -10.83
N GLY A 52 -3.95 -4.40 -10.84
CA GLY A 52 -5.17 -3.66 -11.12
C GLY A 52 -6.23 -3.89 -10.06
N ARG A 53 -5.87 -3.69 -8.80
CA ARG A 53 -6.79 -3.87 -7.70
C ARG A 53 -7.28 -2.52 -7.17
N GLN A 54 -6.33 -1.68 -6.76
CA GLN A 54 -6.66 -0.36 -6.24
C GLN A 54 -7.48 -0.47 -4.95
N GLY A 55 -6.96 -1.23 -3.99
CA GLY A 55 -7.65 -1.41 -2.72
C GLY A 55 -6.83 -0.94 -1.55
N LEU A 56 -7.45 -0.92 -0.37
CA LEU A 56 -6.76 -0.49 0.85
C LEU A 56 -5.94 -1.63 1.44
N ALA A 57 -5.00 -1.28 2.32
CA ALA A 57 -4.15 -2.27 2.97
C ALA A 57 -3.77 -1.83 4.38
N PRO A 58 -3.68 -2.80 5.30
CA PRO A 58 -3.32 -2.53 6.70
C PRO A 58 -1.86 -2.13 6.85
N ALA A 59 -1.62 -0.85 7.09
CA ALA A 59 -0.27 -0.34 7.27
C ALA A 59 0.46 -1.08 8.38
N ASN A 60 -0.29 -1.85 9.17
CA ASN A 60 0.29 -2.61 10.26
C ASN A 60 0.97 -3.88 9.76
N ARG A 61 0.55 -4.34 8.58
CA ARG A 61 1.11 -5.54 7.98
C ARG A 61 2.06 -5.18 6.84
N LEU A 62 2.30 -3.88 6.66
CA LEU A 62 3.19 -3.40 5.60
C LEU A 62 4.55 -2.99 6.16
N GLN A 63 5.55 -2.96 5.30
CA GLN A 63 6.90 -2.59 5.70
C GLN A 63 7.46 -1.49 4.81
N ILE A 64 7.41 -0.25 5.30
CA ILE A 64 7.90 0.88 4.54
C ILE A 64 9.42 0.82 4.36
N LEU A 65 9.86 0.73 3.11
CA LEU A 65 11.28 0.65 2.80
C LEU A 65 11.86 2.04 2.55
N SER A 66 12.75 2.47 3.46
CA SER A 66 13.37 3.79 3.35
C SER A 66 14.69 3.69 2.59
N GLY A 67 14.89 4.58 1.62
CA GLY A 67 16.11 4.58 0.85
C GLY A 67 15.99 5.38 -0.43
N PRO A 68 16.13 6.71 -0.32
CA PRO A 68 16.03 7.62 -1.48
C PRO A 68 17.22 7.47 -2.43
N SER A 69 18.36 7.04 -1.89
CA SER A 69 19.56 6.86 -2.69
C SER A 69 19.20 6.39 -4.09
N SER A 70 19.83 7.00 -5.10
CA SER A 70 19.58 6.64 -6.49
C SER A 70 20.90 6.35 -7.22
N GLY A 71 21.01 5.14 -7.75
CA GLY A 71 22.22 4.74 -8.46
C GLY A 71 21.91 4.13 -9.81
N GLY A 1 13.31 19.23 -5.08
CA GLY A 1 12.57 19.19 -6.34
C GLY A 1 11.16 19.73 -6.21
N SER A 2 10.27 19.26 -7.09
CA SER A 2 8.89 19.70 -7.07
C SER A 2 8.09 18.92 -6.03
N SER A 3 7.40 19.65 -5.15
CA SER A 3 6.60 19.04 -4.10
C SER A 3 5.28 18.52 -4.67
N GLY A 4 4.99 17.24 -4.45
CA GLY A 4 3.77 16.64 -4.94
C GLY A 4 3.36 15.41 -4.15
N SER A 5 2.75 14.46 -4.84
CA SER A 5 2.31 13.22 -4.20
C SER A 5 2.88 12.01 -4.92
N SER A 6 4.11 11.65 -4.59
CA SER A 6 4.77 10.51 -5.20
C SER A 6 4.35 9.20 -4.53
N GLY A 7 4.39 8.11 -5.29
CA GLY A 7 4.00 6.82 -4.76
C GLY A 7 5.14 6.11 -4.04
N LEU A 8 4.87 5.65 -2.82
CA LEU A 8 5.89 4.96 -2.04
C LEU A 8 5.87 3.46 -2.32
N LEU A 9 6.87 2.74 -1.80
CA LEU A 9 6.96 1.30 -1.99
C LEU A 9 7.09 0.59 -0.66
N ALA A 10 6.17 -0.34 -0.40
CA ALA A 10 6.18 -1.10 0.84
C ALA A 10 5.95 -2.59 0.58
N ARG A 11 6.65 -3.43 1.34
CA ARG A 11 6.52 -4.88 1.19
C ARG A 11 5.40 -5.42 2.06
N ALA A 12 4.98 -6.65 1.77
CA ALA A 12 3.91 -7.29 2.52
C ALA A 12 4.44 -8.47 3.33
N LEU A 13 4.67 -8.24 4.62
CA LEU A 13 5.17 -9.28 5.50
C LEU A 13 4.14 -10.40 5.67
N TYR A 14 2.87 -10.04 5.61
CA TYR A 14 1.79 -11.01 5.76
C TYR A 14 0.71 -10.79 4.71
N ASP A 15 0.07 -11.87 4.28
CA ASP A 15 -0.99 -11.80 3.28
C ASP A 15 -2.29 -11.31 3.90
N ASN A 16 -3.02 -10.49 3.17
CA ASN A 16 -4.30 -9.96 3.66
C ASN A 16 -5.47 -10.63 2.94
N CYS A 17 -6.45 -11.07 3.71
CA CYS A 17 -7.63 -11.72 3.16
C CYS A 17 -8.86 -10.82 3.27
N PRO A 18 -8.98 -9.86 2.34
CA PRO A 18 -10.11 -8.92 2.31
C PRO A 18 -11.42 -9.60 1.94
N ASP A 19 -12.53 -8.95 2.29
CA ASP A 19 -13.85 -9.48 1.98
C ASP A 19 -14.66 -8.49 1.16
N CYS A 20 -13.98 -7.47 0.63
CA CYS A 20 -14.64 -6.46 -0.18
C CYS A 20 -13.68 -5.84 -1.18
N SER A 21 -14.21 -5.15 -2.18
CA SER A 21 -13.39 -4.51 -3.20
C SER A 21 -12.56 -3.37 -2.61
N ASP A 22 -13.17 -2.64 -1.68
CA ASP A 22 -12.49 -1.52 -1.03
C ASP A 22 -11.09 -1.90 -0.61
N GLU A 23 -10.98 -2.95 0.20
CA GLU A 23 -9.68 -3.42 0.67
C GLU A 23 -8.88 -4.03 -0.46
N LEU A 24 -7.65 -4.44 -0.15
CA LEU A 24 -6.77 -5.05 -1.14
C LEU A 24 -6.37 -6.47 -0.73
N ALA A 25 -6.30 -7.36 -1.71
CA ALA A 25 -5.93 -8.75 -1.46
C ALA A 25 -4.54 -9.06 -1.99
N PHE A 26 -3.55 -9.10 -1.10
CA PHE A 26 -2.18 -9.38 -1.49
C PHE A 26 -1.61 -10.54 -0.68
N SER A 27 -0.53 -11.13 -1.18
CA SER A 27 0.11 -12.25 -0.50
C SER A 27 1.52 -11.88 -0.05
N ARG A 28 2.04 -12.62 0.92
CA ARG A 28 3.37 -12.37 1.44
C ARG A 28 4.40 -12.30 0.30
N GLY A 29 5.30 -11.34 0.39
CA GLY A 29 6.32 -11.19 -0.63
C GLY A 29 5.83 -10.40 -1.82
N ASP A 30 4.85 -9.53 -1.59
CA ASP A 30 4.29 -8.71 -2.66
C ASP A 30 4.46 -7.23 -2.35
N ILE A 31 5.23 -6.54 -3.19
CA ILE A 31 5.47 -5.10 -3.00
C ILE A 31 4.26 -4.29 -3.44
N LEU A 32 3.60 -3.66 -2.47
CA LEU A 32 2.43 -2.84 -2.76
C LEU A 32 2.82 -1.37 -2.95
N THR A 33 2.38 -0.79 -4.06
CA THR A 33 2.68 0.61 -4.36
C THR A 33 1.72 1.55 -3.65
N ILE A 34 2.15 2.11 -2.53
CA ILE A 34 1.32 3.03 -1.77
C ILE A 34 0.96 4.26 -2.58
N LEU A 35 -0.18 4.20 -3.26
CA LEU A 35 -0.64 5.31 -4.08
C LEU A 35 -0.69 6.61 -3.27
N GLU A 36 -1.33 6.55 -2.11
CA GLU A 36 -1.44 7.72 -1.24
C GLU A 36 -1.53 7.30 0.23
N GLN A 37 -0.55 7.73 1.01
CA GLN A 37 -0.50 7.41 2.43
C GLN A 37 -1.62 8.12 3.19
N HIS A 38 -1.85 9.38 2.84
CA HIS A 38 -2.89 10.17 3.48
C HIS A 38 -4.28 9.67 3.09
N VAL A 39 -4.90 8.90 3.98
CA VAL A 39 -6.22 8.35 3.73
C VAL A 39 -7.16 8.62 4.91
N PRO A 40 -7.92 9.73 4.83
CA PRO A 40 -8.87 10.12 5.87
C PRO A 40 -10.07 9.18 5.95
N GLU A 41 -10.34 8.48 4.85
CA GLU A 41 -11.46 7.55 4.79
C GLU A 41 -11.20 6.34 5.69
N SER A 42 -9.96 5.87 5.70
CA SER A 42 -9.59 4.71 6.50
C SER A 42 -8.32 5.00 7.30
N GLU A 43 -8.48 5.76 8.38
CA GLU A 43 -7.35 6.11 9.24
C GLU A 43 -6.63 4.85 9.73
N GLY A 44 -5.50 4.56 9.11
CA GLY A 44 -4.73 3.39 9.50
C GLY A 44 -4.40 2.49 8.33
N TRP A 45 -5.20 2.59 7.27
CA TRP A 45 -4.99 1.78 6.07
C TRP A 45 -4.20 2.56 5.03
N TRP A 46 -3.76 1.86 3.98
CA TRP A 46 -3.00 2.49 2.91
C TRP A 46 -3.56 2.10 1.55
N LYS A 47 -3.69 3.08 0.66
CA LYS A 47 -4.21 2.85 -0.68
C LYS A 47 -3.09 2.43 -1.63
N CYS A 48 -2.97 1.12 -1.86
CA CYS A 48 -1.95 0.59 -2.75
C CYS A 48 -2.57 0.06 -4.04
N LEU A 49 -1.72 -0.23 -5.02
CA LEU A 49 -2.19 -0.75 -6.30
C LEU A 49 -1.46 -2.04 -6.67
N LEU A 50 -2.23 -3.06 -7.03
CA LEU A 50 -1.66 -4.35 -7.40
C LEU A 50 -2.56 -5.07 -8.40
N HIS A 51 -1.96 -5.64 -9.44
CA HIS A 51 -2.71 -6.37 -10.46
C HIS A 51 -4.01 -5.65 -10.79
N GLY A 52 -3.99 -4.32 -10.70
CA GLY A 52 -5.17 -3.53 -10.99
C GLY A 52 -6.27 -3.71 -9.96
N ARG A 53 -5.91 -3.52 -8.68
CA ARG A 53 -6.86 -3.66 -7.59
C ARG A 53 -7.29 -2.30 -7.06
N GLN A 54 -6.30 -1.49 -6.66
CA GLN A 54 -6.58 -0.16 -6.13
C GLN A 54 -7.39 -0.25 -4.84
N GLY A 55 -6.91 -1.04 -3.89
CA GLY A 55 -7.59 -1.20 -2.62
C GLY A 55 -6.75 -0.76 -1.44
N LEU A 56 -7.36 -0.73 -0.26
CA LEU A 56 -6.65 -0.33 0.95
C LEU A 56 -5.88 -1.50 1.54
N ALA A 57 -4.94 -1.20 2.42
CA ALA A 57 -4.12 -2.22 3.06
C ALA A 57 -3.68 -1.80 4.46
N PRO A 58 -3.64 -2.75 5.39
CA PRO A 58 -3.25 -2.50 6.77
C PRO A 58 -1.76 -2.18 6.90
N ALA A 59 -1.46 -0.94 7.24
CA ALA A 59 -0.08 -0.50 7.40
C ALA A 59 0.63 -1.31 8.47
N ASN A 60 -0.14 -2.07 9.25
CA ASN A 60 0.41 -2.89 10.32
C ASN A 60 1.02 -4.17 9.74
N ARG A 61 0.63 -4.52 8.53
CA ARG A 61 1.15 -5.72 7.88
C ARG A 61 2.09 -5.35 6.73
N LEU A 62 2.35 -4.05 6.58
CA LEU A 62 3.23 -3.58 5.51
C LEU A 62 4.61 -3.24 6.07
N GLN A 63 5.60 -3.16 5.18
CA GLN A 63 6.97 -2.86 5.57
C GLN A 63 7.53 -1.71 4.74
N ILE A 64 7.51 -0.51 5.31
CA ILE A 64 8.02 0.67 4.62
C ILE A 64 9.53 0.59 4.43
N LEU A 65 9.98 0.65 3.18
CA LEU A 65 11.40 0.59 2.86
C LEU A 65 11.95 1.98 2.53
N SER A 66 12.48 2.65 3.54
CA SER A 66 13.04 3.99 3.36
C SER A 66 14.53 3.91 3.05
N GLY A 67 14.92 4.53 1.94
CA GLY A 67 16.33 4.53 1.55
C GLY A 67 16.55 5.16 0.19
N PRO A 68 17.72 5.77 0.00
CA PRO A 68 18.09 6.42 -1.26
C PRO A 68 18.31 5.42 -2.39
N SER A 69 18.61 5.94 -3.57
CA SER A 69 18.86 5.08 -4.74
C SER A 69 19.88 5.72 -5.68
N SER A 70 20.64 4.89 -6.36
CA SER A 70 21.66 5.36 -7.30
C SER A 70 21.67 4.52 -8.57
N GLY A 71 22.17 5.11 -9.65
CA GLY A 71 22.22 4.41 -10.92
C GLY A 71 20.96 3.63 -11.21
N GLY A 1 0.00 17.17 -17.90
CA GLY A 1 -0.19 18.29 -17.02
C GLY A 1 -0.46 17.86 -15.59
N SER A 2 0.25 16.85 -15.13
CA SER A 2 0.09 16.34 -13.78
C SER A 2 1.22 16.82 -12.87
N SER A 3 0.85 17.42 -11.74
CA SER A 3 1.83 17.93 -10.79
C SER A 3 2.94 16.91 -10.54
N GLY A 4 2.53 15.64 -10.39
CA GLY A 4 3.51 14.59 -10.15
C GLY A 4 3.34 13.96 -8.79
N SER A 5 2.23 13.25 -8.59
CA SER A 5 1.96 12.60 -7.32
C SER A 5 3.12 11.71 -6.89
N SER A 6 3.27 11.52 -5.59
CA SER A 6 4.35 10.70 -5.05
C SER A 6 3.88 9.27 -4.82
N GLY A 7 4.71 8.31 -5.21
CA GLY A 7 4.36 6.91 -5.03
C GLY A 7 5.42 6.14 -4.27
N LEU A 8 5.05 5.62 -3.10
CA LEU A 8 5.98 4.85 -2.27
C LEU A 8 5.81 3.36 -2.50
N LEU A 9 6.75 2.58 -2.00
CA LEU A 9 6.71 1.12 -2.15
C LEU A 9 6.95 0.44 -0.81
N ALA A 10 6.02 -0.43 -0.42
CA ALA A 10 6.14 -1.16 0.83
C ALA A 10 5.93 -2.66 0.62
N ARG A 11 6.55 -3.47 1.47
CA ARG A 11 6.44 -4.91 1.38
C ARG A 11 5.29 -5.43 2.24
N ALA A 12 4.88 -6.67 1.98
CA ALA A 12 3.79 -7.28 2.73
C ALA A 12 4.30 -8.42 3.61
N LEU A 13 4.49 -8.14 4.90
CA LEU A 13 4.97 -9.14 5.83
C LEU A 13 3.94 -10.25 6.03
N TYR A 14 2.68 -9.94 5.73
CA TYR A 14 1.60 -10.91 5.87
C TYR A 14 0.54 -10.70 4.80
N ASP A 15 -0.09 -11.79 4.38
CA ASP A 15 -1.13 -11.72 3.36
C ASP A 15 -2.43 -11.20 3.94
N ASN A 16 -3.33 -10.75 3.08
CA ASN A 16 -4.62 -10.21 3.52
C ASN A 16 -5.75 -10.76 2.65
N CYS A 17 -6.80 -11.25 3.30
CA CYS A 17 -7.96 -11.79 2.58
C CYS A 17 -9.15 -10.85 2.69
N PRO A 18 -9.17 -9.81 1.85
CA PRO A 18 -10.25 -8.83 1.83
C PRO A 18 -11.55 -9.41 1.29
N ASP A 19 -12.68 -8.95 1.86
CA ASP A 19 -13.98 -9.43 1.43
C ASP A 19 -14.58 -8.50 0.38
N CYS A 20 -14.32 -7.20 0.52
CA CYS A 20 -14.84 -6.21 -0.41
C CYS A 20 -13.71 -5.63 -1.26
N SER A 21 -14.07 -4.76 -2.20
CA SER A 21 -13.10 -4.14 -3.09
C SER A 21 -12.36 -3.01 -2.37
N ASP A 22 -13.03 -2.39 -1.41
CA ASP A 22 -12.43 -1.30 -0.65
C ASP A 22 -11.01 -1.66 -0.21
N GLU A 23 -10.84 -2.88 0.29
CA GLU A 23 -9.55 -3.35 0.76
C GLU A 23 -8.74 -3.95 -0.39
N LEU A 24 -7.47 -4.23 -0.14
CA LEU A 24 -6.59 -4.81 -1.15
C LEU A 24 -6.21 -6.25 -0.77
N ALA A 25 -6.18 -7.12 -1.77
CA ALA A 25 -5.83 -8.52 -1.55
C ALA A 25 -4.41 -8.80 -2.05
N PHE A 26 -3.47 -8.91 -1.12
CA PHE A 26 -2.09 -9.18 -1.46
C PHE A 26 -1.53 -10.32 -0.60
N SER A 27 -0.54 -11.03 -1.14
CA SER A 27 0.07 -12.15 -0.43
C SER A 27 1.40 -11.74 0.18
N ARG A 28 1.91 -12.57 1.09
CA ARG A 28 3.18 -12.30 1.75
C ARG A 28 4.34 -12.34 0.76
N GLY A 29 5.22 -11.34 0.83
CA GLY A 29 6.35 -11.29 -0.06
C GLY A 29 6.04 -10.56 -1.35
N ASP A 30 5.07 -9.65 -1.30
CA ASP A 30 4.66 -8.90 -2.48
C ASP A 30 4.93 -7.41 -2.28
N ILE A 31 5.34 -6.73 -3.34
CA ILE A 31 5.62 -5.30 -3.28
C ILE A 31 4.42 -4.49 -3.72
N LEU A 32 3.89 -3.69 -2.80
CA LEU A 32 2.72 -2.85 -3.10
C LEU A 32 3.15 -1.41 -3.37
N THR A 33 2.44 -0.76 -4.27
CA THR A 33 2.73 0.63 -4.62
C THR A 33 1.80 1.60 -3.90
N ILE A 34 2.28 2.16 -2.80
CA ILE A 34 1.48 3.11 -2.02
C ILE A 34 1.16 4.36 -2.83
N LEU A 35 -0.08 4.43 -3.30
CA LEU A 35 -0.51 5.59 -4.10
C LEU A 35 -0.65 6.82 -3.23
N GLU A 36 -1.35 6.68 -2.10
CA GLU A 36 -1.55 7.79 -1.17
C GLU A 36 -1.44 7.33 0.27
N GLN A 37 -0.71 8.09 1.08
CA GLN A 37 -0.52 7.76 2.48
C GLN A 37 -1.67 8.29 3.33
N HIS A 38 -2.19 9.46 2.95
CA HIS A 38 -3.29 10.09 3.68
C HIS A 38 -4.62 9.44 3.31
N VAL A 39 -5.16 8.65 4.22
CA VAL A 39 -6.44 7.97 3.99
C VAL A 39 -7.40 8.20 5.13
N PRO A 40 -8.26 9.22 5.00
CA PRO A 40 -9.26 9.57 6.01
C PRO A 40 -10.36 8.52 6.13
N GLU A 41 -10.75 7.95 5.00
CA GLU A 41 -11.80 6.93 4.97
C GLU A 41 -11.41 5.74 5.85
N SER A 42 -10.11 5.57 6.08
CA SER A 42 -9.62 4.46 6.88
C SER A 42 -8.39 4.89 7.69
N GLU A 43 -8.55 4.95 9.01
CA GLU A 43 -7.46 5.35 9.88
C GLU A 43 -6.47 4.20 10.07
N GLY A 44 -5.31 4.32 9.43
CA GLY A 44 -4.29 3.29 9.53
C GLY A 44 -4.30 2.35 8.35
N TRP A 45 -4.52 2.91 7.16
CA TRP A 45 -4.55 2.10 5.94
C TRP A 45 -3.83 2.82 4.80
N TRP A 46 -3.42 2.06 3.80
CA TRP A 46 -2.72 2.61 2.65
C TRP A 46 -3.35 2.13 1.34
N LYS A 47 -3.54 3.06 0.41
CA LYS A 47 -4.12 2.73 -0.89
C LYS A 47 -3.04 2.34 -1.89
N CYS A 48 -2.84 1.03 -2.04
CA CYS A 48 -1.83 0.52 -2.96
C CYS A 48 -2.49 -0.06 -4.21
N LEU A 49 -1.69 -0.25 -5.25
CA LEU A 49 -2.20 -0.80 -6.51
C LEU A 49 -1.51 -2.12 -6.84
N LEU A 50 -2.31 -3.16 -7.05
CA LEU A 50 -1.78 -4.48 -7.38
C LEU A 50 -2.73 -5.24 -8.31
N HIS A 51 -2.19 -5.79 -9.38
CA HIS A 51 -2.99 -6.54 -10.35
C HIS A 51 -4.35 -5.89 -10.54
N GLY A 52 -4.35 -4.57 -10.73
CA GLY A 52 -5.60 -3.86 -10.92
C GLY A 52 -6.54 -3.97 -9.73
N ARG A 53 -5.98 -3.80 -8.52
CA ARG A 53 -6.77 -3.89 -7.31
C ARG A 53 -7.25 -2.51 -6.86
N GLN A 54 -6.30 -1.62 -6.59
CA GLN A 54 -6.63 -0.26 -6.16
C GLN A 54 -7.43 -0.29 -4.86
N GLY A 55 -6.92 -1.02 -3.87
CA GLY A 55 -7.59 -1.12 -2.59
C GLY A 55 -6.72 -0.66 -1.44
N LEU A 56 -7.29 -0.63 -0.24
CA LEU A 56 -6.55 -0.20 0.95
C LEU A 56 -5.74 -1.37 1.53
N ALA A 57 -4.74 -1.03 2.34
CA ALA A 57 -3.89 -2.04 2.95
C ALA A 57 -3.52 -1.65 4.38
N PRO A 58 -3.45 -2.63 5.27
CA PRO A 58 -3.11 -2.42 6.68
C PRO A 58 -1.64 -2.03 6.87
N ALA A 59 -1.41 -0.75 7.17
CA ALA A 59 -0.06 -0.25 7.37
C ALA A 59 0.65 -1.02 8.49
N ASN A 60 -0.13 -1.73 9.30
CA ASN A 60 0.42 -2.50 10.40
C ASN A 60 1.04 -3.80 9.90
N ARG A 61 0.66 -4.20 8.70
CA ARG A 61 1.18 -5.43 8.11
C ARG A 61 2.10 -5.12 6.92
N LEU A 62 2.38 -3.84 6.73
CA LEU A 62 3.25 -3.39 5.65
C LEU A 62 4.64 -3.06 6.16
N GLN A 63 5.61 -3.03 5.24
CA GLN A 63 6.99 -2.73 5.61
C GLN A 63 7.57 -1.66 4.67
N ILE A 64 7.62 -0.42 5.17
CA ILE A 64 8.15 0.69 4.38
C ILE A 64 9.65 0.54 4.17
N LEU A 65 10.07 0.62 2.91
CA LEU A 65 11.49 0.50 2.57
C LEU A 65 12.07 1.84 2.14
N SER A 66 13.03 2.34 2.91
CA SER A 66 13.67 3.62 2.61
C SER A 66 15.13 3.42 2.21
N GLY A 67 15.68 4.40 1.49
CA GLY A 67 17.06 4.32 1.05
C GLY A 67 17.60 5.66 0.59
N PRO A 68 18.76 5.63 -0.08
CA PRO A 68 19.41 6.84 -0.60
C PRO A 68 18.64 7.46 -1.75
N SER A 69 17.86 6.63 -2.45
CA SER A 69 17.08 7.11 -3.59
C SER A 69 15.86 7.90 -3.12
N SER A 70 15.28 8.67 -4.02
CA SER A 70 14.11 9.48 -3.70
C SER A 70 14.36 10.33 -2.46
N GLY A 71 15.55 10.91 -2.38
CA GLY A 71 15.88 11.74 -1.23
C GLY A 71 15.88 10.96 0.07
N GLY A 1 -5.96 14.10 -13.02
CA GLY A 1 -5.91 13.82 -11.61
C GLY A 1 -4.54 13.34 -11.16
N SER A 2 -4.50 12.17 -10.53
CA SER A 2 -3.23 11.61 -10.05
C SER A 2 -2.30 12.72 -9.57
N SER A 3 -2.86 13.68 -8.85
CA SER A 3 -2.07 14.80 -8.33
C SER A 3 -1.47 14.47 -6.97
N GLY A 4 -0.32 13.81 -6.98
CA GLY A 4 0.33 13.43 -5.74
C GLY A 4 1.84 13.29 -5.89
N SER A 5 2.45 12.54 -4.98
CA SER A 5 3.90 12.34 -5.01
C SER A 5 4.22 10.92 -5.48
N SER A 6 5.39 10.76 -6.09
CA SER A 6 5.82 9.45 -6.58
C SER A 6 5.35 8.34 -5.66
N GLY A 7 4.42 7.53 -6.16
CA GLY A 7 3.90 6.43 -5.36
C GLY A 7 4.98 5.67 -4.63
N LEU A 8 4.81 5.51 -3.32
CA LEU A 8 5.79 4.79 -2.50
C LEU A 8 5.68 3.29 -2.71
N LEU A 9 6.64 2.55 -2.16
CA LEU A 9 6.64 1.10 -2.29
C LEU A 9 6.83 0.43 -0.93
N ALA A 10 5.91 -0.47 -0.59
CA ALA A 10 5.96 -1.17 0.69
C ALA A 10 5.95 -2.69 0.47
N ARG A 11 6.38 -3.42 1.50
CA ARG A 11 6.42 -4.88 1.41
C ARG A 11 5.28 -5.49 2.21
N ALA A 12 5.00 -6.77 1.96
CA ALA A 12 3.93 -7.48 2.65
C ALA A 12 4.50 -8.54 3.59
N LEU A 13 4.57 -8.22 4.87
CA LEU A 13 5.09 -9.15 5.86
C LEU A 13 4.15 -10.34 6.04
N TYR A 14 2.89 -10.16 5.66
CA TYR A 14 1.90 -11.21 5.77
C TYR A 14 0.79 -11.05 4.72
N ASP A 15 0.22 -12.16 4.29
CA ASP A 15 -0.85 -12.14 3.29
C ASP A 15 -2.09 -11.48 3.85
N ASN A 16 -3.01 -11.10 2.96
CA ASN A 16 -4.24 -10.45 3.36
C ASN A 16 -5.43 -10.99 2.57
N CYS A 17 -6.48 -11.39 3.27
CA CYS A 17 -7.68 -11.93 2.62
C CYS A 17 -8.88 -11.01 2.85
N PRO A 18 -8.98 -9.95 2.05
CA PRO A 18 -10.07 -8.98 2.15
C PRO A 18 -11.40 -9.56 1.70
N ASP A 19 -12.47 -9.24 2.43
CA ASP A 19 -13.80 -9.72 2.10
C ASP A 19 -14.62 -8.64 1.41
N CYS A 20 -13.95 -7.80 0.64
CA CYS A 20 -14.62 -6.73 -0.08
C CYS A 20 -13.71 -6.14 -1.16
N SER A 21 -14.23 -5.17 -1.91
CA SER A 21 -13.46 -4.54 -2.97
C SER A 21 -12.59 -3.42 -2.41
N ASP A 22 -13.17 -2.58 -1.57
CA ASP A 22 -12.45 -1.47 -0.97
C ASP A 22 -11.06 -1.90 -0.52
N GLU A 23 -11.01 -3.00 0.23
CA GLU A 23 -9.75 -3.52 0.73
C GLU A 23 -8.95 -4.18 -0.39
N LEU A 24 -7.63 -4.20 -0.23
CA LEU A 24 -6.75 -4.79 -1.23
C LEU A 24 -6.40 -6.24 -0.86
N ALA A 25 -6.29 -7.09 -1.88
CA ALA A 25 -5.95 -8.49 -1.67
C ALA A 25 -4.52 -8.79 -2.11
N PHE A 26 -3.62 -8.90 -1.14
CA PHE A 26 -2.22 -9.18 -1.44
C PHE A 26 -1.73 -10.39 -0.64
N SER A 27 -0.62 -10.96 -1.08
CA SER A 27 -0.04 -12.13 -0.40
C SER A 27 1.39 -11.84 0.05
N ARG A 28 1.88 -12.65 0.97
CA ARG A 28 3.24 -12.49 1.49
C ARG A 28 4.25 -12.47 0.34
N GLY A 29 5.18 -11.52 0.40
CA GLY A 29 6.19 -11.41 -0.63
C GLY A 29 5.70 -10.63 -1.84
N ASP A 30 4.94 -9.58 -1.59
CA ASP A 30 4.41 -8.74 -2.66
C ASP A 30 4.55 -7.26 -2.33
N ILE A 31 5.37 -6.56 -3.10
CA ILE A 31 5.59 -5.14 -2.89
C ILE A 31 4.41 -4.32 -3.37
N LEU A 32 3.68 -3.73 -2.42
CA LEU A 32 2.51 -2.91 -2.75
C LEU A 32 2.92 -1.46 -2.98
N THR A 33 2.43 -0.88 -4.08
CA THR A 33 2.74 0.50 -4.42
C THR A 33 1.80 1.46 -3.70
N ILE A 34 2.26 2.02 -2.60
CA ILE A 34 1.46 2.96 -1.83
C ILE A 34 1.24 4.27 -2.59
N LEU A 35 0.04 4.43 -3.15
CA LEU A 35 -0.30 5.62 -3.91
C LEU A 35 -0.38 6.84 -3.00
N GLU A 36 -1.11 6.70 -1.89
CA GLU A 36 -1.26 7.79 -0.94
C GLU A 36 -1.25 7.27 0.49
N GLN A 37 -0.32 7.79 1.29
CA GLN A 37 -0.19 7.38 2.69
C GLN A 37 -1.29 7.99 3.54
N HIS A 38 -1.59 9.27 3.29
CA HIS A 38 -2.63 9.97 4.03
C HIS A 38 -4.02 9.54 3.57
N VAL A 39 -4.75 8.89 4.47
CA VAL A 39 -6.10 8.42 4.15
C VAL A 39 -7.07 8.75 5.28
N PRO A 40 -7.76 9.89 5.16
CA PRO A 40 -8.73 10.35 6.15
C PRO A 40 -9.99 9.48 6.18
N GLU A 41 -10.30 8.87 5.04
CA GLU A 41 -11.48 8.00 4.93
C GLU A 41 -11.32 6.77 5.81
N SER A 42 -10.11 6.23 5.85
CA SER A 42 -9.83 5.03 6.65
C SER A 42 -8.65 5.26 7.58
N GLU A 43 -8.88 5.08 8.89
CA GLU A 43 -7.83 5.28 9.88
C GLU A 43 -6.92 4.05 9.95
N GLY A 44 -5.66 4.24 9.58
CA GLY A 44 -4.71 3.14 9.60
C GLY A 44 -4.80 2.26 8.37
N TRP A 45 -4.96 2.89 7.21
CA TRP A 45 -5.06 2.15 5.95
C TRP A 45 -4.20 2.80 4.87
N TRP A 46 -3.78 2.01 3.89
CA TRP A 46 -2.96 2.51 2.81
C TRP A 46 -3.53 2.08 1.45
N LYS A 47 -3.68 3.05 0.55
CA LYS A 47 -4.21 2.77 -0.78
C LYS A 47 -3.09 2.37 -1.74
N CYS A 48 -2.90 1.08 -1.92
CA CYS A 48 -1.86 0.57 -2.81
C CYS A 48 -2.48 0.02 -4.10
N LEU A 49 -1.63 -0.29 -5.07
CA LEU A 49 -2.07 -0.83 -6.35
C LEU A 49 -1.35 -2.12 -6.69
N LEU A 50 -2.11 -3.19 -6.92
CA LEU A 50 -1.54 -4.48 -7.25
C LEU A 50 -2.42 -5.22 -8.25
N HIS A 51 -1.81 -5.73 -9.31
CA HIS A 51 -2.54 -6.47 -10.33
C HIS A 51 -3.87 -5.79 -10.65
N GLY A 52 -3.85 -4.46 -10.70
CA GLY A 52 -5.06 -3.72 -10.98
C GLY A 52 -6.11 -3.85 -9.89
N ARG A 53 -5.67 -3.67 -8.65
CA ARG A 53 -6.57 -3.77 -7.50
C ARG A 53 -7.08 -2.40 -7.08
N GLN A 54 -6.15 -1.50 -6.76
CA GLN A 54 -6.49 -0.16 -6.33
C GLN A 54 -7.34 -0.19 -5.06
N GLY A 55 -6.84 -0.89 -4.05
CA GLY A 55 -7.55 -0.99 -2.79
C GLY A 55 -6.72 -0.54 -1.61
N LEU A 56 -7.29 -0.58 -0.42
CA LEU A 56 -6.60 -0.17 0.79
C LEU A 56 -5.83 -1.35 1.41
N ALA A 57 -4.93 -1.05 2.32
CA ALA A 57 -4.14 -2.07 2.98
C ALA A 57 -3.71 -1.63 4.38
N PRO A 58 -3.71 -2.58 5.34
CA PRO A 58 -3.33 -2.30 6.73
C PRO A 58 -1.84 -2.01 6.87
N ALA A 59 -1.51 -0.76 7.13
CA ALA A 59 -0.13 -0.35 7.30
C ALA A 59 0.56 -1.18 8.37
N ASN A 60 -0.23 -1.89 9.16
CA ASN A 60 0.31 -2.73 10.23
C ASN A 60 1.03 -3.95 9.66
N ARG A 61 0.68 -4.31 8.43
CA ARG A 61 1.28 -5.46 7.77
C ARG A 61 2.19 -5.01 6.63
N LEU A 62 2.14 -3.72 6.30
CA LEU A 62 2.95 -3.16 5.23
C LEU A 62 4.17 -2.44 5.79
N GLN A 63 5.35 -2.81 5.31
CA GLN A 63 6.59 -2.19 5.76
C GLN A 63 7.06 -1.13 4.77
N ILE A 64 7.40 0.04 5.29
CA ILE A 64 7.87 1.14 4.45
C ILE A 64 9.37 1.04 4.21
N LEU A 65 9.75 0.72 2.98
CA LEU A 65 11.16 0.59 2.62
C LEU A 65 11.71 1.93 2.15
N SER A 66 12.93 2.25 2.58
CA SER A 66 13.58 3.49 2.22
C SER A 66 14.93 3.23 1.56
N GLY A 67 14.99 2.21 0.72
CA GLY A 67 16.22 1.88 0.04
C GLY A 67 16.19 2.22 -1.44
N PRO A 68 16.45 3.50 -1.75
CA PRO A 68 16.47 3.99 -3.13
C PRO A 68 17.65 3.46 -3.93
N SER A 69 17.77 3.91 -5.17
CA SER A 69 18.86 3.46 -6.04
C SER A 69 20.19 4.07 -5.60
N SER A 70 21.10 3.21 -5.17
CA SER A 70 22.41 3.67 -4.72
C SER A 70 23.41 2.51 -4.70
N GLY A 71 24.67 2.82 -5.06
CA GLY A 71 25.70 1.79 -5.09
C GLY A 71 26.82 2.08 -4.11
N GLY A 1 4.39 23.83 -2.50
CA GLY A 1 5.27 22.75 -2.90
C GLY A 1 4.72 21.39 -2.53
N SER A 2 3.61 21.01 -3.16
CA SER A 2 2.99 19.72 -2.89
C SER A 2 2.85 18.91 -4.16
N SER A 3 3.63 17.84 -4.27
CA SER A 3 3.60 16.98 -5.45
C SER A 3 2.19 16.49 -5.73
N GLY A 4 2.01 15.79 -6.84
CA GLY A 4 0.71 15.28 -7.20
C GLY A 4 0.50 13.84 -6.74
N SER A 5 1.53 13.03 -6.88
CA SER A 5 1.45 11.62 -6.47
C SER A 5 2.78 11.14 -5.91
N SER A 6 2.79 10.85 -4.61
CA SER A 6 4.01 10.39 -3.94
C SER A 6 4.46 9.04 -4.51
N GLY A 7 3.51 8.12 -4.63
CA GLY A 7 3.82 6.80 -5.16
C GLY A 7 4.96 6.13 -4.41
N LEU A 8 4.64 5.56 -3.25
CA LEU A 8 5.65 4.90 -2.43
C LEU A 8 5.61 3.39 -2.66
N LEU A 9 6.56 2.68 -2.05
CA LEU A 9 6.64 1.23 -2.18
C LEU A 9 6.75 0.56 -0.82
N ALA A 10 5.88 -0.43 -0.58
CA ALA A 10 5.89 -1.14 0.69
C ALA A 10 5.79 -2.65 0.46
N ARG A 11 6.34 -3.42 1.39
CA ARG A 11 6.32 -4.87 1.30
C ARG A 11 5.18 -5.46 2.13
N ALA A 12 4.86 -6.72 1.87
CA ALA A 12 3.79 -7.40 2.60
C ALA A 12 4.36 -8.49 3.50
N LEU A 13 4.48 -8.18 4.79
CA LEU A 13 5.01 -9.14 5.77
C LEU A 13 3.98 -10.22 6.07
N TYR A 14 2.74 -9.99 5.64
CA TYR A 14 1.66 -10.95 5.87
C TYR A 14 0.54 -10.75 4.86
N ASP A 15 0.12 -11.85 4.23
CA ASP A 15 -0.95 -11.80 3.24
C ASP A 15 -2.22 -11.21 3.85
N ASN A 16 -3.16 -10.85 2.99
CA ASN A 16 -4.42 -10.26 3.43
C ASN A 16 -5.60 -10.87 2.68
N CYS A 17 -6.68 -11.14 3.40
CA CYS A 17 -7.87 -11.73 2.80
C CYS A 17 -9.07 -10.79 2.95
N PRO A 18 -9.16 -9.81 2.06
CA PRO A 18 -10.26 -8.83 2.06
C PRO A 18 -11.59 -9.45 1.68
N ASP A 19 -12.66 -9.00 2.33
CA ASP A 19 -14.00 -9.51 2.05
C ASP A 19 -14.73 -8.61 1.04
N CYS A 20 -14.13 -7.45 0.77
CA CYS A 20 -14.73 -6.50 -0.17
C CYS A 20 -13.66 -5.89 -1.07
N SER A 21 -14.11 -5.13 -2.06
CA SER A 21 -13.18 -4.49 -3.00
C SER A 21 -12.38 -3.38 -2.32
N ASP A 22 -13.04 -2.65 -1.43
CA ASP A 22 -12.40 -1.57 -0.70
C ASP A 22 -10.97 -1.95 -0.31
N GLU A 23 -10.83 -3.08 0.37
CA GLU A 23 -9.52 -3.56 0.80
C GLU A 23 -8.74 -4.13 -0.38
N LEU A 24 -7.47 -4.45 -0.13
CA LEU A 24 -6.61 -5.01 -1.18
C LEU A 24 -6.27 -6.46 -0.87
N ALA A 25 -6.20 -7.28 -1.92
CA ALA A 25 -5.87 -8.69 -1.76
C ALA A 25 -4.44 -8.99 -2.21
N PHE A 26 -3.55 -9.15 -1.24
CA PHE A 26 -2.14 -9.43 -1.53
C PHE A 26 -1.63 -10.59 -0.67
N SER A 27 -0.48 -11.14 -1.06
CA SER A 27 0.11 -12.25 -0.33
C SER A 27 1.52 -11.90 0.12
N ARG A 28 2.04 -12.66 1.09
CA ARG A 28 3.38 -12.43 1.61
C ARG A 28 4.41 -12.45 0.49
N GLY A 29 5.33 -11.49 0.51
CA GLY A 29 6.35 -11.41 -0.52
C GLY A 29 5.90 -10.63 -1.73
N ASP A 30 5.16 -9.55 -1.49
CA ASP A 30 4.67 -8.71 -2.58
C ASP A 30 4.77 -7.23 -2.22
N ILE A 31 5.50 -6.48 -3.02
CA ILE A 31 5.68 -5.05 -2.78
C ILE A 31 4.52 -4.25 -3.36
N LEU A 32 3.70 -3.68 -2.48
CA LEU A 32 2.56 -2.89 -2.90
C LEU A 32 2.96 -1.44 -3.18
N THR A 33 2.40 -0.88 -4.23
CA THR A 33 2.71 0.50 -4.62
C THR A 33 1.74 1.48 -3.96
N ILE A 34 2.18 2.07 -2.84
CA ILE A 34 1.35 3.03 -2.12
C ILE A 34 1.10 4.28 -2.95
N LEU A 35 -0.16 4.53 -3.26
CA LEU A 35 -0.54 5.70 -4.05
C LEU A 35 -0.67 6.94 -3.17
N GLU A 36 -1.26 6.76 -1.99
CA GLU A 36 -1.44 7.86 -1.05
C GLU A 36 -1.41 7.36 0.39
N GLN A 37 -0.35 7.75 1.11
CA GLN A 37 -0.19 7.33 2.50
C GLN A 37 -1.27 7.97 3.38
N HIS A 38 -1.58 9.22 3.11
CA HIS A 38 -2.60 9.94 3.88
C HIS A 38 -4.00 9.52 3.46
N VAL A 39 -4.70 8.84 4.36
CA VAL A 39 -6.06 8.38 4.09
C VAL A 39 -7.00 8.72 5.24
N PRO A 40 -7.71 9.85 5.11
CA PRO A 40 -8.65 10.31 6.13
C PRO A 40 -9.89 9.43 6.21
N GLU A 41 -10.31 8.90 5.07
CA GLU A 41 -11.49 8.03 5.02
C GLU A 41 -11.29 6.79 5.88
N SER A 42 -10.05 6.31 5.95
CA SER A 42 -9.73 5.13 6.74
C SER A 42 -8.44 5.34 7.52
N GLU A 43 -8.49 5.06 8.83
CA GLU A 43 -7.32 5.22 9.69
C GLU A 43 -6.54 3.91 9.78
N GLY A 44 -5.25 3.98 9.48
CA GLY A 44 -4.41 2.79 9.54
C GLY A 44 -4.49 1.97 8.27
N TRP A 45 -4.84 2.61 7.17
CA TRP A 45 -4.96 1.92 5.89
C TRP A 45 -4.20 2.68 4.80
N TRP A 46 -3.70 1.95 3.81
CA TRP A 46 -2.95 2.55 2.71
C TRP A 46 -3.52 2.11 1.37
N LYS A 47 -3.71 3.07 0.47
CA LYS A 47 -4.24 2.77 -0.86
C LYS A 47 -3.12 2.46 -1.84
N CYS A 48 -2.90 1.18 -2.08
CA CYS A 48 -1.85 0.74 -2.99
C CYS A 48 -2.45 0.16 -4.27
N LEU A 49 -1.59 -0.14 -5.24
CA LEU A 49 -2.04 -0.70 -6.52
C LEU A 49 -1.28 -1.99 -6.85
N LEU A 50 -2.02 -3.06 -7.11
CA LEU A 50 -1.42 -4.34 -7.44
C LEU A 50 -2.31 -5.14 -8.37
N HIS A 51 -1.73 -5.69 -9.43
CA HIS A 51 -2.48 -6.48 -10.39
C HIS A 51 -3.84 -5.86 -10.67
N GLY A 52 -3.86 -4.54 -10.77
CA GLY A 52 -5.12 -3.84 -11.03
C GLY A 52 -6.12 -4.02 -9.91
N ARG A 53 -5.68 -3.74 -8.68
CA ARG A 53 -6.56 -3.87 -7.52
C ARG A 53 -7.08 -2.50 -7.07
N GLN A 54 -6.15 -1.62 -6.70
CA GLN A 54 -6.52 -0.28 -6.25
C GLN A 54 -7.35 -0.34 -4.98
N GLY A 55 -6.85 -1.07 -3.97
CA GLY A 55 -7.57 -1.19 -2.72
C GLY A 55 -6.74 -0.72 -1.53
N LEU A 56 -7.34 -0.79 -0.35
CA LEU A 56 -6.65 -0.36 0.87
C LEU A 56 -5.83 -1.50 1.47
N ALA A 57 -4.97 -1.18 2.43
CA ALA A 57 -4.13 -2.18 3.08
C ALA A 57 -3.75 -1.73 4.48
N PRO A 58 -3.69 -2.69 5.42
CA PRO A 58 -3.33 -2.41 6.81
C PRO A 58 -1.87 -2.05 6.97
N ALA A 59 -1.61 -0.77 7.24
CA ALA A 59 -0.25 -0.29 7.42
C ALA A 59 0.48 -1.07 8.51
N ASN A 60 -0.29 -1.84 9.30
CA ASN A 60 0.28 -2.63 10.38
C ASN A 60 0.95 -3.88 9.83
N ARG A 61 0.54 -4.31 8.65
CA ARG A 61 1.10 -5.49 8.02
C ARG A 61 1.99 -5.12 6.84
N LEU A 62 2.20 -3.82 6.65
CA LEU A 62 3.02 -3.33 5.56
C LEU A 62 4.39 -2.88 6.07
N GLN A 63 5.41 -3.03 5.23
CA GLN A 63 6.77 -2.66 5.60
C GLN A 63 7.30 -1.56 4.67
N ILE A 64 7.27 -0.32 5.14
CA ILE A 64 7.75 0.80 4.35
C ILE A 64 9.25 0.74 4.16
N LEU A 65 9.68 0.72 2.89
CA LEU A 65 11.10 0.65 2.56
C LEU A 65 11.63 2.03 2.19
N SER A 66 12.83 2.35 2.69
CA SER A 66 13.44 3.63 2.40
C SER A 66 14.95 3.57 2.61
N GLY A 67 15.68 4.45 1.94
CA GLY A 67 17.13 4.47 2.06
C GLY A 67 17.59 5.02 3.40
N PRO A 68 18.83 5.50 3.45
CA PRO A 68 19.42 6.06 4.67
C PRO A 68 18.79 7.39 5.06
N SER A 69 18.04 7.99 4.13
CA SER A 69 17.39 9.26 4.37
C SER A 69 16.76 9.29 5.76
N SER A 70 17.37 10.07 6.66
CA SER A 70 16.88 10.19 8.02
C SER A 70 15.55 10.95 8.07
N GLY A 71 14.61 10.44 8.85
CA GLY A 71 13.32 11.07 8.96
C GLY A 71 12.78 11.06 10.38
N GLY A 1 3.86 16.23 -17.91
CA GLY A 1 4.47 15.78 -16.67
C GLY A 1 3.43 15.32 -15.67
N SER A 2 3.76 15.44 -14.39
CA SER A 2 2.85 15.02 -13.32
C SER A 2 3.19 15.72 -12.00
N SER A 3 2.29 16.58 -11.55
CA SER A 3 2.50 17.31 -10.31
C SER A 3 1.59 16.79 -9.20
N GLY A 4 2.18 16.47 -8.06
CA GLY A 4 1.40 15.97 -6.94
C GLY A 4 2.19 14.99 -6.08
N SER A 5 1.51 14.32 -5.17
CA SER A 5 2.15 13.36 -4.28
C SER A 5 2.98 12.36 -5.07
N SER A 6 3.76 11.56 -4.35
CA SER A 6 4.61 10.56 -4.99
C SER A 6 4.24 9.15 -4.53
N GLY A 7 4.30 8.19 -5.44
CA GLY A 7 3.97 6.82 -5.11
C GLY A 7 5.11 6.10 -4.40
N LEU A 8 4.82 5.60 -3.20
CA LEU A 8 5.83 4.89 -2.42
C LEU A 8 5.75 3.39 -2.66
N LEU A 9 6.71 2.66 -2.10
CA LEU A 9 6.75 1.20 -2.25
C LEU A 9 6.93 0.51 -0.90
N ALA A 10 6.05 -0.44 -0.61
CA ALA A 10 6.11 -1.17 0.65
C ALA A 10 6.03 -2.68 0.41
N ARG A 11 6.41 -3.45 1.42
CA ARG A 11 6.38 -4.91 1.31
C ARG A 11 5.24 -5.48 2.15
N ALA A 12 4.89 -6.74 1.89
CA ALA A 12 3.83 -7.41 2.62
C ALA A 12 4.37 -8.53 3.50
N LEU A 13 4.53 -8.24 4.79
CA LEU A 13 5.05 -9.23 5.73
C LEU A 13 4.02 -10.33 6.00
N TYR A 14 2.75 -10.01 5.73
CA TYR A 14 1.68 -10.97 5.95
C TYR A 14 0.60 -10.83 4.87
N ASP A 15 -0.06 -11.95 4.56
CA ASP A 15 -1.11 -11.94 3.54
C ASP A 15 -2.40 -11.34 4.09
N ASN A 16 -3.16 -10.69 3.22
CA ASN A 16 -4.42 -10.06 3.62
C ASN A 16 -5.58 -10.66 2.85
N CYS A 17 -6.59 -11.13 3.58
CA CYS A 17 -7.77 -11.73 2.97
C CYS A 17 -8.98 -10.80 3.11
N PRO A 18 -9.07 -9.80 2.22
CA PRO A 18 -10.18 -8.84 2.23
C PRO A 18 -11.50 -9.47 1.81
N ASP A 19 -12.59 -8.74 2.01
CA ASP A 19 -13.91 -9.22 1.66
C ASP A 19 -14.72 -8.15 0.92
N CYS A 20 -13.99 -7.23 0.28
CA CYS A 20 -14.62 -6.14 -0.46
C CYS A 20 -13.68 -5.57 -1.52
N SER A 21 -14.25 -4.91 -2.51
CA SER A 21 -13.45 -4.32 -3.59
C SER A 21 -12.58 -3.18 -3.06
N ASP A 22 -13.14 -2.41 -2.12
CA ASP A 22 -12.42 -1.28 -1.53
C ASP A 22 -11.08 -1.73 -0.96
N GLU A 23 -11.10 -2.83 -0.21
CA GLU A 23 -9.87 -3.37 0.38
C GLU A 23 -8.98 -4.01 -0.66
N LEU A 24 -7.73 -4.25 -0.30
CA LEU A 24 -6.76 -4.86 -1.21
C LEU A 24 -6.43 -6.29 -0.78
N ALA A 25 -6.33 -7.19 -1.75
CA ALA A 25 -6.01 -8.59 -1.48
C ALA A 25 -4.62 -8.94 -1.97
N PHE A 26 -3.67 -9.05 -1.05
CA PHE A 26 -2.30 -9.39 -1.40
C PHE A 26 -1.77 -10.49 -0.48
N SER A 27 -0.67 -11.12 -0.91
CA SER A 27 -0.06 -12.20 -0.13
C SER A 27 1.29 -11.76 0.43
N ARG A 28 1.91 -12.64 1.22
CA ARG A 28 3.20 -12.35 1.82
C ARG A 28 4.31 -12.36 0.77
N GLY A 29 5.22 -11.40 0.86
CA GLY A 29 6.32 -11.32 -0.09
C GLY A 29 5.93 -10.59 -1.36
N ASP A 30 4.87 -9.79 -1.29
CA ASP A 30 4.40 -9.03 -2.43
C ASP A 30 4.70 -7.55 -2.27
N ILE A 31 5.11 -6.91 -3.37
CA ILE A 31 5.44 -5.49 -3.34
C ILE A 31 4.22 -4.65 -3.73
N LEU A 32 3.76 -3.82 -2.80
CA LEU A 32 2.61 -2.96 -3.03
C LEU A 32 3.04 -1.51 -3.21
N THR A 33 2.50 -0.86 -4.24
CA THR A 33 2.83 0.54 -4.52
C THR A 33 1.87 1.49 -3.80
N ILE A 34 2.31 2.00 -2.65
CA ILE A 34 1.49 2.91 -1.88
C ILE A 34 1.18 4.19 -2.66
N LEU A 35 0.00 4.21 -3.28
CA LEU A 35 -0.42 5.37 -4.07
C LEU A 35 -0.40 6.63 -3.22
N GLU A 36 -1.06 6.57 -2.06
CA GLU A 36 -1.13 7.72 -1.16
C GLU A 36 -1.07 7.26 0.30
N GLN A 37 -0.99 8.24 1.21
CA GLN A 37 -0.92 7.94 2.63
C GLN A 37 -2.11 8.57 3.36
N HIS A 38 -2.44 9.79 2.98
CA HIS A 38 -3.55 10.50 3.61
C HIS A 38 -4.89 9.84 3.26
N VAL A 39 -5.32 8.90 4.10
CA VAL A 39 -6.57 8.20 3.87
C VAL A 39 -7.46 8.24 5.12
N PRO A 40 -8.38 9.21 5.16
CA PRO A 40 -9.31 9.38 6.29
C PRO A 40 -10.33 8.25 6.37
N GLU A 41 -10.87 7.87 5.22
CA GLU A 41 -11.87 6.81 5.17
C GLU A 41 -11.44 5.61 6.01
N SER A 42 -10.14 5.46 6.19
CA SER A 42 -9.58 4.36 6.98
C SER A 42 -8.39 4.82 7.81
N GLU A 43 -8.52 4.68 9.13
CA GLU A 43 -7.45 5.09 10.04
C GLU A 43 -6.40 3.98 10.17
N GLY A 44 -5.24 4.21 9.59
CA GLY A 44 -4.17 3.24 9.65
C GLY A 44 -4.14 2.32 8.45
N TRP A 45 -4.46 2.87 7.28
CA TRP A 45 -4.47 2.09 6.04
C TRP A 45 -3.76 2.84 4.92
N TRP A 46 -3.37 2.11 3.88
CA TRP A 46 -2.68 2.71 2.74
C TRP A 46 -3.28 2.22 1.43
N LYS A 47 -3.47 3.14 0.49
CA LYS A 47 -4.03 2.79 -0.81
C LYS A 47 -2.93 2.36 -1.79
N CYS A 48 -2.78 1.06 -1.98
CA CYS A 48 -1.77 0.52 -2.89
C CYS A 48 -2.41 0.00 -4.16
N LEU A 49 -1.58 -0.32 -5.15
CA LEU A 49 -2.06 -0.84 -6.42
C LEU A 49 -1.38 -2.17 -6.75
N LEU A 50 -2.21 -3.17 -7.09
CA LEU A 50 -1.69 -4.49 -7.43
C LEU A 50 -2.61 -5.19 -8.43
N HIS A 51 -2.02 -5.77 -9.47
CA HIS A 51 -2.79 -6.48 -10.49
C HIS A 51 -4.08 -5.73 -10.81
N GLY A 52 -4.03 -4.41 -10.72
CA GLY A 52 -5.20 -3.59 -11.01
C GLY A 52 -6.26 -3.71 -9.93
N ARG A 53 -5.86 -3.50 -8.68
CA ARG A 53 -6.78 -3.59 -7.55
C ARG A 53 -7.14 -2.20 -7.04
N GLN A 54 -6.13 -1.44 -6.65
CA GLN A 54 -6.33 -0.09 -6.14
C GLN A 54 -7.16 -0.12 -4.85
N GLY A 55 -6.68 -0.89 -3.87
CA GLY A 55 -7.39 -0.98 -2.61
C GLY A 55 -6.53 -0.55 -1.44
N LEU A 56 -7.13 -0.50 -0.26
CA LEU A 56 -6.42 -0.10 0.96
C LEU A 56 -5.63 -1.26 1.53
N ALA A 57 -4.74 -0.96 2.47
CA ALA A 57 -3.92 -1.98 3.12
C ALA A 57 -3.50 -1.56 4.52
N PRO A 58 -3.46 -2.53 5.45
CA PRO A 58 -3.08 -2.27 6.84
C PRO A 58 -1.61 -1.94 6.98
N ALA A 59 -1.32 -0.68 7.28
CA ALA A 59 0.06 -0.23 7.45
C ALA A 59 0.78 -1.03 8.53
N ASN A 60 0.00 -1.79 9.30
CA ASN A 60 0.56 -2.61 10.37
C ASN A 60 1.18 -3.89 9.82
N ARG A 61 0.73 -4.28 8.62
CA ARG A 61 1.23 -5.49 7.99
C ARG A 61 2.14 -5.14 6.81
N LEU A 62 2.39 -3.85 6.63
CA LEU A 62 3.25 -3.38 5.54
C LEU A 62 4.63 -2.99 6.05
N GLN A 63 5.60 -2.94 5.16
CA GLN A 63 6.97 -2.58 5.52
C GLN A 63 7.51 -1.50 4.60
N ILE A 64 7.58 -0.27 5.11
CA ILE A 64 8.07 0.85 4.32
C ILE A 64 9.57 0.71 4.05
N LEU A 65 9.92 0.62 2.76
CA LEU A 65 11.32 0.48 2.37
C LEU A 65 11.92 1.84 2.05
N SER A 66 12.39 2.54 3.08
CA SER A 66 13.00 3.85 2.92
C SER A 66 13.94 3.87 1.71
N GLY A 67 13.88 4.95 0.93
CA GLY A 67 14.73 5.07 -0.23
C GLY A 67 16.19 4.76 0.07
N PRO A 68 16.88 4.16 -0.91
CA PRO A 68 18.28 3.79 -0.77
C PRO A 68 19.20 5.01 -0.73
N SER A 69 20.51 4.77 -0.64
CA SER A 69 21.49 5.85 -0.60
C SER A 69 22.69 5.52 -1.48
N SER A 70 22.78 6.17 -2.63
CA SER A 70 23.88 5.95 -3.55
C SER A 70 25.01 6.94 -3.31
N GLY A 71 26.22 6.57 -3.70
CA GLY A 71 27.37 7.44 -3.52
C GLY A 71 27.07 8.88 -3.91
N GLY A 1 6.07 21.87 -9.18
CA GLY A 1 5.59 23.23 -9.35
C GLY A 1 4.14 23.39 -8.96
N SER A 2 3.24 22.95 -9.83
CA SER A 2 1.81 23.06 -9.56
C SER A 2 1.19 21.67 -9.39
N SER A 3 1.90 20.79 -8.69
CA SER A 3 1.42 19.44 -8.46
C SER A 3 2.32 18.70 -7.47
N GLY A 4 1.81 17.61 -6.91
CA GLY A 4 2.59 16.84 -5.95
C GLY A 4 2.31 15.35 -6.05
N SER A 5 2.42 14.81 -7.26
CA SER A 5 2.17 13.39 -7.50
C SER A 5 3.40 12.57 -7.13
N SER A 6 3.19 11.53 -6.32
CA SER A 6 4.28 10.67 -5.90
C SER A 6 3.78 9.26 -5.62
N GLY A 7 4.70 8.34 -5.34
CA GLY A 7 4.34 6.96 -5.07
C GLY A 7 5.40 6.23 -4.26
N LEU A 8 5.01 5.73 -3.10
CA LEU A 8 5.93 5.00 -2.24
C LEU A 8 5.87 3.50 -2.50
N LEU A 9 6.80 2.76 -1.93
CA LEU A 9 6.85 1.31 -2.10
C LEU A 9 7.01 0.60 -0.76
N ALA A 10 6.14 -0.37 -0.50
CA ALA A 10 6.19 -1.13 0.75
C ALA A 10 6.04 -2.62 0.49
N ARG A 11 6.65 -3.42 1.34
CA ARG A 11 6.58 -4.88 1.21
C ARG A 11 5.45 -5.45 2.07
N ALA A 12 5.08 -6.69 1.78
CA ALA A 12 4.01 -7.35 2.52
C ALA A 12 4.56 -8.46 3.40
N LEU A 13 4.72 -8.17 4.69
CA LEU A 13 5.23 -9.14 5.64
C LEU A 13 4.23 -10.25 5.90
N TYR A 14 2.95 -9.96 5.64
CA TYR A 14 1.88 -10.92 5.84
C TYR A 14 0.83 -10.81 4.75
N ASP A 15 0.05 -11.87 4.58
CA ASP A 15 -1.00 -11.89 3.57
C ASP A 15 -2.26 -11.21 4.08
N ASN A 16 -3.22 -10.99 3.19
CA ASN A 16 -4.48 -10.35 3.55
C ASN A 16 -5.64 -10.96 2.77
N CYS A 17 -6.79 -11.08 3.43
CA CYS A 17 -7.98 -11.65 2.81
C CYS A 17 -9.19 -10.74 3.00
N PRO A 18 -9.34 -9.76 2.10
CA PRO A 18 -10.44 -8.80 2.14
C PRO A 18 -11.79 -9.45 1.83
N ASP A 19 -12.87 -8.72 2.11
CA ASP A 19 -14.21 -9.23 1.84
C ASP A 19 -15.00 -8.25 0.97
N CYS A 20 -14.67 -6.97 1.07
CA CYS A 20 -15.34 -5.95 0.29
C CYS A 20 -14.48 -5.50 -0.89
N SER A 21 -15.03 -4.64 -1.73
CA SER A 21 -14.32 -4.15 -2.90
C SER A 21 -13.57 -2.87 -2.58
N ASP A 22 -13.08 -2.77 -1.35
CA ASP A 22 -12.34 -1.58 -0.91
C ASP A 22 -10.93 -1.97 -0.48
N GLU A 23 -10.81 -3.05 0.27
CA GLU A 23 -9.51 -3.51 0.76
C GLU A 23 -8.72 -4.16 -0.37
N LEU A 24 -7.44 -4.42 -0.12
CA LEU A 24 -6.57 -5.04 -1.11
C LEU A 24 -6.20 -6.46 -0.70
N ALA A 25 -5.92 -7.31 -1.69
CA ALA A 25 -5.55 -8.69 -1.43
C ALA A 25 -4.13 -8.97 -1.90
N PHE A 26 -3.22 -9.16 -0.95
CA PHE A 26 -1.83 -9.43 -1.27
C PHE A 26 -1.30 -10.59 -0.43
N SER A 27 -0.20 -11.18 -0.88
CA SER A 27 0.41 -12.32 -0.19
C SER A 27 1.77 -11.93 0.38
N ARG A 28 2.24 -12.73 1.34
CA ARG A 28 3.53 -12.47 1.97
C ARG A 28 4.66 -12.44 0.94
N GLY A 29 5.34 -11.31 0.84
CA GLY A 29 6.42 -11.16 -0.11
C GLY A 29 5.98 -10.49 -1.39
N ASP A 30 5.04 -9.56 -1.28
CA ASP A 30 4.54 -8.83 -2.43
C ASP A 30 4.88 -7.34 -2.34
N ILE A 31 5.10 -6.72 -3.49
CA ILE A 31 5.44 -5.30 -3.54
C ILE A 31 4.22 -4.46 -3.86
N LEU A 32 3.72 -3.74 -2.85
CA LEU A 32 2.55 -2.88 -3.04
C LEU A 32 2.97 -1.43 -3.28
N THR A 33 2.38 -0.82 -4.31
CA THR A 33 2.69 0.56 -4.64
C THR A 33 1.76 1.53 -3.92
N ILE A 34 2.24 2.12 -2.84
CA ILE A 34 1.45 3.06 -2.06
C ILE A 34 1.13 4.31 -2.88
N LEU A 35 -0.12 4.42 -3.33
CA LEU A 35 -0.54 5.57 -4.12
C LEU A 35 -0.63 6.82 -3.25
N GLU A 36 -1.21 6.69 -2.06
CA GLU A 36 -1.34 7.81 -1.15
C GLU A 36 -1.37 7.32 0.31
N GLN A 37 -0.57 7.97 1.15
CA GLN A 37 -0.50 7.60 2.56
C GLN A 37 -1.55 8.36 3.37
N HIS A 38 -1.90 9.55 2.90
CA HIS A 38 -2.90 10.38 3.58
C HIS A 38 -4.31 9.94 3.21
N VAL A 39 -4.86 9.00 3.99
CA VAL A 39 -6.20 8.50 3.75
C VAL A 39 -7.07 8.65 4.99
N PRO A 40 -7.81 9.77 5.06
CA PRO A 40 -8.70 10.06 6.18
C PRO A 40 -9.92 9.14 6.21
N GLU A 41 -10.35 8.72 5.04
CA GLU A 41 -11.51 7.84 4.92
C GLU A 41 -11.21 6.46 5.50
N SER A 42 -9.96 6.27 5.93
CA SER A 42 -9.54 5.00 6.49
C SER A 42 -8.64 5.22 7.70
N GLU A 43 -8.86 4.42 8.75
CA GLU A 43 -8.06 4.53 9.97
C GLU A 43 -7.06 3.39 10.06
N GLY A 44 -5.82 3.67 9.64
CA GLY A 44 -4.79 2.64 9.68
C GLY A 44 -4.74 1.81 8.43
N TRP A 45 -4.99 2.44 7.29
CA TRP A 45 -4.98 1.74 6.00
C TRP A 45 -4.21 2.52 4.95
N TRP A 46 -3.74 1.83 3.92
CA TRP A 46 -2.99 2.47 2.86
C TRP A 46 -3.54 2.07 1.48
N LYS A 47 -3.60 3.04 0.57
CA LYS A 47 -4.11 2.79 -0.77
C LYS A 47 -2.99 2.38 -1.72
N CYS A 48 -2.89 1.08 -1.98
CA CYS A 48 -1.85 0.57 -2.87
C CYS A 48 -2.45 0.05 -4.17
N LEU A 49 -1.59 -0.31 -5.12
CA LEU A 49 -2.04 -0.82 -6.41
C LEU A 49 -1.33 -2.11 -6.77
N LEU A 50 -2.10 -3.18 -6.95
CA LEU A 50 -1.54 -4.48 -7.31
C LEU A 50 -2.42 -5.19 -8.34
N HIS A 51 -1.80 -5.60 -9.44
CA HIS A 51 -2.52 -6.30 -10.50
C HIS A 51 -3.88 -5.64 -10.76
N GLY A 52 -3.87 -4.31 -10.86
CA GLY A 52 -5.10 -3.59 -11.10
C GLY A 52 -6.10 -3.75 -9.98
N ARG A 53 -5.65 -3.58 -8.75
CA ARG A 53 -6.51 -3.70 -7.58
C ARG A 53 -6.99 -2.34 -7.09
N GLN A 54 -6.03 -1.49 -6.71
CA GLN A 54 -6.34 -0.16 -6.22
C GLN A 54 -7.20 -0.22 -4.97
N GLY A 55 -6.75 -1.01 -3.98
CA GLY A 55 -7.49 -1.15 -2.75
C GLY A 55 -6.68 -0.73 -1.54
N LEU A 56 -7.31 -0.75 -0.37
CA LEU A 56 -6.64 -0.36 0.87
C LEU A 56 -5.84 -1.54 1.44
N ALA A 57 -4.97 -1.23 2.40
CA ALA A 57 -4.14 -2.26 3.02
C ALA A 57 -3.71 -1.84 4.41
N PRO A 58 -3.66 -2.80 5.34
CA PRO A 58 -3.26 -2.55 6.73
C PRO A 58 -1.78 -2.23 6.86
N ALA A 59 -1.48 -0.95 7.12
CA ALA A 59 -0.10 -0.51 7.27
C ALA A 59 0.63 -1.34 8.32
N ASN A 60 -0.13 -1.92 9.25
CA ASN A 60 0.45 -2.74 10.31
C ASN A 60 1.06 -4.02 9.73
N ARG A 61 0.60 -4.42 8.56
CA ARG A 61 1.10 -5.62 7.91
C ARG A 61 1.98 -5.26 6.72
N LEU A 62 2.21 -3.97 6.51
CA LEU A 62 3.04 -3.50 5.41
C LEU A 62 4.41 -3.03 5.92
N GLN A 63 5.39 -3.05 5.04
CA GLN A 63 6.74 -2.63 5.39
C GLN A 63 7.23 -1.52 4.47
N ILE A 64 7.31 -0.30 4.99
CA ILE A 64 7.75 0.84 4.22
C ILE A 64 9.25 0.79 3.98
N LEU A 65 9.65 0.74 2.72
CA LEU A 65 11.07 0.68 2.36
C LEU A 65 11.60 2.08 2.03
N SER A 66 11.93 2.83 3.08
CA SER A 66 12.45 4.19 2.90
C SER A 66 13.81 4.16 2.21
N GLY A 67 13.84 4.66 0.97
CA GLY A 67 15.08 4.69 0.22
C GLY A 67 14.92 4.16 -1.20
N PRO A 68 15.98 4.26 -2.00
CA PRO A 68 15.97 3.80 -3.40
C PRO A 68 15.90 2.29 -3.51
N SER A 69 15.94 1.61 -2.36
CA SER A 69 15.89 0.15 -2.33
C SER A 69 14.77 -0.37 -3.23
N SER A 70 15.16 -1.06 -4.30
CA SER A 70 14.19 -1.61 -5.25
C SER A 70 14.47 -3.09 -5.52
N GLY A 71 13.89 -3.94 -4.68
CA GLY A 71 14.10 -5.38 -4.83
C GLY A 71 13.23 -5.96 -5.94
N GLY A 1 9.81 20.35 -7.56
CA GLY A 1 9.81 18.91 -7.33
C GLY A 1 8.88 18.18 -8.28
N SER A 2 9.03 16.87 -8.36
CA SER A 2 8.20 16.05 -9.24
C SER A 2 6.73 16.17 -8.86
N SER A 3 5.99 16.99 -9.58
CA SER A 3 4.57 17.19 -9.32
C SER A 3 3.81 15.88 -9.45
N GLY A 4 2.66 15.80 -8.77
CA GLY A 4 1.85 14.60 -8.83
C GLY A 4 1.90 13.80 -7.54
N SER A 5 0.98 12.85 -7.39
CA SER A 5 0.92 12.03 -6.19
C SER A 5 2.23 11.27 -5.98
N SER A 6 2.55 11.02 -4.72
CA SER A 6 3.78 10.30 -4.38
C SER A 6 3.50 8.82 -4.15
N GLY A 7 3.80 8.01 -5.16
CA GLY A 7 3.58 6.57 -5.05
C GLY A 7 4.76 5.85 -4.44
N LEU A 8 4.68 5.60 -3.13
CA LEU A 8 5.74 4.90 -2.41
C LEU A 8 5.63 3.40 -2.60
N LEU A 9 6.64 2.67 -2.13
CA LEU A 9 6.66 1.22 -2.23
C LEU A 9 6.78 0.57 -0.86
N ALA A 10 5.95 -0.45 -0.62
CA ALA A 10 5.97 -1.15 0.66
C ALA A 10 5.83 -2.66 0.45
N ARG A 11 6.42 -3.44 1.36
CA ARG A 11 6.35 -4.90 1.27
C ARG A 11 5.21 -5.44 2.13
N ALA A 12 4.84 -6.69 1.88
CA ALA A 12 3.77 -7.33 2.63
C ALA A 12 4.30 -8.43 3.54
N LEU A 13 4.46 -8.11 4.82
CA LEU A 13 4.97 -9.07 5.79
C LEU A 13 3.93 -10.16 6.08
N TYR A 14 2.71 -9.92 5.63
CA TYR A 14 1.63 -10.89 5.84
C TYR A 14 0.49 -10.64 4.85
N ASP A 15 0.01 -11.72 4.23
CA ASP A 15 -1.08 -11.62 3.28
C ASP A 15 -2.31 -10.94 3.90
N ASN A 16 -3.28 -10.61 3.06
CA ASN A 16 -4.50 -9.96 3.53
C ASN A 16 -5.72 -10.51 2.81
N CYS A 17 -6.72 -10.94 3.58
CA CYS A 17 -7.95 -11.49 3.01
C CYS A 17 -9.11 -10.51 3.19
N PRO A 18 -9.18 -9.52 2.28
CA PRO A 18 -10.23 -8.50 2.32
C PRO A 18 -11.60 -9.07 1.94
N ASP A 19 -12.65 -8.52 2.55
CA ASP A 19 -14.01 -8.97 2.28
C ASP A 19 -14.68 -8.10 1.22
N CYS A 20 -14.32 -6.82 1.20
CA CYS A 20 -14.88 -5.87 0.23
C CYS A 20 -13.86 -5.53 -0.84
N SER A 21 -14.32 -4.81 -1.87
CA SER A 21 -13.44 -4.41 -2.96
C SER A 21 -12.49 -3.30 -2.53
N ASP A 22 -12.99 -2.39 -1.71
CA ASP A 22 -12.18 -1.27 -1.22
C ASP A 22 -10.79 -1.75 -0.82
N GLU A 23 -10.74 -2.65 0.15
CA GLU A 23 -9.47 -3.19 0.63
C GLU A 23 -8.72 -3.90 -0.49
N LEU A 24 -7.44 -4.17 -0.26
CA LEU A 24 -6.62 -4.86 -1.25
C LEU A 24 -6.31 -6.28 -0.81
N ALA A 25 -6.23 -7.19 -1.79
CA ALA A 25 -5.95 -8.59 -1.50
C ALA A 25 -4.56 -8.98 -2.03
N PHE A 26 -3.60 -9.06 -1.12
CA PHE A 26 -2.23 -9.43 -1.49
C PHE A 26 -1.74 -10.60 -0.65
N SER A 27 -0.54 -11.09 -0.97
CA SER A 27 0.04 -12.20 -0.25
C SER A 27 1.50 -11.93 0.10
N ARG A 28 1.93 -12.41 1.27
CA ARG A 28 3.30 -12.21 1.72
C ARG A 28 4.27 -12.34 0.56
N GLY A 29 5.20 -11.38 0.48
CA GLY A 29 6.19 -11.41 -0.59
C GLY A 29 5.74 -10.63 -1.81
N ASP A 30 5.06 -9.51 -1.59
CA ASP A 30 4.57 -8.68 -2.68
C ASP A 30 4.68 -7.20 -2.32
N ILE A 31 5.52 -6.47 -3.06
CA ILE A 31 5.71 -5.05 -2.82
C ILE A 31 4.54 -4.25 -3.36
N LEU A 32 3.72 -3.73 -2.44
CA LEU A 32 2.56 -2.93 -2.82
C LEU A 32 2.93 -1.45 -3.00
N THR A 33 2.55 -0.88 -4.12
CA THR A 33 2.84 0.52 -4.41
C THR A 33 1.85 1.45 -3.72
N ILE A 34 2.27 2.02 -2.60
CA ILE A 34 1.43 2.92 -1.84
C ILE A 34 1.11 4.18 -2.63
N LEU A 35 -0.08 4.20 -3.25
CA LEU A 35 -0.51 5.34 -4.05
C LEU A 35 -0.69 6.58 -3.18
N GLU A 36 -1.36 6.42 -2.05
CA GLU A 36 -1.59 7.52 -1.12
C GLU A 36 -1.47 7.06 0.33
N GLN A 37 -0.64 7.76 1.09
CA GLN A 37 -0.43 7.42 2.49
C GLN A 37 -1.52 8.01 3.37
N HIS A 38 -1.94 9.22 3.05
CA HIS A 38 -3.00 9.90 3.80
C HIS A 38 -4.36 9.32 3.46
N VAL A 39 -4.90 8.50 4.37
CA VAL A 39 -6.21 7.89 4.16
C VAL A 39 -7.11 8.11 5.37
N PRO A 40 -7.92 9.19 5.32
CA PRO A 40 -8.85 9.52 6.40
C PRO A 40 -10.00 8.54 6.50
N GLU A 41 -10.55 8.16 5.36
CA GLU A 41 -11.67 7.22 5.32
C GLU A 41 -11.36 5.97 6.14
N SER A 42 -10.11 5.52 6.07
CA SER A 42 -9.68 4.34 6.81
C SER A 42 -8.49 4.65 7.70
N GLU A 43 -8.72 4.63 9.01
CA GLU A 43 -7.67 4.91 9.98
C GLU A 43 -6.71 3.73 10.11
N GLY A 44 -5.49 3.90 9.61
CA GLY A 44 -4.50 2.84 9.69
C GLY A 44 -4.47 1.99 8.43
N TRP A 45 -4.73 2.61 7.29
CA TRP A 45 -4.74 1.91 6.02
C TRP A 45 -3.99 2.70 4.95
N TRP A 46 -3.73 2.05 3.82
CA TRP A 46 -3.01 2.70 2.72
C TRP A 46 -3.54 2.21 1.37
N LYS A 47 -3.69 3.14 0.43
CA LYS A 47 -4.18 2.80 -0.90
C LYS A 47 -3.03 2.38 -1.82
N CYS A 48 -2.92 1.09 -2.07
CA CYS A 48 -1.87 0.56 -2.92
C CYS A 48 -2.45 0.04 -4.24
N LEU A 49 -1.57 -0.34 -5.16
CA LEU A 49 -1.99 -0.84 -6.46
C LEU A 49 -1.25 -2.13 -6.81
N LEU A 50 -2.00 -3.17 -7.17
CA LEU A 50 -1.41 -4.45 -7.52
C LEU A 50 -2.28 -5.18 -8.54
N HIS A 51 -1.66 -5.64 -9.62
CA HIS A 51 -2.38 -6.36 -10.67
C HIS A 51 -3.76 -5.76 -10.89
N GLY A 52 -3.82 -4.44 -11.01
CA GLY A 52 -5.09 -3.77 -11.22
C GLY A 52 -6.02 -3.90 -10.02
N ARG A 53 -5.44 -3.94 -8.83
CA ARG A 53 -6.22 -4.06 -7.60
C ARG A 53 -6.84 -2.72 -7.22
N GLN A 54 -5.99 -1.74 -6.92
CA GLN A 54 -6.46 -0.42 -6.53
C GLN A 54 -7.25 -0.48 -5.22
N GLY A 55 -6.73 -1.22 -4.26
CA GLY A 55 -7.40 -1.35 -2.97
C GLY A 55 -6.55 -0.85 -1.82
N LEU A 56 -7.16 -0.71 -0.65
CA LEU A 56 -6.45 -0.25 0.54
C LEU A 56 -5.68 -1.40 1.19
N ALA A 57 -4.80 -1.05 2.13
CA ALA A 57 -4.00 -2.05 2.83
C ALA A 57 -3.62 -1.56 4.23
N PRO A 58 -3.62 -2.48 5.20
CA PRO A 58 -3.28 -2.15 6.59
C PRO A 58 -1.79 -1.84 6.76
N ALA A 59 -1.49 -0.57 6.96
CA ALA A 59 -0.11 -0.14 7.14
C ALA A 59 0.57 -0.93 8.25
N ASN A 60 -0.22 -1.54 9.11
CA ASN A 60 0.30 -2.33 10.22
C ASN A 60 0.98 -3.61 9.71
N ARG A 61 0.52 -4.08 8.56
CA ARG A 61 1.07 -5.29 7.95
C ARG A 61 2.00 -4.94 6.79
N LEU A 62 2.29 -3.66 6.65
CA LEU A 62 3.17 -3.20 5.58
C LEU A 62 4.55 -2.82 6.12
N GLN A 63 5.55 -2.87 5.25
CA GLN A 63 6.92 -2.53 5.66
C GLN A 63 7.51 -1.48 4.72
N ILE A 64 7.52 -0.23 5.17
CA ILE A 64 8.05 0.87 4.37
C ILE A 64 9.55 0.69 4.15
N LEU A 65 9.94 0.44 2.90
CA LEU A 65 11.34 0.26 2.55
C LEU A 65 12.01 1.61 2.26
N SER A 66 12.01 2.48 3.26
CA SER A 66 12.61 3.80 3.11
C SER A 66 14.13 3.69 2.97
N GLY A 67 14.75 2.97 3.90
CA GLY A 67 16.19 2.81 3.86
C GLY A 67 16.65 2.05 2.62
N PRO A 68 16.75 0.72 2.74
CA PRO A 68 17.19 -0.14 1.64
C PRO A 68 16.16 -0.21 0.51
N SER A 69 16.24 0.72 -0.43
CA SER A 69 15.31 0.77 -1.55
C SER A 69 15.96 0.19 -2.81
N SER A 70 15.89 -1.12 -2.96
CA SER A 70 16.47 -1.80 -4.11
C SER A 70 16.23 -0.99 -5.38
N GLY A 71 17.32 -0.53 -6.00
CA GLY A 71 17.21 0.25 -7.22
C GLY A 71 16.84 1.70 -6.94
N GLY A 1 -1.35 22.93 -12.07
CA GLY A 1 -1.72 22.46 -10.74
C GLY A 1 -0.69 21.53 -10.15
N SER A 2 -0.31 21.79 -8.90
CA SER A 2 0.68 20.97 -8.21
C SER A 2 0.20 19.53 -8.09
N SER A 3 0.99 18.60 -8.62
CA SER A 3 0.64 17.19 -8.58
C SER A 3 1.60 16.42 -7.65
N GLY A 4 1.10 15.34 -7.06
CA GLY A 4 1.91 14.55 -6.16
C GLY A 4 2.32 13.22 -6.77
N SER A 5 3.62 13.05 -7.02
CA SER A 5 4.13 11.83 -7.61
C SER A 5 5.02 11.08 -6.62
N SER A 6 4.58 11.01 -5.37
CA SER A 6 5.33 10.33 -4.33
C SER A 6 5.58 8.87 -4.70
N GLY A 7 4.49 8.16 -5.03
CA GLY A 7 4.62 6.76 -5.40
C GLY A 7 5.64 6.03 -4.56
N LEU A 8 5.24 5.64 -3.36
CA LEU A 8 6.15 4.92 -2.46
C LEU A 8 6.02 3.42 -2.65
N LEU A 9 6.90 2.66 -1.99
CA LEU A 9 6.89 1.21 -2.10
C LEU A 9 6.92 0.57 -0.71
N ALA A 10 6.13 -0.49 -0.54
CA ALA A 10 6.07 -1.19 0.74
C ALA A 10 5.95 -2.69 0.53
N ARG A 11 6.62 -3.46 1.38
CA ARG A 11 6.59 -4.92 1.28
C ARG A 11 5.41 -5.49 2.07
N ALA A 12 5.09 -6.74 1.80
CA ALA A 12 3.97 -7.41 2.49
C ALA A 12 4.49 -8.49 3.43
N LEU A 13 4.56 -8.16 4.71
CA LEU A 13 5.03 -9.10 5.72
C LEU A 13 3.98 -10.19 5.98
N TYR A 14 2.76 -9.95 5.53
CA TYR A 14 1.68 -10.90 5.72
C TYR A 14 0.55 -10.65 4.72
N ASP A 15 -0.04 -11.73 4.22
CA ASP A 15 -1.13 -11.63 3.25
C ASP A 15 -2.35 -10.95 3.87
N ASN A 16 -3.32 -10.60 3.03
CA ASN A 16 -4.53 -9.93 3.50
C ASN A 16 -5.76 -10.47 2.77
N CYS A 17 -6.79 -10.83 3.53
CA CYS A 17 -8.02 -11.35 2.95
C CYS A 17 -9.15 -10.33 3.06
N PRO A 18 -9.24 -9.44 2.06
CA PRO A 18 -10.26 -8.40 2.01
C PRO A 18 -11.65 -8.97 1.76
N ASP A 19 -12.59 -8.67 2.66
CA ASP A 19 -13.96 -9.14 2.53
C ASP A 19 -14.68 -8.41 1.41
N CYS A 20 -14.26 -7.19 1.13
CA CYS A 20 -14.87 -6.38 0.08
C CYS A 20 -13.80 -5.76 -0.82
N SER A 21 -14.25 -5.18 -1.93
CA SER A 21 -13.33 -4.55 -2.88
C SER A 21 -12.55 -3.42 -2.22
N ASP A 22 -13.18 -2.77 -1.25
CA ASP A 22 -12.56 -1.67 -0.53
C ASP A 22 -11.10 -1.98 -0.21
N GLU A 23 -10.88 -3.09 0.50
CA GLU A 23 -9.54 -3.50 0.87
C GLU A 23 -8.83 -4.18 -0.29
N LEU A 24 -7.52 -4.33 -0.17
CA LEU A 24 -6.72 -4.97 -1.22
C LEU A 24 -6.45 -6.42 -0.89
N ALA A 25 -6.13 -7.21 -1.91
CA ALA A 25 -5.83 -8.63 -1.71
C ALA A 25 -4.42 -8.96 -2.18
N PHE A 26 -3.52 -9.16 -1.22
CA PHE A 26 -2.13 -9.48 -1.53
C PHE A 26 -1.62 -10.59 -0.62
N SER A 27 -0.56 -11.26 -1.06
CA SER A 27 0.02 -12.36 -0.28
C SER A 27 1.48 -12.06 0.07
N ARG A 28 1.86 -12.41 1.29
CA ARG A 28 3.22 -12.18 1.75
C ARG A 28 4.24 -12.39 0.62
N GLY A 29 5.01 -11.36 0.32
CA GLY A 29 6.00 -11.46 -0.73
C GLY A 29 5.63 -10.64 -1.96
N ASP A 30 4.91 -9.55 -1.75
CA ASP A 30 4.49 -8.68 -2.84
C ASP A 30 4.62 -7.22 -2.46
N ILE A 31 5.44 -6.48 -3.20
CA ILE A 31 5.65 -5.07 -2.94
C ILE A 31 4.46 -4.24 -3.40
N LEU A 32 3.75 -3.66 -2.44
CA LEU A 32 2.58 -2.83 -2.75
C LEU A 32 2.99 -1.39 -3.02
N THR A 33 2.51 -0.84 -4.13
CA THR A 33 2.82 0.54 -4.50
C THR A 33 1.87 1.51 -3.82
N ILE A 34 2.33 2.13 -2.74
CA ILE A 34 1.52 3.10 -2.01
C ILE A 34 1.26 4.35 -2.84
N LEU A 35 -0.01 4.59 -3.17
CA LEU A 35 -0.39 5.76 -3.96
C LEU A 35 -0.61 6.98 -3.06
N GLU A 36 -1.25 6.76 -1.92
CA GLU A 36 -1.52 7.84 -0.98
C GLU A 36 -1.46 7.33 0.46
N GLN A 37 -0.56 7.91 1.25
CA GLN A 37 -0.40 7.51 2.64
C GLN A 37 -1.54 8.06 3.49
N HIS A 38 -1.95 9.29 3.21
CA HIS A 38 -3.03 9.93 3.95
C HIS A 38 -4.39 9.42 3.47
N VAL A 39 -5.08 8.66 4.32
CA VAL A 39 -6.39 8.13 3.97
C VAL A 39 -7.41 8.44 5.06
N PRO A 40 -8.15 9.55 4.89
CA PRO A 40 -9.17 9.98 5.83
C PRO A 40 -10.39 9.05 5.83
N GLU A 41 -10.50 8.23 4.80
CA GLU A 41 -11.62 7.29 4.69
C GLU A 41 -11.40 6.08 5.58
N SER A 42 -10.14 5.73 5.81
CA SER A 42 -9.79 4.59 6.65
C SER A 42 -8.56 4.88 7.50
N GLU A 43 -8.75 4.85 8.82
CA GLU A 43 -7.65 5.12 9.75
C GLU A 43 -6.76 3.90 9.91
N GLY A 44 -5.51 4.02 9.47
CA GLY A 44 -4.57 2.91 9.58
C GLY A 44 -4.58 2.04 8.34
N TRP A 45 -4.81 2.64 7.20
CA TRP A 45 -4.84 1.91 5.93
C TRP A 45 -4.10 2.67 4.84
N TRP A 46 -3.61 1.94 3.84
CA TRP A 46 -2.89 2.55 2.73
C TRP A 46 -3.46 2.10 1.39
N LYS A 47 -3.63 3.04 0.47
CA LYS A 47 -4.17 2.74 -0.84
C LYS A 47 -3.05 2.37 -1.81
N CYS A 48 -2.83 1.07 -1.98
CA CYS A 48 -1.78 0.57 -2.87
C CYS A 48 -2.39 0.03 -4.16
N LEU A 49 -1.54 -0.22 -5.14
CA LEU A 49 -1.99 -0.74 -6.43
C LEU A 49 -1.25 -2.04 -6.78
N LEU A 50 -2.02 -3.09 -7.04
CA LEU A 50 -1.44 -4.38 -7.40
C LEU A 50 -2.34 -5.14 -8.36
N HIS A 51 -1.75 -5.71 -9.39
CA HIS A 51 -2.50 -6.48 -10.39
C HIS A 51 -3.85 -5.81 -10.66
N GLY A 52 -3.85 -4.49 -10.76
CA GLY A 52 -5.09 -3.77 -11.01
C GLY A 52 -6.10 -3.95 -9.91
N ARG A 53 -5.68 -3.70 -8.67
CA ARG A 53 -6.56 -3.84 -7.52
C ARG A 53 -7.07 -2.48 -7.04
N GLN A 54 -6.12 -1.59 -6.72
CA GLN A 54 -6.47 -0.26 -6.25
C GLN A 54 -7.31 -0.32 -4.98
N GLY A 55 -6.81 -1.05 -3.98
CA GLY A 55 -7.53 -1.18 -2.73
C GLY A 55 -6.71 -0.73 -1.54
N LEU A 56 -7.32 -0.74 -0.36
CA LEU A 56 -6.64 -0.34 0.86
C LEU A 56 -5.80 -1.48 1.42
N ALA A 57 -4.92 -1.16 2.36
CA ALA A 57 -4.06 -2.17 2.98
C ALA A 57 -3.68 -1.76 4.39
N PRO A 58 -3.61 -2.75 5.30
CA PRO A 58 -3.25 -2.52 6.70
C PRO A 58 -1.79 -2.11 6.87
N ALA A 59 -1.55 -0.84 7.13
CA ALA A 59 -0.20 -0.32 7.32
C ALA A 59 0.53 -1.09 8.41
N ASN A 60 -0.22 -1.87 9.19
CA ASN A 60 0.36 -2.65 10.27
C ASN A 60 1.03 -3.91 9.73
N ARG A 61 0.57 -4.37 8.57
CA ARG A 61 1.13 -5.56 7.94
C ARG A 61 2.03 -5.19 6.77
N LEU A 62 2.27 -3.90 6.61
CA LEU A 62 3.12 -3.41 5.52
C LEU A 62 4.50 -3.01 6.04
N GLN A 63 5.47 -2.94 5.13
CA GLN A 63 6.84 -2.58 5.49
C GLN A 63 7.37 -1.49 4.57
N ILE A 64 7.42 -0.26 5.07
CA ILE A 64 7.91 0.87 4.29
C ILE A 64 9.41 0.79 4.11
N LEU A 65 9.85 0.68 2.85
CA LEU A 65 11.27 0.60 2.55
C LEU A 65 11.87 2.00 2.35
N SER A 66 13.19 2.10 2.49
CA SER A 66 13.88 3.37 2.34
C SER A 66 14.90 3.31 1.21
N GLY A 67 15.01 4.38 0.45
CA GLY A 67 15.95 4.43 -0.65
C GLY A 67 16.62 5.78 -0.80
N PRO A 68 15.86 6.76 -1.30
CA PRO A 68 16.37 8.13 -1.50
C PRO A 68 16.61 8.85 -0.18
N SER A 69 16.38 8.16 0.92
CA SER A 69 16.56 8.74 2.24
C SER A 69 17.74 9.69 2.26
N SER A 70 18.81 9.32 1.56
CA SER A 70 20.01 10.14 1.49
C SER A 70 20.44 10.35 0.04
N GLY A 71 20.26 11.57 -0.45
CA GLY A 71 20.63 11.89 -1.82
C GLY A 71 22.13 11.99 -2.00
N GLY A 1 8.35 14.22 -4.98
CA GLY A 1 7.14 14.82 -5.54
C GLY A 1 6.60 15.94 -4.68
N SER A 2 6.24 17.05 -5.32
CA SER A 2 5.71 18.21 -4.60
C SER A 2 4.23 18.40 -4.90
N SER A 3 3.88 18.34 -6.18
CA SER A 3 2.49 18.50 -6.60
C SER A 3 1.94 17.21 -7.19
N GLY A 4 0.74 16.84 -6.77
CA GLY A 4 0.13 15.62 -7.27
C GLY A 4 0.07 14.53 -6.22
N SER A 5 0.54 13.34 -6.58
CA SER A 5 0.54 12.21 -5.66
C SER A 5 1.91 11.55 -5.60
N SER A 6 2.35 11.20 -4.39
CA SER A 6 3.65 10.57 -4.20
C SER A 6 3.56 9.07 -4.48
N GLY A 7 4.69 8.49 -4.89
CA GLY A 7 4.73 7.07 -5.18
C GLY A 7 5.75 6.32 -4.33
N LEU A 8 5.26 5.56 -3.36
CA LEU A 8 6.13 4.81 -2.47
C LEU A 8 5.88 3.31 -2.62
N LEU A 9 6.79 2.50 -2.10
CA LEU A 9 6.66 1.05 -2.15
C LEU A 9 6.73 0.43 -0.76
N ALA A 10 5.87 -0.54 -0.51
CA ALA A 10 5.83 -1.23 0.78
C ALA A 10 5.82 -2.74 0.61
N ARG A 11 6.39 -3.45 1.58
CA ARG A 11 6.45 -4.89 1.54
C ARG A 11 5.30 -5.51 2.32
N ALA A 12 5.03 -6.79 2.06
CA ALA A 12 3.96 -7.50 2.74
C ALA A 12 4.51 -8.57 3.67
N LEU A 13 4.55 -8.25 4.97
CA LEU A 13 5.07 -9.18 5.96
C LEU A 13 4.14 -10.38 6.11
N TYR A 14 2.89 -10.22 5.67
CA TYR A 14 1.91 -11.29 5.74
C TYR A 14 0.77 -11.06 4.75
N ASP A 15 0.24 -12.15 4.20
CA ASP A 15 -0.85 -12.06 3.23
C ASP A 15 -2.07 -11.39 3.85
N ASN A 16 -2.90 -10.79 3.01
CA ASN A 16 -4.10 -10.10 3.47
C ASN A 16 -5.34 -10.65 2.77
N CYS A 17 -6.36 -10.98 3.55
CA CYS A 17 -7.61 -11.50 3.01
C CYS A 17 -8.74 -10.50 3.17
N PRO A 18 -8.85 -9.58 2.21
CA PRO A 18 -9.90 -8.54 2.22
C PRO A 18 -11.28 -9.11 1.96
N ASP A 19 -12.31 -8.34 2.32
CA ASP A 19 -13.69 -8.77 2.11
C ASP A 19 -14.47 -7.75 1.28
N CYS A 20 -14.00 -6.51 1.30
CA CYS A 20 -14.64 -5.44 0.55
C CYS A 20 -13.76 -4.96 -0.59
N SER A 21 -14.39 -4.55 -1.69
CA SER A 21 -13.66 -4.07 -2.86
C SER A 21 -12.62 -3.03 -2.46
N ASP A 22 -13.04 -2.08 -1.64
CA ASP A 22 -12.14 -1.02 -1.18
C ASP A 22 -10.80 -1.60 -0.73
N GLU A 23 -10.86 -2.63 0.10
CA GLU A 23 -9.65 -3.27 0.61
C GLU A 23 -8.83 -3.86 -0.53
N LEU A 24 -7.59 -4.21 -0.23
CA LEU A 24 -6.69 -4.79 -1.23
C LEU A 24 -6.35 -6.24 -0.89
N ALA A 25 -6.30 -7.09 -1.91
CA ALA A 25 -5.97 -8.49 -1.71
C ALA A 25 -4.54 -8.80 -2.17
N PHE A 26 -3.65 -9.01 -1.21
CA PHE A 26 -2.26 -9.31 -1.53
C PHE A 26 -1.76 -10.49 -0.71
N SER A 27 -0.64 -11.07 -1.14
CA SER A 27 -0.07 -12.23 -0.44
C SER A 27 1.34 -11.91 0.05
N ARG A 28 1.85 -12.76 0.94
CA ARG A 28 3.18 -12.57 1.50
C ARG A 28 4.21 -12.35 0.38
N GLY A 29 5.24 -11.58 0.68
CA GLY A 29 6.27 -11.31 -0.31
C GLY A 29 5.73 -10.62 -1.54
N ASP A 30 4.94 -9.57 -1.34
CA ASP A 30 4.34 -8.82 -2.44
C ASP A 30 4.61 -7.33 -2.29
N ILE A 31 5.31 -6.76 -3.27
CA ILE A 31 5.63 -5.34 -3.25
C ILE A 31 4.44 -4.50 -3.70
N LEU A 32 3.85 -3.77 -2.77
CA LEU A 32 2.70 -2.92 -3.06
C LEU A 32 3.14 -1.49 -3.35
N THR A 33 2.47 -0.84 -4.31
CA THR A 33 2.79 0.53 -4.67
C THR A 33 1.88 1.52 -3.97
N ILE A 34 2.38 2.14 -2.91
CA ILE A 34 1.61 3.12 -2.15
C ILE A 34 1.29 4.34 -3.00
N LEU A 35 0.02 4.49 -3.36
CA LEU A 35 -0.41 5.63 -4.18
C LEU A 35 -0.52 6.89 -3.32
N GLU A 36 -1.16 6.77 -2.17
CA GLU A 36 -1.34 7.91 -1.27
C GLU A 36 -1.53 7.43 0.17
N GLN A 37 -0.71 7.97 1.07
CA GLN A 37 -0.78 7.60 2.48
C GLN A 37 -1.76 8.49 3.23
N HIS A 38 -2.59 9.21 2.48
CA HIS A 38 -3.59 10.10 3.07
C HIS A 38 -5.00 9.57 2.87
N VAL A 39 -5.38 8.61 3.72
CA VAL A 39 -6.71 8.01 3.64
C VAL A 39 -7.40 7.99 5.00
N PRO A 40 -8.20 9.03 5.27
CA PRO A 40 -8.93 9.15 6.53
C PRO A 40 -10.04 8.11 6.68
N GLU A 41 -10.78 7.90 5.59
CA GLU A 41 -11.88 6.93 5.60
C GLU A 41 -11.47 5.65 6.33
N SER A 42 -10.23 5.23 6.12
CA SER A 42 -9.72 4.02 6.76
C SER A 42 -8.52 4.34 7.65
N GLU A 43 -8.76 4.44 8.95
CA GLU A 43 -7.71 4.74 9.92
C GLU A 43 -6.69 3.61 9.97
N GLY A 44 -5.46 3.91 9.56
CA GLY A 44 -4.41 2.91 9.57
C GLY A 44 -4.40 2.05 8.32
N TRP A 45 -4.63 2.68 7.17
CA TRP A 45 -4.66 1.97 5.91
C TRP A 45 -3.94 2.76 4.82
N TRP A 46 -3.55 2.08 3.75
CA TRP A 46 -2.84 2.72 2.64
C TRP A 46 -3.40 2.26 1.31
N LYS A 47 -3.55 3.20 0.38
CA LYS A 47 -4.07 2.90 -0.94
C LYS A 47 -2.96 2.47 -1.89
N CYS A 48 -2.84 1.15 -2.09
CA CYS A 48 -1.82 0.61 -2.97
C CYS A 48 -2.43 0.03 -4.23
N LEU A 49 -1.58 -0.36 -5.18
CA LEU A 49 -2.05 -0.93 -6.44
C LEU A 49 -1.35 -2.26 -6.73
N LEU A 50 -2.15 -3.29 -7.01
CA LEU A 50 -1.62 -4.61 -7.31
C LEU A 50 -2.53 -5.37 -8.27
N HIS A 51 -1.93 -5.94 -9.31
CA HIS A 51 -2.70 -6.70 -10.30
C HIS A 51 -4.03 -6.03 -10.59
N GLY A 52 -4.00 -4.70 -10.71
CA GLY A 52 -5.22 -3.96 -10.99
C GLY A 52 -6.21 -4.04 -9.84
N ARG A 53 -5.75 -3.79 -8.64
CA ARG A 53 -6.60 -3.84 -7.45
C ARG A 53 -7.10 -2.44 -7.09
N GLN A 54 -6.15 -1.54 -6.79
CA GLN A 54 -6.50 -0.18 -6.43
C GLN A 54 -7.31 -0.14 -5.14
N GLY A 55 -6.85 -0.88 -4.14
CA GLY A 55 -7.53 -0.93 -2.86
C GLY A 55 -6.66 -0.46 -1.71
N LEU A 56 -7.20 -0.53 -0.50
CA LEU A 56 -6.46 -0.11 0.69
C LEU A 56 -5.73 -1.29 1.33
N ALA A 57 -4.78 -0.99 2.20
CA ALA A 57 -4.01 -2.02 2.87
C ALA A 57 -3.64 -1.59 4.30
N PRO A 58 -3.66 -2.55 5.23
CA PRO A 58 -3.33 -2.29 6.64
C PRO A 58 -1.85 -1.99 6.84
N ALA A 59 -1.54 -0.73 7.17
CA ALA A 59 -0.18 -0.31 7.40
C ALA A 59 0.51 -1.17 8.46
N ASN A 60 -0.32 -1.79 9.31
CA ASN A 60 0.20 -2.65 10.37
C ASN A 60 0.82 -3.92 9.80
N ARG A 61 0.60 -4.15 8.52
CA ARG A 61 1.14 -5.34 7.85
C ARG A 61 2.09 -4.94 6.72
N LEU A 62 2.22 -3.63 6.49
CA LEU A 62 3.11 -3.13 5.45
C LEU A 62 4.37 -2.52 6.05
N GLN A 63 5.52 -2.95 5.54
CA GLN A 63 6.81 -2.45 6.03
C GLN A 63 7.39 -1.42 5.07
N ILE A 64 7.23 -0.15 5.39
CA ILE A 64 7.74 0.93 4.55
C ILE A 64 9.24 0.77 4.31
N LEU A 65 9.61 0.44 3.09
CA LEU A 65 11.02 0.27 2.73
C LEU A 65 11.62 1.57 2.23
N SER A 66 12.88 1.82 2.58
CA SER A 66 13.57 3.03 2.18
C SER A 66 15.08 2.79 2.10
N GLY A 67 15.59 2.70 0.88
CA GLY A 67 17.02 2.48 0.69
C GLY A 67 17.31 1.39 -0.32
N PRO A 68 17.02 0.13 0.05
CA PRO A 68 17.25 -1.03 -0.82
C PRO A 68 16.28 -1.06 -2.00
N SER A 69 16.81 -0.84 -3.19
CA SER A 69 15.99 -0.84 -4.41
C SER A 69 16.42 -1.96 -5.34
N SER A 70 15.93 -3.17 -5.07
CA SER A 70 16.27 -4.32 -5.90
C SER A 70 16.15 -3.99 -7.38
N GLY A 71 17.27 -4.04 -8.08
CA GLY A 71 17.28 -3.73 -9.50
C GLY A 71 17.87 -4.85 -10.33
N GLY A 1 11.84 17.79 -1.07
CA GLY A 1 11.59 19.10 -1.64
C GLY A 1 11.46 19.07 -3.15
N SER A 2 10.23 18.89 -3.63
CA SER A 2 9.97 18.83 -5.06
C SER A 2 8.48 18.93 -5.36
N SER A 3 8.12 19.65 -6.41
CA SER A 3 6.73 19.83 -6.79
C SER A 3 6.16 18.53 -7.35
N GLY A 4 5.28 17.89 -6.59
CA GLY A 4 4.68 16.64 -7.02
C GLY A 4 4.77 15.56 -5.97
N SER A 5 4.03 14.47 -6.18
CA SER A 5 4.02 13.35 -5.25
C SER A 5 4.38 12.05 -5.96
N SER A 6 5.21 11.23 -5.30
CA SER A 6 5.63 9.96 -5.86
C SER A 6 5.17 8.79 -4.99
N GLY A 7 4.53 7.81 -5.61
CA GLY A 7 4.04 6.66 -4.88
C GLY A 7 5.17 5.85 -4.25
N LEU A 8 5.05 5.58 -2.96
CA LEU A 8 6.07 4.81 -2.25
C LEU A 8 5.91 3.32 -2.50
N LEU A 9 6.87 2.54 -2.04
CA LEU A 9 6.83 1.08 -2.22
C LEU A 9 7.08 0.37 -0.90
N ALA A 10 6.08 -0.38 -0.44
CA ALA A 10 6.20 -1.12 0.82
C ALA A 10 6.05 -2.62 0.58
N ARG A 11 6.45 -3.41 1.57
CA ARG A 11 6.37 -4.85 1.47
C ARG A 11 5.23 -5.40 2.33
N ALA A 12 4.84 -6.64 2.08
CA ALA A 12 3.75 -7.28 2.83
C ALA A 12 4.28 -8.40 3.71
N LEU A 13 4.46 -8.11 4.99
CA LEU A 13 4.96 -9.10 5.93
C LEU A 13 3.96 -10.24 6.12
N TYR A 14 2.70 -9.98 5.76
CA TYR A 14 1.65 -10.97 5.89
C TYR A 14 0.54 -10.72 4.88
N ASP A 15 0.15 -11.78 4.16
CA ASP A 15 -0.90 -11.67 3.16
C ASP A 15 -2.16 -11.04 3.75
N ASN A 16 -3.15 -10.78 2.89
CA ASN A 16 -4.40 -10.19 3.33
C ASN A 16 -5.58 -10.75 2.54
N CYS A 17 -6.60 -11.21 3.27
CA CYS A 17 -7.79 -11.77 2.63
C CYS A 17 -9.00 -10.88 2.85
N PRO A 18 -9.13 -9.84 2.01
CA PRO A 18 -10.24 -8.89 2.09
C PRO A 18 -11.57 -9.50 1.69
N ASP A 19 -12.65 -9.02 2.29
CA ASP A 19 -13.99 -9.53 1.99
C ASP A 19 -14.71 -8.61 1.02
N CYS A 20 -14.22 -7.38 0.90
CA CYS A 20 -14.83 -6.40 0.01
C CYS A 20 -13.82 -5.92 -1.04
N SER A 21 -14.27 -5.01 -1.91
CA SER A 21 -13.41 -4.48 -2.96
C SER A 21 -12.52 -3.36 -2.42
N ASP A 22 -13.09 -2.54 -1.53
CA ASP A 22 -12.36 -1.43 -0.94
C ASP A 22 -10.95 -1.87 -0.53
N GLU A 23 -10.88 -2.85 0.37
CA GLU A 23 -9.60 -3.36 0.85
C GLU A 23 -8.79 -3.95 -0.30
N LEU A 24 -7.50 -4.18 -0.06
CA LEU A 24 -6.61 -4.73 -1.07
C LEU A 24 -6.25 -6.17 -0.74
N ALA A 25 -6.17 -7.02 -1.77
CA ALA A 25 -5.83 -8.42 -1.60
C ALA A 25 -4.41 -8.71 -2.08
N PHE A 26 -3.48 -8.83 -1.14
CA PHE A 26 -2.09 -9.10 -1.47
C PHE A 26 -1.55 -10.25 -0.63
N SER A 27 -0.55 -10.95 -1.16
CA SER A 27 0.06 -12.07 -0.46
C SER A 27 1.50 -11.76 -0.05
N ARG A 28 1.97 -12.41 1.00
CA ARG A 28 3.32 -12.19 1.48
C ARG A 28 4.31 -12.13 0.32
N GLY A 29 5.36 -11.33 0.50
CA GLY A 29 6.37 -11.19 -0.54
C GLY A 29 5.83 -10.48 -1.77
N ASP A 30 4.94 -9.51 -1.56
CA ASP A 30 4.35 -8.76 -2.65
C ASP A 30 4.57 -7.27 -2.46
N ILE A 31 5.32 -6.65 -3.37
CA ILE A 31 5.61 -5.23 -3.31
C ILE A 31 4.39 -4.40 -3.72
N LEU A 32 3.86 -3.62 -2.79
CA LEU A 32 2.70 -2.79 -3.06
C LEU A 32 3.11 -1.34 -3.31
N THR A 33 2.45 -0.68 -4.25
CA THR A 33 2.75 0.70 -4.59
C THR A 33 1.86 1.65 -3.82
N ILE A 34 2.37 2.20 -2.73
CA ILE A 34 1.62 3.13 -1.90
C ILE A 34 1.25 4.38 -2.69
N LEU A 35 0.06 4.38 -3.27
CA LEU A 35 -0.41 5.52 -4.06
C LEU A 35 -0.50 6.77 -3.20
N GLU A 36 -1.10 6.64 -2.02
CA GLU A 36 -1.24 7.76 -1.10
C GLU A 36 -1.50 7.27 0.32
N GLN A 37 -0.77 7.85 1.27
CA GLN A 37 -0.91 7.46 2.67
C GLN A 37 -2.04 8.24 3.34
N HIS A 38 -2.15 9.52 2.98
CA HIS A 38 -3.19 10.37 3.54
C HIS A 38 -4.58 9.91 3.09
N VAL A 39 -5.24 9.13 3.94
CA VAL A 39 -6.57 8.62 3.62
C VAL A 39 -7.54 8.86 4.76
N PRO A 40 -8.27 9.98 4.69
CA PRO A 40 -9.25 10.36 5.72
C PRO A 40 -10.47 9.44 5.73
N GLU A 41 -10.47 8.46 4.84
CA GLU A 41 -11.57 7.51 4.75
C GLU A 41 -11.16 6.13 5.27
N SER A 42 -10.06 6.11 6.03
CA SER A 42 -9.57 4.85 6.58
C SER A 42 -8.71 5.12 7.82
N GLU A 43 -8.66 4.14 8.72
CA GLU A 43 -7.87 4.26 9.94
C GLU A 43 -6.70 3.29 9.94
N GLY A 44 -5.50 3.82 9.70
CA GLY A 44 -4.31 2.98 9.67
C GLY A 44 -4.26 2.09 8.44
N TRP A 45 -4.67 2.64 7.31
CA TRP A 45 -4.67 1.88 6.06
C TRP A 45 -3.85 2.60 4.99
N TRP A 46 -3.58 1.90 3.89
CA TRP A 46 -2.80 2.48 2.80
C TRP A 46 -3.40 2.09 1.44
N LYS A 47 -3.52 3.06 0.56
CA LYS A 47 -4.07 2.82 -0.78
C LYS A 47 -2.96 2.44 -1.76
N CYS A 48 -2.83 1.14 -2.01
CA CYS A 48 -1.83 0.64 -2.94
C CYS A 48 -2.48 0.02 -4.18
N LEU A 49 -1.67 -0.21 -5.20
CA LEU A 49 -2.16 -0.80 -6.44
C LEU A 49 -1.45 -2.11 -6.74
N LEU A 50 -2.23 -3.16 -6.99
CA LEU A 50 -1.67 -4.47 -7.28
C LEU A 50 -2.58 -5.26 -8.23
N HIS A 51 -2.00 -5.83 -9.27
CA HIS A 51 -2.77 -6.60 -10.24
C HIS A 51 -4.11 -5.94 -10.53
N GLY A 52 -4.12 -4.61 -10.56
CA GLY A 52 -5.34 -3.88 -10.83
C GLY A 52 -6.35 -4.00 -9.70
N ARG A 53 -5.90 -3.71 -8.48
CA ARG A 53 -6.78 -3.80 -7.31
C ARG A 53 -7.24 -2.41 -6.88
N GLN A 54 -6.28 -1.53 -6.61
CA GLN A 54 -6.59 -0.17 -6.19
C GLN A 54 -7.41 -0.18 -4.90
N GLY A 55 -6.93 -0.91 -3.91
CA GLY A 55 -7.63 -0.99 -2.63
C GLY A 55 -6.77 -0.54 -1.47
N LEU A 56 -7.33 -0.60 -0.26
CA LEU A 56 -6.61 -0.19 0.93
C LEU A 56 -5.85 -1.37 1.53
N ALA A 57 -4.92 -1.07 2.45
CA ALA A 57 -4.13 -2.10 3.09
C ALA A 57 -3.69 -1.66 4.49
N PRO A 58 -3.67 -2.61 5.43
CA PRO A 58 -3.28 -2.35 6.82
C PRO A 58 -1.78 -2.05 6.94
N ALA A 59 -1.44 -0.77 7.02
CA ALA A 59 -0.05 -0.36 7.15
C ALA A 59 0.66 -1.16 8.23
N ASN A 60 -0.11 -1.77 9.12
CA ASN A 60 0.45 -2.57 10.20
C ASN A 60 1.15 -3.81 9.64
N ARG A 61 0.58 -4.40 8.60
CA ARG A 61 1.14 -5.59 7.98
C ARG A 61 2.04 -5.21 6.81
N LEU A 62 2.39 -3.93 6.72
CA LEU A 62 3.25 -3.45 5.65
C LEU A 62 4.62 -3.04 6.18
N GLN A 63 5.63 -3.13 5.33
CA GLN A 63 6.99 -2.77 5.72
C GLN A 63 7.57 -1.73 4.77
N ILE A 64 7.65 -0.49 5.25
CA ILE A 64 8.18 0.60 4.45
C ILE A 64 9.69 0.46 4.24
N LEU A 65 10.10 0.26 3.00
CA LEU A 65 11.51 0.11 2.67
C LEU A 65 12.13 1.45 2.29
N SER A 66 12.91 2.02 3.19
CA SER A 66 13.56 3.31 2.96
C SER A 66 15.07 3.12 2.77
N GLY A 67 15.56 3.52 1.61
CA GLY A 67 16.99 3.40 1.32
C GLY A 67 17.74 4.67 1.61
N PRO A 68 19.03 4.70 1.22
CA PRO A 68 19.89 5.86 1.44
C PRO A 68 19.50 7.05 0.56
N SER A 69 19.89 8.24 0.99
CA SER A 69 19.57 9.46 0.25
C SER A 69 20.64 9.75 -0.80
N SER A 70 20.33 10.67 -1.70
CA SER A 70 21.26 11.04 -2.77
C SER A 70 21.58 12.53 -2.72
N GLY A 71 20.54 13.35 -2.63
CA GLY A 71 20.74 14.79 -2.58
C GLY A 71 19.69 15.55 -3.36
N GLY A 1 0.33 26.51 -2.90
CA GLY A 1 1.55 25.76 -2.67
C GLY A 1 1.78 24.70 -3.71
N SER A 2 3.04 24.35 -3.94
CA SER A 2 3.39 23.34 -4.92
C SER A 2 2.55 22.08 -4.73
N SER A 3 2.36 21.33 -5.82
CA SER A 3 1.57 20.11 -5.77
C SER A 3 2.23 19.01 -6.60
N GLY A 4 2.46 17.86 -5.96
CA GLY A 4 3.09 16.75 -6.65
C GLY A 4 2.96 15.45 -5.89
N SER A 5 2.14 14.54 -6.41
CA SER A 5 1.93 13.25 -5.77
C SER A 5 3.17 12.36 -5.90
N SER A 6 3.26 11.35 -5.03
CA SER A 6 4.39 10.44 -5.05
C SER A 6 4.00 9.08 -4.49
N GLY A 7 4.12 8.04 -5.31
CA GLY A 7 3.77 6.70 -4.86
C GLY A 7 4.93 6.00 -4.18
N LEU A 8 4.72 5.60 -2.93
CA LEU A 8 5.75 4.92 -2.15
C LEU A 8 5.67 3.41 -2.36
N LEU A 9 6.72 2.71 -1.95
CA LEU A 9 6.78 1.26 -2.08
C LEU A 9 6.92 0.59 -0.71
N ALA A 10 6.16 -0.47 -0.51
CA ALA A 10 6.21 -1.21 0.76
C ALA A 10 6.07 -2.71 0.53
N ARG A 11 6.62 -3.50 1.44
CA ARG A 11 6.56 -4.95 1.34
C ARG A 11 5.38 -5.51 2.13
N ALA A 12 5.03 -6.75 1.87
CA ALA A 12 3.91 -7.40 2.55
C ALA A 12 4.42 -8.52 3.45
N LEU A 13 4.52 -8.24 4.75
CA LEU A 13 4.98 -9.23 5.72
C LEU A 13 3.99 -10.37 5.84
N TYR A 14 2.71 -10.04 5.81
CA TYR A 14 1.65 -11.05 5.92
C TYR A 14 0.57 -10.83 4.86
N ASP A 15 0.03 -11.92 4.34
CA ASP A 15 -1.00 -11.86 3.32
C ASP A 15 -2.31 -11.35 3.91
N ASN A 16 -3.21 -10.87 3.04
CA ASN A 16 -4.49 -10.35 3.47
C ASN A 16 -5.62 -10.87 2.59
N CYS A 17 -6.67 -11.39 3.21
CA CYS A 17 -7.81 -11.92 2.47
C CYS A 17 -9.03 -11.02 2.64
N PRO A 18 -9.10 -9.96 1.82
CA PRO A 18 -10.20 -9.00 1.85
C PRO A 18 -11.51 -9.60 1.34
N ASP A 19 -12.62 -9.19 1.93
CA ASP A 19 -13.93 -9.69 1.53
C ASP A 19 -14.56 -8.79 0.46
N CYS A 20 -14.35 -7.49 0.60
CA CYS A 20 -14.89 -6.52 -0.36
C CYS A 20 -13.78 -5.93 -1.22
N SER A 21 -14.15 -5.01 -2.10
CA SER A 21 -13.19 -4.37 -2.99
C SER A 21 -12.42 -3.28 -2.27
N ASP A 22 -13.12 -2.57 -1.37
CA ASP A 22 -12.50 -1.50 -0.61
C ASP A 22 -11.08 -1.87 -0.18
N GLU A 23 -10.94 -3.06 0.39
CA GLU A 23 -9.64 -3.53 0.85
C GLU A 23 -8.84 -4.14 -0.31
N LEU A 24 -7.55 -4.29 -0.10
CA LEU A 24 -6.67 -4.86 -1.12
C LEU A 24 -6.30 -6.30 -0.79
N ALA A 25 -6.09 -7.11 -1.82
CA ALA A 25 -5.73 -8.51 -1.64
C ALA A 25 -4.32 -8.78 -2.15
N PHE A 26 -3.39 -8.96 -1.22
CA PHE A 26 -1.99 -9.22 -1.57
C PHE A 26 -1.44 -10.40 -0.77
N SER A 27 -0.37 -11.00 -1.27
CA SER A 27 0.24 -12.14 -0.60
C SER A 27 1.61 -11.77 -0.03
N ARG A 28 2.04 -12.49 0.99
CA ARG A 28 3.32 -12.23 1.63
C ARG A 28 4.43 -12.12 0.59
N GLY A 29 5.39 -11.24 0.84
CA GLY A 29 6.49 -11.06 -0.08
C GLY A 29 6.06 -10.41 -1.37
N ASP A 30 5.17 -9.42 -1.27
CA ASP A 30 4.68 -8.71 -2.44
C ASP A 30 4.88 -7.20 -2.29
N ILE A 31 5.42 -6.58 -3.33
CA ILE A 31 5.68 -5.15 -3.31
C ILE A 31 4.42 -4.36 -3.71
N LEU A 32 3.90 -3.58 -2.77
CA LEU A 32 2.70 -2.79 -3.02
C LEU A 32 3.07 -1.32 -3.23
N THR A 33 2.46 -0.71 -4.25
CA THR A 33 2.72 0.70 -4.56
C THR A 33 1.75 1.61 -3.83
N ILE A 34 2.22 2.19 -2.73
CA ILE A 34 1.39 3.09 -1.93
C ILE A 34 1.09 4.38 -2.69
N LEU A 35 -0.06 4.39 -3.36
CA LEU A 35 -0.48 5.57 -4.13
C LEU A 35 -0.62 6.78 -3.22
N GLU A 36 -1.33 6.61 -2.10
CA GLU A 36 -1.55 7.70 -1.16
C GLU A 36 -1.39 7.20 0.27
N GLN A 37 -0.68 7.97 1.09
CA GLN A 37 -0.45 7.61 2.48
C GLN A 37 -1.51 8.26 3.38
N HIS A 38 -1.85 9.52 3.09
CA HIS A 38 -2.84 10.23 3.88
C HIS A 38 -4.25 9.77 3.53
N VAL A 39 -4.76 8.82 4.31
CA VAL A 39 -6.10 8.29 4.08
C VAL A 39 -7.04 8.64 5.24
N PRO A 40 -7.76 9.76 5.10
CA PRO A 40 -8.71 10.22 6.12
C PRO A 40 -9.93 9.32 6.23
N GLU A 41 -10.52 8.98 5.09
CA GLU A 41 -11.70 8.13 5.06
C GLU A 41 -11.48 6.87 5.89
N SER A 42 -10.26 6.35 5.84
CA SER A 42 -9.91 5.14 6.59
C SER A 42 -8.65 5.35 7.41
N GLU A 43 -8.78 5.20 8.73
CA GLU A 43 -7.64 5.37 9.63
C GLU A 43 -6.82 4.10 9.72
N GLY A 44 -5.51 4.22 9.50
CA GLY A 44 -4.63 3.07 9.57
C GLY A 44 -4.74 2.20 8.34
N TRP A 45 -4.86 2.82 7.17
CA TRP A 45 -4.98 2.08 5.91
C TRP A 45 -4.22 2.79 4.80
N TRP A 46 -3.71 2.01 3.86
CA TRP A 46 -2.95 2.55 2.73
C TRP A 46 -3.55 2.11 1.40
N LYS A 47 -3.67 3.05 0.47
CA LYS A 47 -4.23 2.76 -0.83
C LYS A 47 -3.13 2.37 -1.82
N CYS A 48 -2.95 1.07 -2.03
CA CYS A 48 -1.92 0.58 -2.94
C CYS A 48 -2.57 -0.01 -4.20
N LEU A 49 -1.73 -0.37 -5.16
CA LEU A 49 -2.21 -0.95 -6.42
C LEU A 49 -1.50 -2.27 -6.72
N LEU A 50 -2.29 -3.31 -6.96
CA LEU A 50 -1.74 -4.63 -7.27
C LEU A 50 -2.66 -5.39 -8.20
N HIS A 51 -2.09 -5.95 -9.26
CA HIS A 51 -2.87 -6.73 -10.23
C HIS A 51 -4.20 -6.04 -10.52
N GLY A 52 -4.18 -4.71 -10.55
CA GLY A 52 -5.39 -3.97 -10.82
C GLY A 52 -6.40 -4.06 -9.69
N ARG A 53 -5.97 -3.75 -8.48
CA ARG A 53 -6.84 -3.82 -7.31
C ARG A 53 -7.25 -2.42 -6.87
N GLN A 54 -6.26 -1.59 -6.57
CA GLN A 54 -6.52 -0.21 -6.14
C GLN A 54 -7.36 -0.20 -4.87
N GLY A 55 -6.92 -0.95 -3.86
CA GLY A 55 -7.65 -1.00 -2.60
C GLY A 55 -6.80 -0.59 -1.42
N LEU A 56 -7.41 -0.56 -0.24
CA LEU A 56 -6.70 -0.19 0.98
C LEU A 56 -5.88 -1.36 1.52
N ALA A 57 -4.91 -1.05 2.38
CA ALA A 57 -4.06 -2.08 2.97
C ALA A 57 -3.64 -1.69 4.39
N PRO A 58 -3.58 -2.69 5.28
CA PRO A 58 -3.19 -2.49 6.67
C PRO A 58 -1.72 -2.13 6.82
N ALA A 59 -1.45 -0.84 7.04
CA ALA A 59 -0.09 -0.36 7.20
C ALA A 59 0.65 -1.14 8.29
N ASN A 60 -0.12 -1.74 9.20
CA ASN A 60 0.46 -2.51 10.29
C ASN A 60 1.12 -3.78 9.77
N ARG A 61 0.68 -4.24 8.61
CA ARG A 61 1.23 -5.45 8.00
C ARG A 61 2.12 -5.09 6.82
N LEU A 62 2.34 -3.79 6.62
CA LEU A 62 3.17 -3.32 5.51
C LEU A 62 4.53 -2.85 6.01
N GLN A 63 5.57 -3.15 5.26
CA GLN A 63 6.93 -2.76 5.63
C GLN A 63 7.47 -1.69 4.69
N ILE A 64 7.69 -0.50 5.23
CA ILE A 64 8.20 0.62 4.43
C ILE A 64 9.70 0.50 4.22
N LEU A 65 10.10 0.14 3.00
CA LEU A 65 11.50 -0.01 2.67
C LEU A 65 12.11 1.32 2.22
N SER A 66 12.93 1.91 3.08
CA SER A 66 13.56 3.19 2.77
C SER A 66 14.64 3.01 1.71
N GLY A 67 15.64 2.20 2.02
CA GLY A 67 16.72 1.96 1.08
C GLY A 67 17.96 1.40 1.75
N PRO A 68 18.65 0.50 1.05
CA PRO A 68 19.88 -0.14 1.56
C PRO A 68 21.05 0.84 1.66
N SER A 69 22.18 0.35 2.13
CA SER A 69 23.37 1.17 2.28
C SER A 69 24.34 0.93 1.12
N SER A 70 24.22 1.76 0.08
CA SER A 70 25.08 1.65 -1.09
C SER A 70 26.07 2.81 -1.15
N GLY A 71 27.04 2.69 -2.06
CA GLY A 71 28.04 3.74 -2.21
C GLY A 71 28.48 3.93 -3.65
N GLY A 1 2.34 18.41 -14.52
CA GLY A 1 1.37 19.42 -14.17
C GLY A 1 0.76 19.20 -12.80
N SER A 2 -0.56 19.28 -12.72
CA SER A 2 -1.26 19.10 -11.45
C SER A 2 -0.71 17.90 -10.70
N SER A 3 0.10 18.16 -9.68
CA SER A 3 0.69 17.09 -8.88
C SER A 3 0.46 17.33 -7.39
N GLY A 4 0.53 16.26 -6.61
CA GLY A 4 0.34 16.38 -5.17
C GLY A 4 0.61 15.08 -4.44
N SER A 5 -0.01 14.00 -4.91
CA SER A 5 0.17 12.69 -4.29
C SER A 5 1.53 12.10 -4.63
N SER A 6 2.10 11.33 -3.71
CA SER A 6 3.40 10.71 -3.92
C SER A 6 3.27 9.19 -3.98
N GLY A 7 4.07 8.57 -4.85
CA GLY A 7 4.03 7.13 -4.99
C GLY A 7 5.17 6.44 -4.26
N LEU A 8 4.84 5.73 -3.20
CA LEU A 8 5.85 5.02 -2.40
C LEU A 8 5.76 3.52 -2.62
N LEU A 9 6.69 2.78 -2.02
CA LEU A 9 6.71 1.33 -2.15
C LEU A 9 6.80 0.66 -0.78
N ALA A 10 6.08 -0.44 -0.62
CA ALA A 10 6.08 -1.17 0.64
C ALA A 10 6.09 -2.68 0.40
N ARG A 11 6.31 -3.44 1.46
CA ARG A 11 6.35 -4.90 1.37
C ARG A 11 5.20 -5.53 2.16
N ALA A 12 4.92 -6.80 1.89
CA ALA A 12 3.86 -7.52 2.59
C ALA A 12 4.43 -8.60 3.50
N LEU A 13 4.51 -8.29 4.79
CA LEU A 13 5.04 -9.24 5.77
C LEU A 13 4.10 -10.43 5.93
N TYR A 14 2.83 -10.23 5.61
CA TYR A 14 1.83 -11.29 5.72
C TYR A 14 0.69 -11.06 4.73
N ASP A 15 0.17 -12.15 4.18
CA ASP A 15 -0.92 -12.08 3.23
C ASP A 15 -2.13 -11.37 3.85
N ASN A 16 -3.07 -10.95 2.99
CA ASN A 16 -4.27 -10.27 3.45
C ASN A 16 -5.50 -10.75 2.69
N CYS A 17 -6.55 -11.07 3.43
CA CYS A 17 -7.79 -11.55 2.83
C CYS A 17 -8.91 -10.53 3.01
N PRO A 18 -9.01 -9.59 2.05
CA PRO A 18 -10.03 -8.54 2.08
C PRO A 18 -11.43 -9.09 1.81
N ASP A 19 -12.42 -8.48 2.46
CA ASP A 19 -13.81 -8.90 2.30
C ASP A 19 -14.57 -7.95 1.39
N CYS A 20 -14.13 -6.70 1.34
CA CYS A 20 -14.77 -5.68 0.51
C CYS A 20 -13.87 -5.29 -0.66
N SER A 21 -14.44 -4.59 -1.63
CA SER A 21 -13.68 -4.16 -2.81
C SER A 21 -12.66 -3.10 -2.43
N ASP A 22 -13.09 -2.11 -1.66
CA ASP A 22 -12.21 -1.03 -1.23
C ASP A 22 -10.89 -1.59 -0.72
N GLU A 23 -10.95 -2.69 0.02
CA GLU A 23 -9.76 -3.32 0.56
C GLU A 23 -8.92 -3.95 -0.54
N LEU A 24 -7.66 -4.20 -0.25
CA LEU A 24 -6.74 -4.81 -1.22
C LEU A 24 -6.44 -6.25 -0.86
N ALA A 25 -6.14 -7.06 -1.87
CA ALA A 25 -5.82 -8.47 -1.66
C ALA A 25 -4.41 -8.80 -2.11
N PHE A 26 -3.51 -8.97 -1.16
CA PHE A 26 -2.11 -9.28 -1.45
C PHE A 26 -1.64 -10.46 -0.62
N SER A 27 -0.58 -11.12 -1.09
CA SER A 27 -0.03 -12.28 -0.39
C SER A 27 1.44 -12.03 -0.02
N ARG A 28 1.88 -12.69 1.05
CA ARG A 28 3.26 -12.54 1.51
C ARG A 28 4.22 -12.47 0.33
N GLY A 29 5.26 -11.66 0.47
CA GLY A 29 6.25 -11.52 -0.58
C GLY A 29 5.69 -10.79 -1.79
N ASP A 30 4.96 -9.70 -1.55
CA ASP A 30 4.38 -8.92 -2.62
C ASP A 30 4.64 -7.43 -2.42
N ILE A 31 5.35 -6.82 -3.36
CA ILE A 31 5.67 -5.40 -3.27
C ILE A 31 4.47 -4.54 -3.66
N LEU A 32 3.93 -3.81 -2.69
CA LEU A 32 2.78 -2.95 -2.93
C LEU A 32 3.22 -1.51 -3.18
N THR A 33 2.53 -0.83 -4.09
CA THR A 33 2.84 0.55 -4.42
C THR A 33 1.92 1.51 -3.68
N ILE A 34 2.41 2.07 -2.59
CA ILE A 34 1.62 3.01 -1.79
C ILE A 34 1.32 4.28 -2.58
N LEU A 35 0.13 4.34 -3.16
CA LEU A 35 -0.28 5.50 -3.95
C LEU A 35 -0.42 6.73 -3.07
N GLU A 36 -1.20 6.61 -2.00
CA GLU A 36 -1.42 7.71 -1.07
C GLU A 36 -1.34 7.23 0.38
N GLN A 37 -0.70 8.03 1.22
CA GLN A 37 -0.55 7.69 2.63
C GLN A 37 -1.71 8.24 3.46
N HIS A 38 -2.13 9.46 3.14
CA HIS A 38 -3.23 10.11 3.84
C HIS A 38 -4.56 9.50 3.44
N VAL A 39 -5.12 8.67 4.31
CA VAL A 39 -6.40 8.02 4.05
C VAL A 39 -7.38 8.23 5.20
N PRO A 40 -8.22 9.28 5.08
CA PRO A 40 -9.21 9.62 6.10
C PRO A 40 -10.34 8.59 6.17
N GLU A 41 -10.88 8.26 5.00
CA GLU A 41 -11.98 7.29 4.93
C GLU A 41 -11.64 6.03 5.71
N SER A 42 -10.35 5.68 5.74
CA SER A 42 -9.90 4.50 6.45
C SER A 42 -8.67 4.81 7.30
N GLU A 43 -8.88 4.93 8.61
CA GLU A 43 -7.78 5.23 9.53
C GLU A 43 -6.92 3.99 9.76
N GLY A 44 -5.65 4.09 9.36
CA GLY A 44 -4.74 2.97 9.54
C GLY A 44 -4.68 2.07 8.31
N TRP A 45 -4.87 2.67 7.14
CA TRP A 45 -4.84 1.91 5.89
C TRP A 45 -4.08 2.68 4.82
N TRP A 46 -3.62 1.96 3.79
CA TRP A 46 -2.87 2.58 2.70
C TRP A 46 -3.45 2.15 1.35
N LYS A 47 -3.55 3.10 0.43
CA LYS A 47 -4.07 2.82 -0.90
C LYS A 47 -2.96 2.36 -1.84
N CYS A 48 -2.81 1.04 -1.97
CA CYS A 48 -1.78 0.48 -2.83
C CYS A 48 -2.39 -0.08 -4.11
N LEU A 49 -1.54 -0.42 -5.07
CA LEU A 49 -1.99 -0.96 -6.34
C LEU A 49 -1.29 -2.28 -6.66
N LEU A 50 -2.07 -3.33 -6.88
CA LEU A 50 -1.52 -4.64 -7.19
C LEU A 50 -2.44 -5.40 -8.15
N HIS A 51 -1.84 -5.91 -9.24
CA HIS A 51 -2.61 -6.66 -10.24
C HIS A 51 -3.94 -5.97 -10.53
N GLY A 52 -3.89 -4.65 -10.68
CA GLY A 52 -5.10 -3.90 -10.96
C GLY A 52 -6.14 -4.03 -9.86
N ARG A 53 -5.71 -3.78 -8.63
CA ARG A 53 -6.61 -3.86 -7.48
C ARG A 53 -7.06 -2.47 -7.03
N GLN A 54 -6.10 -1.62 -6.71
CA GLN A 54 -6.41 -0.26 -6.27
C GLN A 54 -7.25 -0.28 -5.01
N GLY A 55 -6.79 -1.00 -3.99
CA GLY A 55 -7.52 -1.08 -2.75
C GLY A 55 -6.70 -0.61 -1.56
N LEU A 56 -7.27 -0.74 -0.36
CA LEU A 56 -6.58 -0.31 0.85
C LEU A 56 -5.77 -1.47 1.44
N ALA A 57 -4.85 -1.13 2.33
CA ALA A 57 -4.01 -2.14 2.98
C ALA A 57 -3.61 -1.70 4.38
N PRO A 58 -3.55 -2.67 5.31
CA PRO A 58 -3.18 -2.41 6.71
C PRO A 58 -1.72 -2.03 6.86
N ALA A 59 -1.45 -0.75 7.09
CA ALA A 59 -0.09 -0.26 7.26
C ALA A 59 0.63 -1.01 8.37
N ASN A 60 -0.14 -1.68 9.21
CA ASN A 60 0.43 -2.44 10.33
C ASN A 60 1.11 -3.72 9.82
N ARG A 61 0.68 -4.19 8.66
CA ARG A 61 1.25 -5.40 8.07
C ARG A 61 2.15 -5.05 6.89
N LEU A 62 2.37 -3.76 6.68
CA LEU A 62 3.21 -3.29 5.58
C LEU A 62 4.58 -2.85 6.10
N GLN A 63 5.59 -2.93 5.24
CA GLN A 63 6.95 -2.53 5.61
C GLN A 63 7.47 -1.45 4.67
N ILE A 64 7.54 -0.22 5.18
CA ILE A 64 8.03 0.90 4.38
C ILE A 64 9.53 0.77 4.10
N LEU A 65 9.87 0.64 2.82
CA LEU A 65 11.25 0.51 2.42
C LEU A 65 11.81 1.83 1.89
N SER A 66 11.06 2.47 0.99
CA SER A 66 11.47 3.74 0.42
C SER A 66 11.46 4.85 1.47
N GLY A 67 11.85 6.05 1.07
CA GLY A 67 11.89 7.17 1.98
C GLY A 67 11.19 8.39 1.43
N PRO A 68 11.31 9.52 2.15
CA PRO A 68 10.70 10.79 1.75
C PRO A 68 11.37 11.38 0.51
N SER A 69 10.74 12.41 -0.05
CA SER A 69 11.27 13.07 -1.25
C SER A 69 12.15 14.25 -0.86
N SER A 70 11.65 15.08 0.04
CA SER A 70 12.39 16.26 0.50
C SER A 70 13.89 15.96 0.56
N GLY A 71 14.67 16.73 -0.19
CA GLY A 71 16.12 16.54 -0.20
C GLY A 71 16.61 16.01 -1.53
#